data_2WOO
#
_entry.id   2WOO
#
_cell.length_a   73.795
_cell.length_b   92.922
_cell.length_c   286.468
_cell.angle_alpha   90.00
_cell.angle_beta   90.00
_cell.angle_gamma   90.00
#
_symmetry.space_group_name_H-M   'P 21 21 21'
#
loop_
_entity.id
_entity.type
_entity.pdbx_description
1 polymer 'ATPASE GET3'
2 non-polymer 'ZINC ION'
#
_entity_poly.entity_id   1
_entity_poly.type   'polypeptide(L)'
_entity_poly.pdbx_seq_one_letter_code
;MSFDPLPGTLENLLEQTSLKWIFVGGKGGVGKTTTSCSLAIQMSKVRSSVLLISTDPAHNLSDAFGTKFGKDARKVPGFD
NLSAMEIDPNLSIQEMTEQADQQNPNNPLSGMMQDLAFTIPGIDEALAFAEILKQIKSMEFDCVIFDTAPTGHTLRFLNF
PTVLEKALGKLGGLSSRFGPMINQMGSIMGVNANEQDLFGKMESMRANISEVNKQFKNPDLTTFVCVCISEFLSLYETER
MIQELTSYEIDTHNIVVNQLLLDPNTTCPQCMARRKMQQKYLAQIEELYEDFHVVKVPQVPAEVRGTEALKSFSEMLVKP
YVYPTSGKE
;
_entity_poly.pdbx_strand_id   A,B,C,D,E,F
#
loop_
_chem_comp.id
_chem_comp.type
_chem_comp.name
_chem_comp.formula
ZN non-polymer 'ZINC ION' 'Zn 2'
#
# COMPACT_ATOMS: atom_id res chain seq x y z
N PRO A 7 26.08 31.47 -25.33
CA PRO A 7 27.55 31.34 -25.34
C PRO A 7 27.97 29.89 -25.63
N GLY A 8 27.81 29.45 -26.87
CA GLY A 8 27.79 28.04 -27.21
C GLY A 8 29.07 27.22 -27.11
N THR A 9 29.59 27.11 -25.90
CA THR A 9 30.85 26.43 -25.74
C THR A 9 31.02 25.99 -24.29
N LEU A 10 31.65 24.84 -24.10
CA LEU A 10 31.84 24.30 -22.76
C LEU A 10 32.94 24.98 -21.97
N GLU A 11 33.23 26.25 -22.29
CA GLU A 11 34.32 26.95 -21.61
C GLU A 11 34.01 27.05 -20.12
N ASN A 12 32.74 27.29 -19.81
CA ASN A 12 32.28 27.53 -18.44
C ASN A 12 32.50 26.37 -17.47
N LEU A 13 32.92 25.23 -17.99
CA LEU A 13 33.25 24.09 -17.15
C LEU A 13 34.73 24.11 -16.81
N LEU A 14 35.56 24.53 -17.76
CA LEU A 14 36.98 24.62 -17.50
C LEU A 14 37.27 25.77 -16.56
N GLU A 15 36.41 26.79 -16.61
CA GLU A 15 36.54 27.96 -15.75
C GLU A 15 36.15 27.70 -14.29
N GLN A 16 34.99 27.07 -14.08
CA GLN A 16 34.51 26.78 -12.72
C GLN A 16 35.40 25.71 -12.07
N THR A 17 36.40 26.14 -11.32
CA THR A 17 37.38 25.23 -10.78
C THR A 17 36.92 24.58 -9.48
N SER A 18 35.76 25.01 -8.99
CA SER A 18 35.20 24.40 -7.78
C SER A 18 34.60 23.04 -8.09
N LEU A 19 34.27 22.82 -9.35
CA LEU A 19 33.66 21.58 -9.80
C LEU A 19 34.51 20.36 -9.48
N LYS A 20 33.90 19.36 -8.85
CA LYS A 20 34.57 18.11 -8.51
C LYS A 20 34.02 16.89 -9.26
N TRP A 21 32.73 16.91 -9.54
CA TRP A 21 32.11 15.85 -10.33
C TRP A 21 31.35 16.39 -11.53
N ILE A 22 31.63 15.85 -12.71
CA ILE A 22 30.87 16.25 -13.87
C ILE A 22 30.33 15.03 -14.55
N PHE A 23 29.01 14.90 -14.58
CA PHE A 23 28.35 13.77 -15.21
C PHE A 23 27.97 14.11 -16.63
N VAL A 24 28.25 13.22 -17.56
CA VAL A 24 27.75 13.39 -18.92
C VAL A 24 26.93 12.19 -19.38
N GLY A 25 25.77 12.46 -19.95
CA GLY A 25 24.81 11.42 -20.27
C GLY A 25 23.89 11.83 -21.40
N GLY A 26 23.26 10.84 -22.01
CA GLY A 26 22.38 11.06 -23.13
C GLY A 26 21.97 9.69 -23.64
N LYS A 27 20.71 9.55 -24.02
CA LYS A 27 20.18 8.27 -24.44
C LYS A 27 20.86 7.77 -25.72
N GLY A 28 21.86 6.92 -25.50
CA GLY A 28 22.82 6.42 -26.49
C GLY A 28 22.58 6.57 -27.98
N GLY A 29 23.67 6.64 -28.73
CA GLY A 29 23.63 6.72 -30.17
C GLY A 29 23.89 8.13 -30.64
N VAL A 30 24.48 8.92 -29.76
CA VAL A 30 24.57 10.36 -30.00
C VAL A 30 25.97 10.90 -29.77
N GLY A 31 26.97 10.02 -29.87
CA GLY A 31 28.36 10.42 -29.68
C GLY A 31 28.62 10.85 -28.26
N LYS A 32 27.90 10.22 -27.34
CA LYS A 32 28.07 10.51 -25.92
C LYS A 32 29.48 10.20 -25.47
N THR A 33 30.01 9.03 -25.83
CA THR A 33 31.36 8.64 -25.38
C THR A 33 32.45 9.58 -25.87
N THR A 34 32.40 9.92 -27.14
CA THR A 34 33.33 10.88 -27.70
C THR A 34 33.30 12.18 -26.91
N THR A 35 32.10 12.64 -26.56
CA THR A 35 31.95 13.87 -25.79
C THR A 35 32.57 13.77 -24.39
N SER A 36 32.35 12.66 -23.70
CA SER A 36 32.93 12.47 -22.37
C SER A 36 34.43 12.59 -22.43
N CYS A 37 35.04 11.91 -23.39
CA CYS A 37 36.49 11.91 -23.59
C CYS A 37 37.01 13.30 -23.92
N SER A 38 36.46 13.90 -24.97
CA SER A 38 36.87 15.22 -25.37
C SER A 38 36.82 16.18 -24.19
N LEU A 39 35.84 16.02 -23.33
CA LEU A 39 35.73 16.91 -22.18
C LEU A 39 36.77 16.60 -21.13
N ALA A 40 37.17 15.34 -21.04
CA ALA A 40 38.14 14.93 -20.03
C ALA A 40 39.53 15.40 -20.42
N ILE A 41 39.85 15.28 -21.70
CA ILE A 41 41.10 15.79 -22.25
C ILE A 41 41.24 17.30 -21.96
N GLN A 42 40.26 18.09 -22.42
CA GLN A 42 40.26 19.54 -22.18
C GLN A 42 40.36 19.92 -20.71
N MET A 43 39.74 19.13 -19.85
CA MET A 43 39.77 19.39 -18.43
C MET A 43 41.17 19.09 -17.88
N SER A 44 41.85 18.12 -18.47
CA SER A 44 43.16 17.71 -17.98
C SER A 44 44.19 18.79 -18.25
N LYS A 45 43.90 19.67 -19.21
CA LYS A 45 44.81 20.77 -19.55
C LYS A 45 44.80 21.88 -18.50
N VAL A 46 43.77 21.90 -17.67
CA VAL A 46 43.56 23.03 -16.77
C VAL A 46 43.34 22.58 -15.32
N ARG A 47 43.65 21.32 -15.03
CA ARG A 47 43.51 20.77 -13.69
C ARG A 47 44.70 19.90 -13.34
N SER A 48 44.87 19.62 -12.05
CA SER A 48 46.01 18.82 -11.61
C SER A 48 45.81 17.34 -11.92
N SER A 49 44.64 16.82 -11.59
CA SER A 49 44.40 15.39 -11.70
C SER A 49 42.96 15.16 -12.16
N VAL A 50 42.78 14.53 -13.32
CA VAL A 50 41.45 14.26 -13.87
C VAL A 50 41.21 12.76 -14.02
N LEU A 51 40.02 12.29 -13.66
CA LEU A 51 39.64 10.89 -13.83
C LEU A 51 38.41 10.76 -14.72
N LEU A 52 38.46 9.82 -15.68
CA LEU A 52 37.34 9.58 -16.59
C LEU A 52 36.81 8.16 -16.40
N ILE A 53 35.68 8.02 -15.73
CA ILE A 53 35.11 6.70 -15.44
C ILE A 53 33.85 6.42 -16.25
N SER A 54 33.66 5.18 -16.69
CA SER A 54 32.48 4.85 -17.47
C SER A 54 31.81 3.58 -16.99
N THR A 55 30.48 3.61 -16.91
CA THR A 55 29.71 2.45 -16.49
C THR A 55 29.01 1.79 -17.67
N ASP A 56 29.31 2.26 -18.88
CA ASP A 56 28.86 1.60 -20.10
C ASP A 56 29.61 0.27 -20.23
N PRO A 57 28.88 -0.85 -20.13
CA PRO A 57 29.47 -2.18 -20.12
C PRO A 57 30.18 -2.47 -21.43
N ALA A 58 29.77 -1.78 -22.48
CA ALA A 58 30.29 -2.00 -23.83
C ALA A 58 31.77 -1.59 -23.98
N HIS A 59 32.46 -1.42 -22.86
CA HIS A 59 33.86 -1.02 -22.87
C HIS A 59 34.16 0.02 -23.95
N ASN A 60 33.23 0.96 -24.08
CA ASN A 60 33.28 2.06 -25.04
C ASN A 60 34.50 2.96 -24.89
N LEU A 61 35.03 2.98 -23.68
CA LEU A 61 36.15 3.85 -23.33
C LEU A 61 37.44 3.28 -23.91
N SER A 62 37.59 1.98 -23.80
CA SER A 62 38.70 1.26 -24.42
C SER A 62 38.67 1.47 -25.92
N ASP A 63 37.56 1.06 -26.55
CA ASP A 63 37.40 1.19 -28.00
C ASP A 63 37.72 2.58 -28.54
N ALA A 64 37.69 3.59 -27.67
CA ALA A 64 37.90 4.96 -28.12
C ALA A 64 39.38 5.38 -28.06
N PHE A 65 40.08 4.92 -27.04
CA PHE A 65 41.48 5.31 -26.86
C PHE A 65 42.45 4.31 -27.48
N GLY A 66 41.95 3.11 -27.78
CA GLY A 66 42.80 2.04 -28.27
C GLY A 66 43.26 1.14 -27.15
N THR A 67 43.58 1.74 -26.02
CA THR A 67 44.02 1.00 -24.84
C THR A 67 42.89 0.18 -24.24
N LYS A 68 43.25 -0.77 -23.36
CA LYS A 68 42.27 -1.50 -22.59
C LYS A 68 42.25 -0.95 -21.17
N PHE A 69 41.04 -0.63 -20.70
CA PHE A 69 40.88 -0.15 -19.34
C PHE A 69 40.04 -1.14 -18.56
N GLY A 70 40.08 -1.03 -17.23
CA GLY A 70 39.40 -1.98 -16.38
C GLY A 70 38.94 -1.40 -15.07
N LYS A 71 38.63 -2.29 -14.13
CA LYS A 71 38.01 -1.89 -12.87
C LYS A 71 38.97 -1.17 -11.94
N ASP A 72 40.10 -0.72 -12.46
CA ASP A 72 40.98 0.14 -11.68
C ASP A 72 41.80 1.14 -12.50
N ALA A 73 42.05 2.30 -11.86
CA ALA A 73 42.55 3.49 -12.54
C ALA A 73 43.90 3.27 -13.23
N ARG A 74 43.92 3.50 -14.53
CA ARG A 74 45.17 3.43 -15.28
C ARG A 74 45.42 4.72 -16.02
N LYS A 75 46.57 5.34 -15.77
CA LYS A 75 46.95 6.53 -16.52
C LYS A 75 46.70 6.31 -18.01
N VAL A 76 46.15 7.32 -18.69
CA VAL A 76 45.84 7.20 -20.10
C VAL A 76 47.06 7.53 -20.94
N PRO A 77 47.46 6.60 -21.81
CA PRO A 77 48.58 6.75 -22.74
C PRO A 77 48.47 8.02 -23.58
N GLY A 78 49.33 8.99 -23.30
CA GLY A 78 49.39 10.21 -24.10
C GLY A 78 49.20 11.46 -23.26
N PHE A 79 48.94 11.27 -21.98
CA PHE A 79 48.64 12.39 -21.07
C PHE A 79 49.34 12.22 -19.72
N ASP A 80 49.62 13.34 -19.08
CA ASP A 80 50.29 13.33 -17.78
C ASP A 80 49.33 12.94 -16.66
N ASN A 81 48.25 13.71 -16.54
CA ASN A 81 47.40 13.66 -15.36
C ASN A 81 46.03 13.05 -15.56
N LEU A 82 45.76 12.54 -16.75
CA LEU A 82 44.48 11.92 -17.04
C LEU A 82 44.51 10.41 -16.83
N SER A 83 43.68 9.92 -15.91
CA SER A 83 43.54 8.49 -15.65
C SER A 83 42.13 8.04 -16.06
N ALA A 84 41.95 6.78 -16.39
CA ALA A 84 40.65 6.29 -16.83
C ALA A 84 40.33 4.91 -16.29
N MET A 85 39.09 4.70 -15.85
CA MET A 85 38.67 3.37 -15.41
C MET A 85 37.30 3.01 -15.97
N GLU A 86 37.06 1.71 -16.13
CA GLU A 86 35.88 1.28 -16.83
C GLU A 86 35.20 0.18 -16.05
N ILE A 87 34.12 0.52 -15.35
CA ILE A 87 33.53 -0.39 -14.39
C ILE A 87 32.13 -0.79 -14.81
N ASP A 88 31.81 -2.07 -14.58
CA ASP A 88 30.46 -2.60 -14.79
C ASP A 88 29.86 -2.96 -13.43
N PRO A 89 28.69 -2.40 -13.12
CA PRO A 89 28.01 -2.61 -11.84
C PRO A 89 27.63 -4.06 -11.60
N ASN A 90 26.99 -4.70 -12.58
CA ASN A 90 26.55 -6.09 -12.46
C ASN A 90 27.66 -7.02 -11.98
N LEU A 91 28.90 -6.68 -12.30
CA LEU A 91 30.04 -7.42 -11.81
C LEU A 91 30.35 -7.00 -10.39
N SER A 92 30.52 -5.70 -10.17
CA SER A 92 30.80 -5.17 -8.84
C SER A 92 29.76 -5.65 -7.80
N ILE A 93 28.57 -6.02 -8.27
CA ILE A 93 27.52 -6.52 -7.39
C ILE A 93 27.85 -7.94 -6.90
N GLN A 94 28.03 -8.86 -7.83
CA GLN A 94 28.35 -10.24 -7.49
C GLN A 94 29.72 -10.37 -6.83
N GLU A 95 30.61 -9.41 -7.11
CA GLU A 95 31.93 -9.38 -6.48
C GLU A 95 31.81 -9.08 -4.99
N MET A 96 30.99 -8.08 -4.67
CA MET A 96 30.85 -7.61 -3.30
C MET A 96 29.96 -8.50 -2.42
N THR A 97 28.98 -9.17 -3.03
CA THR A 97 28.03 -10.00 -2.27
C THR A 97 28.64 -11.32 -1.79
N GLU A 98 29.24 -12.07 -2.72
CA GLU A 98 29.94 -13.32 -2.38
C GLU A 98 31.08 -13.03 -1.39
N GLN A 99 31.62 -11.81 -1.51
CA GLN A 99 32.71 -11.32 -0.67
C GLN A 99 32.29 -11.27 0.81
N ALA A 100 30.99 -11.40 1.05
CA ALA A 100 30.43 -11.42 2.40
C ALA A 100 30.59 -12.80 3.05
N LEU A 109 25.57 -9.79 5.00
CA LEU A 109 24.91 -10.87 4.27
C LEU A 109 24.01 -10.29 3.15
N SER A 110 23.78 -11.11 2.12
CA SER A 110 22.94 -10.69 1.00
C SER A 110 21.56 -11.34 1.07
N GLY A 111 21.47 -12.49 1.72
CA GLY A 111 20.19 -13.14 1.92
C GLY A 111 19.21 -12.10 2.41
N MET A 112 19.52 -11.54 3.57
CA MET A 112 18.77 -10.42 4.12
C MET A 112 18.58 -9.32 3.06
N MET A 113 19.69 -8.92 2.44
CA MET A 113 19.67 -7.91 1.37
C MET A 113 18.69 -8.26 0.25
N GLN A 114 18.46 -9.55 0.02
CA GLN A 114 17.50 -10.01 -0.98
C GLN A 114 16.08 -9.71 -0.54
N ASP A 115 15.78 -10.06 0.71
CA ASP A 115 14.48 -9.78 1.31
C ASP A 115 14.30 -8.28 1.27
N LEU A 116 15.42 -7.58 1.12
CA LEU A 116 15.43 -6.15 1.00
C LEU A 116 15.26 -5.85 -0.48
N ALA A 117 15.82 -6.74 -1.30
CA ALA A 117 15.97 -6.51 -2.74
C ALA A 117 14.65 -6.40 -3.50
N PHE A 118 13.62 -7.06 -3.01
CA PHE A 118 12.34 -7.05 -3.71
C PHE A 118 11.46 -5.89 -3.22
N THR A 119 11.58 -5.56 -1.94
CA THR A 119 10.85 -4.40 -1.40
C THR A 119 11.49 -3.14 -1.94
N ILE A 120 12.81 -3.12 -1.95
CA ILE A 120 13.56 -2.01 -2.49
C ILE A 120 14.25 -2.45 -3.78
N PRO A 121 13.71 -2.04 -4.92
CA PRO A 121 14.31 -2.46 -6.20
C PRO A 121 15.63 -1.73 -6.46
N GLY A 122 16.72 -2.48 -6.59
CA GLY A 122 18.00 -1.91 -6.99
C GLY A 122 18.86 -1.34 -5.87
N ILE A 123 18.80 -1.97 -4.71
CA ILE A 123 19.67 -1.62 -3.62
C ILE A 123 21.05 -2.17 -3.92
N ASP A 124 21.08 -3.30 -4.61
CA ASP A 124 22.35 -3.93 -4.97
C ASP A 124 23.11 -3.04 -5.94
N GLU A 125 22.40 -2.53 -6.93
CA GLU A 125 22.98 -1.60 -7.87
C GLU A 125 23.41 -0.33 -7.16
N ALA A 126 22.70 0.04 -6.10
CA ALA A 126 22.98 1.27 -5.37
C ALA A 126 24.10 1.09 -4.34
N LEU A 127 24.16 -0.07 -3.73
CA LEU A 127 25.24 -0.36 -2.80
C LEU A 127 26.56 -0.45 -3.54
N ALA A 128 26.47 -0.92 -4.78
CA ALA A 128 27.64 -0.94 -5.65
C ALA A 128 28.11 0.49 -5.82
N PHE A 129 27.26 1.32 -6.40
CA PHE A 129 27.60 2.72 -6.61
C PHE A 129 28.14 3.39 -5.36
N ALA A 130 27.65 2.97 -4.20
CA ALA A 130 28.13 3.57 -2.97
C ALA A 130 29.61 3.30 -2.76
N GLU A 131 30.04 2.08 -3.07
CA GLU A 131 31.45 1.75 -2.86
C GLU A 131 32.31 2.31 -3.99
N ILE A 132 31.81 2.22 -5.23
CA ILE A 132 32.51 2.84 -6.35
C ILE A 132 32.89 4.27 -5.94
N LEU A 133 31.92 5.02 -5.43
CA LEU A 133 32.19 6.40 -5.06
C LEU A 133 33.23 6.50 -3.94
N LYS A 134 33.11 5.70 -2.88
CA LYS A 134 34.08 5.81 -1.79
C LYS A 134 35.49 5.59 -2.30
N GLN A 135 35.66 4.67 -3.27
CA GLN A 135 36.95 4.48 -3.90
C GLN A 135 37.42 5.74 -4.63
N ILE A 136 36.62 6.24 -5.59
CA ILE A 136 36.95 7.50 -6.27
C ILE A 136 37.37 8.61 -5.30
N LYS A 137 36.60 8.79 -4.22
CA LYS A 137 36.92 9.82 -3.24
C LYS A 137 38.31 9.62 -2.67
N SER A 138 38.68 8.37 -2.39
CA SER A 138 39.94 8.08 -1.73
C SER A 138 41.15 8.35 -2.63
N MET A 139 40.97 8.22 -3.94
CA MET A 139 42.05 8.44 -4.89
C MET A 139 42.30 9.93 -5.10
N GLU A 140 41.44 10.76 -4.51
CA GLU A 140 41.56 12.22 -4.56
C GLU A 140 42.00 12.79 -5.91
N PHE A 141 41.10 12.77 -6.89
CA PHE A 141 41.35 13.43 -8.15
C PHE A 141 40.74 14.81 -8.04
N ASP A 142 41.39 15.80 -8.66
CA ASP A 142 40.92 17.17 -8.59
C ASP A 142 39.54 17.26 -9.22
N CYS A 143 39.32 16.54 -10.31
CA CYS A 143 38.03 16.53 -11.02
C CYS A 143 37.78 15.19 -11.69
N VAL A 144 36.59 14.63 -11.51
CA VAL A 144 36.24 13.36 -12.16
C VAL A 144 35.01 13.47 -13.09
N ILE A 145 35.16 12.95 -14.32
CA ILE A 145 34.11 12.96 -15.34
C ILE A 145 33.40 11.61 -15.46
N PHE A 146 32.10 11.56 -15.19
CA PHE A 146 31.35 10.30 -15.21
C PHE A 146 30.65 10.14 -16.52
N ASP A 147 30.88 9.01 -17.16
CA ASP A 147 30.29 8.66 -18.44
C ASP A 147 29.17 7.65 -18.18
N THR A 148 27.93 8.11 -18.20
CA THR A 148 26.77 7.28 -17.85
C THR A 148 26.43 6.25 -18.93
N ALA A 149 25.62 5.25 -18.58
CA ALA A 149 25.21 4.24 -19.53
C ALA A 149 24.28 4.86 -20.58
N PRO A 150 24.19 4.24 -21.76
CA PRO A 150 23.45 4.78 -22.89
C PRO A 150 21.99 4.35 -22.89
N THR A 151 21.62 3.43 -22.00
CA THR A 151 20.28 2.88 -22.01
C THR A 151 19.72 2.63 -20.63
N GLY A 152 18.41 2.57 -20.53
CA GLY A 152 17.74 2.34 -19.27
C GLY A 152 17.75 3.62 -18.49
N HIS A 153 17.93 3.51 -17.18
CA HIS A 153 17.95 4.69 -16.33
C HIS A 153 19.36 5.30 -16.35
N THR A 154 19.53 6.36 -17.14
CA THR A 154 20.85 6.94 -17.31
C THR A 154 21.32 7.63 -16.03
N LEU A 155 20.42 7.79 -15.07
CA LEU A 155 20.72 8.54 -13.86
C LEU A 155 20.80 7.69 -12.58
N ARG A 156 20.93 6.37 -12.72
CA ARG A 156 20.91 5.51 -11.54
C ARG A 156 21.90 6.01 -10.54
N PHE A 157 23.04 6.48 -11.01
CA PHE A 157 24.14 6.81 -10.11
C PHE A 157 23.76 7.95 -9.18
N LEU A 158 23.21 9.01 -9.74
CA LEU A 158 22.83 10.18 -8.95
C LEU A 158 21.68 9.86 -8.02
N ASN A 159 21.03 8.74 -8.26
CA ASN A 159 19.89 8.35 -7.44
C ASN A 159 20.23 7.38 -6.32
N PHE A 160 21.50 6.98 -6.20
CA PHE A 160 21.86 5.92 -5.25
C PHE A 160 21.65 6.30 -3.79
N PRO A 161 21.85 7.57 -3.42
CA PRO A 161 21.56 7.94 -2.03
C PRO A 161 20.08 7.79 -1.74
N THR A 162 19.24 8.15 -2.69
CA THR A 162 17.81 7.97 -2.51
C THR A 162 17.46 6.53 -2.19
N VAL A 163 17.92 5.61 -3.03
CA VAL A 163 17.64 4.18 -2.81
C VAL A 163 18.17 3.69 -1.47
N LEU A 164 19.37 4.10 -1.09
CA LEU A 164 19.91 3.71 0.21
C LEU A 164 19.03 4.24 1.34
N GLU A 165 18.68 5.52 1.29
CA GLU A 165 17.90 6.13 2.35
C GLU A 165 16.56 5.42 2.58
N LYS A 166 15.96 4.89 1.52
CA LYS A 166 14.72 4.13 1.67
C LYS A 166 15.00 2.88 2.50
N ALA A 167 16.00 2.13 2.06
CA ALA A 167 16.40 0.91 2.73
C ALA A 167 16.69 1.17 4.21
N LEU A 168 17.27 2.34 4.52
CA LEU A 168 17.59 2.66 5.90
C LEU A 168 16.33 2.95 6.71
N GLY A 169 15.29 3.37 6.03
CA GLY A 169 14.02 3.61 6.69
C GLY A 169 13.34 2.30 7.02
N LYS A 170 13.54 1.30 6.17
CA LYS A 170 12.95 0.00 6.36
C LYS A 170 13.70 -0.77 7.44
N LEU A 171 14.98 -0.43 7.62
CA LEU A 171 15.82 -1.12 8.59
C LEU A 171 15.73 -0.55 10.00
N GLY A 172 15.35 0.73 10.10
CA GLY A 172 15.24 1.39 11.38
C GLY A 172 14.20 0.74 12.29
N GLY A 173 13.09 0.31 11.69
CA GLY A 173 12.01 -0.33 12.41
C GLY A 173 12.30 -1.77 12.76
N LEU A 174 13.36 -2.33 12.17
CA LEU A 174 13.77 -3.70 12.44
C LEU A 174 14.54 -3.83 13.75
N SER A 175 14.26 -4.89 14.49
CA SER A 175 14.91 -5.17 15.78
C SER A 175 16.39 -5.48 15.57
N SER A 176 17.02 -6.02 16.61
CA SER A 176 18.40 -6.49 16.47
C SER A 176 18.43 -7.65 15.48
N ARG A 177 19.35 -8.59 15.67
CA ARG A 177 19.46 -9.77 14.81
C ARG A 177 19.71 -9.44 13.34
N PHE A 178 19.48 -8.18 12.96
CA PHE A 178 19.88 -7.68 11.65
C PHE A 178 21.19 -6.94 11.82
N GLY A 179 21.74 -6.99 13.03
CA GLY A 179 23.05 -6.46 13.32
C GLY A 179 24.07 -6.83 12.26
N PRO A 180 24.11 -8.12 11.87
CA PRO A 180 24.96 -8.57 10.76
C PRO A 180 24.86 -7.72 9.49
N MET A 181 23.65 -7.54 8.95
CA MET A 181 23.51 -6.85 7.67
C MET A 181 23.65 -5.32 7.79
N ILE A 182 23.18 -4.75 8.88
CA ILE A 182 23.39 -3.33 9.14
C ILE A 182 24.89 -3.00 9.21
N ASN A 183 25.63 -3.81 9.97
CA ASN A 183 27.08 -3.66 10.07
C ASN A 183 27.76 -3.99 8.75
N GLN A 184 27.13 -4.88 7.98
CA GLN A 184 27.67 -5.30 6.69
C GLN A 184 27.53 -4.19 5.65
N MET A 185 26.40 -3.50 5.66
CA MET A 185 26.18 -2.35 4.78
C MET A 185 27.12 -1.22 5.17
N GLY A 186 27.26 -1.01 6.47
CA GLY A 186 28.06 0.09 6.98
C GLY A 186 29.49 0.11 6.51
N SER A 187 30.07 -1.07 6.30
CA SER A 187 31.49 -1.14 5.92
C SER A 187 31.70 -0.84 4.45
N ILE A 188 30.79 -1.29 3.60
CA ILE A 188 30.92 -1.06 2.17
C ILE A 188 30.74 0.41 1.81
N MET A 189 30.18 1.18 2.74
CA MET A 189 30.05 2.63 2.57
C MET A 189 31.20 3.38 3.25
N GLY A 190 31.44 3.10 4.53
CA GLY A 190 32.46 3.78 5.30
C GLY A 190 32.45 3.44 6.78
N GLN A 196 31.81 2.32 16.23
CA GLN A 196 31.61 0.93 15.85
C GLN A 196 30.40 0.37 16.60
N ASP A 197 29.48 -0.24 15.85
CA ASP A 197 28.27 -0.84 16.44
C ASP A 197 27.25 0.20 16.94
N LEU A 198 26.28 -0.27 17.73
CA LEU A 198 25.21 0.57 18.30
C LEU A 198 24.09 0.86 17.28
N PHE A 199 23.12 1.67 17.68
CA PHE A 199 22.11 2.16 16.74
C PHE A 199 22.68 3.39 16.02
N GLY A 200 23.68 4.02 16.63
CA GLY A 200 24.34 5.16 16.03
C GLY A 200 24.93 4.90 14.66
N LYS A 201 25.56 3.72 14.50
CA LYS A 201 26.16 3.34 13.23
C LYS A 201 25.09 3.24 12.15
N MET A 202 23.86 3.03 12.60
CA MET A 202 22.67 3.02 11.75
C MET A 202 22.29 4.44 11.35
N GLU A 203 22.67 5.39 12.21
CA GLU A 203 22.39 6.81 12.01
C GLU A 203 23.61 7.54 11.47
N SER A 204 24.73 6.84 11.38
CA SER A 204 25.95 7.47 10.92
C SER A 204 26.09 7.23 9.42
N MET A 205 25.43 6.19 8.92
CA MET A 205 25.29 5.99 7.50
C MET A 205 24.40 7.10 6.97
N ARG A 206 23.30 7.36 7.68
CA ARG A 206 22.38 8.41 7.29
C ARG A 206 23.14 9.69 7.10
N ALA A 207 24.23 9.85 7.85
CA ALA A 207 25.05 11.05 7.78
C ALA A 207 26.00 11.00 6.60
N ASN A 208 26.42 9.78 6.27
CA ASN A 208 27.23 9.56 5.07
C ASN A 208 26.41 9.84 3.82
N ILE A 209 25.21 9.26 3.76
CA ILE A 209 24.29 9.51 2.66
C ILE A 209 24.00 10.98 2.53
N SER A 210 23.56 11.61 3.61
CA SER A 210 23.29 13.04 3.58
C SER A 210 24.46 13.81 2.99
N GLU A 211 25.67 13.32 3.21
CA GLU A 211 26.86 13.98 2.68
C GLU A 211 26.93 13.94 1.16
N VAL A 212 26.78 12.74 0.61
CA VAL A 212 26.78 12.59 -0.83
C VAL A 212 25.72 13.49 -1.44
N ASN A 213 24.48 13.37 -0.98
CA ASN A 213 23.38 14.19 -1.46
C ASN A 213 23.71 15.68 -1.51
N LYS A 214 24.23 16.21 -0.40
CA LYS A 214 24.66 17.61 -0.33
C LYS A 214 25.56 17.98 -1.49
N GLN A 215 26.61 17.19 -1.71
CA GLN A 215 27.54 17.44 -2.79
C GLN A 215 26.89 17.35 -4.16
N PHE A 216 26.17 16.28 -4.42
CA PHE A 216 25.48 16.14 -5.69
C PHE A 216 24.60 17.35 -5.99
N LYS A 217 23.92 17.85 -4.97
CA LYS A 217 22.91 18.88 -5.18
C LYS A 217 23.48 20.30 -5.11
N ASN A 218 24.80 20.42 -4.99
CA ASN A 218 25.47 21.71 -4.82
C ASN A 218 26.17 22.21 -6.09
N PRO A 219 25.52 23.08 -6.85
CA PRO A 219 25.98 23.55 -8.15
C PRO A 219 27.45 23.95 -8.22
N ASP A 220 28.05 24.30 -7.09
CA ASP A 220 29.45 24.71 -7.07
C ASP A 220 30.34 23.49 -7.22
N LEU A 221 29.80 22.32 -6.86
CA LEU A 221 30.59 21.11 -6.77
C LEU A 221 30.29 20.10 -7.87
N THR A 222 29.01 19.89 -8.19
CA THR A 222 28.66 18.95 -9.24
C THR A 222 27.55 19.38 -10.19
N THR A 223 27.86 19.31 -11.47
CA THR A 223 26.92 19.64 -12.54
C THR A 223 26.84 18.49 -13.55
N PHE A 224 25.87 18.55 -14.46
CA PHE A 224 25.59 17.51 -15.44
C PHE A 224 25.59 18.13 -16.84
N VAL A 225 26.09 17.39 -17.83
CA VAL A 225 26.04 17.85 -19.21
C VAL A 225 25.35 16.85 -20.12
N CYS A 226 24.24 17.27 -20.72
CA CYS A 226 23.45 16.41 -21.57
C CYS A 226 23.99 16.45 -22.98
N VAL A 227 24.00 15.29 -23.64
CA VAL A 227 24.33 15.26 -25.06
C VAL A 227 23.21 14.60 -25.85
N CYS A 228 23.01 15.08 -27.07
CA CYS A 228 21.94 14.58 -27.93
C CYS A 228 22.27 14.84 -29.37
N ILE A 229 21.35 14.45 -30.26
CA ILE A 229 21.48 14.78 -31.67
C ILE A 229 20.21 15.48 -32.08
N SER A 230 20.25 16.16 -33.21
CA SER A 230 19.14 17.03 -33.57
C SER A 230 18.02 16.28 -34.28
N GLU A 231 17.45 15.31 -33.59
CA GLU A 231 16.31 14.59 -34.13
C GLU A 231 15.15 14.60 -33.15
N PHE A 232 13.98 14.17 -33.61
CA PHE A 232 12.78 14.21 -32.78
C PHE A 232 12.89 13.37 -31.54
N LEU A 233 13.16 12.07 -31.73
CA LEU A 233 13.23 11.14 -30.63
C LEU A 233 14.28 11.55 -29.61
N SER A 234 15.43 12.00 -30.09
CA SER A 234 16.49 12.43 -29.20
C SER A 234 16.15 13.68 -28.42
N LEU A 235 15.31 14.55 -28.98
CA LEU A 235 14.85 15.72 -28.24
C LEU A 235 13.90 15.31 -27.15
N TYR A 236 12.98 14.41 -27.50
CA TYR A 236 12.01 13.94 -26.55
C TYR A 236 12.67 13.29 -25.34
N GLU A 237 13.49 12.26 -25.57
CA GLU A 237 14.15 11.56 -24.48
C GLU A 237 15.05 12.47 -23.68
N THR A 238 15.57 13.51 -24.30
CA THR A 238 16.44 14.47 -23.62
C THR A 238 15.67 15.38 -22.67
N GLU A 239 14.47 15.81 -23.07
CA GLU A 239 13.62 16.61 -22.20
C GLU A 239 13.21 15.84 -20.96
N ARG A 240 12.81 14.58 -21.16
CA ARG A 240 12.43 13.73 -20.05
C ARG A 240 13.60 13.59 -19.07
N MET A 241 14.81 13.70 -19.58
CA MET A 241 15.99 13.56 -18.75
C MET A 241 16.28 14.85 -18.00
N ILE A 242 16.00 15.98 -18.62
CA ILE A 242 16.22 17.22 -17.93
C ILE A 242 15.15 17.45 -16.86
N GLN A 243 13.94 16.99 -17.11
CA GLN A 243 12.90 17.07 -16.09
C GLN A 243 13.29 16.18 -14.90
N GLU A 244 13.61 14.92 -15.18
CA GLU A 244 14.08 14.00 -14.16
C GLU A 244 15.27 14.59 -13.37
N LEU A 245 16.10 15.39 -14.03
CA LEU A 245 17.24 15.98 -13.35
C LEU A 245 16.81 17.02 -12.35
N THR A 246 16.13 18.08 -12.79
CA THR A 246 15.67 19.11 -11.87
C THR A 246 14.90 18.48 -10.72
N SER A 247 14.25 17.36 -10.99
CA SER A 247 13.57 16.58 -9.98
C SER A 247 14.54 15.98 -8.96
N TYR A 248 15.65 15.43 -9.45
CA TYR A 248 16.73 14.94 -8.61
C TYR A 248 17.55 16.07 -8.00
N GLU A 249 17.22 17.30 -8.36
CA GLU A 249 17.87 18.49 -7.83
C GLU A 249 19.33 18.60 -8.22
N ILE A 250 19.71 17.96 -9.33
CA ILE A 250 21.07 18.07 -9.86
C ILE A 250 21.20 19.18 -10.89
N ASP A 251 22.23 20.02 -10.78
CA ASP A 251 22.32 21.18 -11.65
C ASP A 251 22.65 20.77 -13.07
N THR A 252 22.14 21.51 -14.04
CA THR A 252 22.52 21.28 -15.43
C THR A 252 22.38 22.54 -16.29
N HIS A 253 23.44 22.87 -17.01
CA HIS A 253 23.47 24.08 -17.83
C HIS A 253 24.31 23.96 -19.09
N ASN A 254 24.57 22.73 -19.53
CA ASN A 254 25.24 22.49 -20.81
C ASN A 254 24.58 21.39 -21.60
N ILE A 255 24.55 21.56 -22.91
CA ILE A 255 23.97 20.55 -23.76
C ILE A 255 24.65 20.57 -25.12
N VAL A 256 25.37 19.51 -25.47
CA VAL A 256 26.06 19.44 -26.74
C VAL A 256 25.28 18.60 -27.77
N VAL A 257 25.10 19.15 -28.97
CA VAL A 257 24.37 18.44 -30.02
C VAL A 257 25.32 17.95 -31.11
N ASN A 258 25.39 16.64 -31.28
CA ASN A 258 26.41 16.06 -32.15
C ASN A 258 25.92 15.68 -33.53
N GLN A 259 26.84 15.10 -34.28
CA GLN A 259 26.61 14.65 -35.65
C GLN A 259 25.59 15.45 -36.45
N LEU A 260 25.53 16.76 -36.21
CA LEU A 260 24.75 17.59 -37.12
C LEU A 260 25.66 18.14 -38.18
N LEU A 261 25.13 18.25 -39.39
CA LEU A 261 25.94 18.69 -40.52
C LEU A 261 25.62 20.12 -40.92
N LEU A 262 26.62 20.99 -40.75
CA LEU A 262 26.42 22.40 -40.98
C LEU A 262 27.39 22.97 -42.01
N ASP A 263 27.20 22.57 -43.26
CA ASP A 263 27.77 23.26 -44.41
C ASP A 263 26.59 23.94 -45.13
N PRO A 264 26.45 25.25 -44.96
CA PRO A 264 25.26 26.03 -45.35
C PRO A 264 24.82 25.72 -46.77
N ASN A 265 25.79 25.66 -47.67
CA ASN A 265 25.53 25.37 -49.07
C ASN A 265 26.06 23.99 -49.44
N THR A 266 25.24 22.96 -49.21
CA THR A 266 25.62 21.60 -49.55
C THR A 266 24.83 21.12 -50.76
N THR A 267 25.45 20.25 -51.56
CA THR A 267 24.92 19.89 -52.88
C THR A 267 24.21 18.55 -52.90
N CYS A 268 24.54 17.68 -51.96
CA CYS A 268 23.92 16.38 -51.84
C CYS A 268 22.45 16.52 -51.48
N PRO A 269 21.56 15.98 -52.32
CA PRO A 269 20.12 16.13 -52.11
C PRO A 269 19.67 15.54 -50.78
N GLN A 270 20.31 14.43 -50.38
CA GLN A 270 19.99 13.76 -49.13
C GLN A 270 20.45 14.61 -47.94
N CYS A 271 21.74 14.96 -47.93
CA CYS A 271 22.33 15.79 -46.90
C CYS A 271 21.57 17.09 -46.72
N MET A 272 20.96 17.57 -47.81
CA MET A 272 20.14 18.77 -47.75
C MET A 272 18.87 18.50 -46.96
N ALA A 273 18.23 17.37 -47.25
CA ALA A 273 17.05 16.95 -46.52
C ALA A 273 17.36 16.81 -45.02
N ARG A 274 18.37 16.00 -44.70
CA ARG A 274 18.88 15.86 -43.34
C ARG A 274 19.05 17.23 -42.70
N ARG A 275 19.89 18.06 -43.29
CA ARG A 275 20.16 19.38 -42.75
C ARG A 275 18.88 20.18 -42.49
N LYS A 276 17.88 20.03 -43.35
CA LYS A 276 16.63 20.76 -43.17
C LYS A 276 15.98 20.34 -41.86
N MET A 277 15.71 19.05 -41.72
CA MET A 277 15.14 18.49 -40.50
C MET A 277 15.95 18.91 -39.29
N GLN A 278 17.25 18.65 -39.33
CA GLN A 278 18.12 19.02 -38.24
C GLN A 278 17.92 20.47 -37.84
N GLN A 279 17.97 21.37 -38.82
CA GLN A 279 17.98 22.80 -38.51
C GLN A 279 16.70 23.28 -37.84
N LYS A 280 15.58 22.60 -38.09
CA LYS A 280 14.31 22.96 -37.45
C LYS A 280 14.22 22.48 -36.00
N TYR A 281 14.89 21.36 -35.70
CA TYR A 281 14.94 20.88 -34.32
C TYR A 281 16.00 21.64 -33.53
N LEU A 282 17.12 21.96 -34.17
CA LEU A 282 18.13 22.79 -33.54
C LEU A 282 17.55 24.17 -33.20
N ALA A 283 16.56 24.60 -33.97
CA ALA A 283 15.86 25.84 -33.70
C ALA A 283 15.02 25.70 -32.43
N GLN A 284 14.35 24.56 -32.29
CA GLN A 284 13.57 24.29 -31.09
C GLN A 284 14.45 24.27 -29.85
N ILE A 285 15.58 23.58 -29.94
CA ILE A 285 16.51 23.49 -28.83
C ILE A 285 16.95 24.88 -28.42
N GLU A 286 17.47 25.64 -29.36
CA GLU A 286 17.99 26.97 -29.06
C GLU A 286 16.99 27.79 -28.25
N GLU A 287 15.71 27.55 -28.49
CA GLU A 287 14.64 28.34 -27.88
C GLU A 287 14.27 27.83 -26.50
N LEU A 288 14.10 26.51 -26.36
CA LEU A 288 13.75 25.89 -25.06
C LEU A 288 14.81 26.08 -23.98
N TYR A 289 16.06 26.22 -24.41
CA TYR A 289 17.16 26.30 -23.47
C TYR A 289 17.99 27.58 -23.63
N GLU A 290 17.38 28.71 -23.30
CA GLU A 290 18.08 30.00 -23.29
C GLU A 290 19.09 29.98 -22.17
N ASP A 291 18.79 29.18 -21.13
CA ASP A 291 19.60 29.13 -19.91
C ASP A 291 20.69 28.05 -19.91
N PHE A 292 20.91 27.45 -21.07
CA PHE A 292 21.90 26.41 -21.25
C PHE A 292 22.93 26.85 -22.29
N HIS A 293 24.21 26.57 -22.04
CA HIS A 293 25.19 26.66 -23.10
C HIS A 293 24.91 25.57 -24.10
N VAL A 294 24.36 25.91 -25.26
CA VAL A 294 24.13 24.89 -26.27
C VAL A 294 25.25 24.90 -27.30
N VAL A 295 26.08 23.86 -27.27
CA VAL A 295 27.25 23.76 -28.14
C VAL A 295 27.01 22.86 -29.34
N LYS A 296 27.29 23.36 -30.54
CA LYS A 296 27.03 22.59 -31.75
C LYS A 296 28.31 22.08 -32.39
N VAL A 297 28.34 20.77 -32.64
CA VAL A 297 29.51 20.10 -33.21
C VAL A 297 29.10 19.22 -34.38
N PRO A 298 29.94 19.16 -35.43
CA PRO A 298 29.61 18.53 -36.72
C PRO A 298 29.72 17.01 -36.75
N GLN A 299 29.22 16.44 -37.83
CA GLN A 299 29.34 15.01 -38.08
C GLN A 299 30.70 14.76 -38.70
N VAL A 300 31.53 13.97 -38.02
CA VAL A 300 32.81 13.58 -38.60
C VAL A 300 32.64 12.33 -39.47
N PRO A 301 33.18 12.37 -40.69
CA PRO A 301 33.08 11.26 -41.64
C PRO A 301 33.74 9.98 -41.12
N ALA A 302 34.90 10.11 -40.51
CA ALA A 302 35.61 8.97 -39.94
C ALA A 302 35.22 8.80 -38.48
N GLU A 303 35.22 7.56 -38.00
CA GLU A 303 34.98 7.32 -36.59
C GLU A 303 36.14 7.89 -35.77
N VAL A 304 35.81 8.55 -34.67
CA VAL A 304 36.84 9.19 -33.85
C VAL A 304 37.53 8.16 -32.98
N ARG A 305 38.81 7.95 -33.27
CA ARG A 305 39.58 6.93 -32.59
C ARG A 305 41.05 7.32 -32.52
N GLY A 306 41.70 7.01 -31.40
CA GLY A 306 43.10 7.33 -31.22
C GLY A 306 43.29 8.60 -30.41
N THR A 307 44.36 8.65 -29.63
CA THR A 307 44.60 9.80 -28.74
C THR A 307 44.96 11.10 -29.49
N GLU A 308 45.02 11.03 -30.82
CA GLU A 308 45.33 12.22 -31.62
C GLU A 308 44.09 12.75 -32.33
N ALA A 309 43.24 11.84 -32.78
CA ALA A 309 41.96 12.20 -33.37
C ALA A 309 41.08 12.80 -32.30
N LEU A 310 41.18 12.27 -31.08
CA LEU A 310 40.40 12.76 -29.95
C LEU A 310 40.85 14.17 -29.56
N LYS A 311 42.16 14.37 -29.41
CA LYS A 311 42.66 15.69 -29.07
C LYS A 311 42.10 16.74 -30.03
N SER A 312 42.20 16.46 -31.33
CA SER A 312 41.77 17.40 -32.34
C SER A 312 40.27 17.64 -32.32
N PHE A 313 39.52 16.60 -31.94
CA PHE A 313 38.06 16.72 -31.88
C PHE A 313 37.63 17.57 -30.69
N SER A 314 38.27 17.34 -29.54
CA SER A 314 37.91 18.05 -28.30
C SER A 314 37.92 19.55 -28.53
N GLU A 315 38.58 19.95 -29.60
CA GLU A 315 38.70 21.35 -29.96
C GLU A 315 37.34 22.01 -30.07
N MET A 316 36.37 21.30 -30.66
CA MET A 316 35.11 21.91 -31.04
C MET A 316 34.18 22.08 -29.86
N LEU A 317 34.61 21.52 -28.74
CA LEU A 317 33.86 21.66 -27.50
C LEU A 317 34.22 22.95 -26.77
N VAL A 318 35.39 23.50 -27.06
CA VAL A 318 35.83 24.76 -26.44
C VAL A 318 35.93 25.93 -27.43
N LYS A 319 35.83 25.64 -28.73
CA LYS A 319 35.87 26.66 -29.76
C LYS A 319 34.79 26.42 -30.82
N PRO A 320 33.74 27.24 -30.81
CA PRO A 320 32.63 27.10 -31.76
C PRO A 320 33.13 26.79 -33.16
N TYR A 321 32.50 25.84 -33.84
CA TYR A 321 32.96 25.40 -35.15
C TYR A 321 32.23 26.09 -36.30
N VAL A 322 32.98 26.54 -37.31
CA VAL A 322 32.40 27.05 -38.55
C VAL A 322 33.16 26.55 -39.80
N PRO B 7 11.58 -12.76 -45.88
CA PRO B 7 10.66 -12.38 -46.98
C PRO B 7 10.22 -10.91 -46.88
N GLY B 8 11.15 -10.01 -47.19
CA GLY B 8 11.07 -8.61 -46.76
C GLY B 8 10.00 -7.70 -47.36
N THR B 9 8.74 -8.04 -47.13
CA THR B 9 7.68 -7.27 -47.72
C THR B 9 6.37 -7.53 -47.00
N LEU B 10 5.53 -6.50 -46.92
CA LEU B 10 4.27 -6.60 -46.21
C LEU B 10 3.18 -7.37 -46.95
N GLU B 11 3.59 -8.28 -47.84
CA GLU B 11 2.62 -9.01 -48.64
C GLU B 11 1.72 -9.81 -47.73
N ASN B 12 2.32 -10.37 -46.68
CA ASN B 12 1.61 -11.30 -45.80
C ASN B 12 0.42 -10.70 -45.05
N LEU B 13 0.28 -9.39 -45.15
CA LEU B 13 -0.86 -8.69 -44.55
C LEU B 13 -2.02 -8.58 -45.55
N LEU B 14 -1.69 -8.36 -46.80
CA LEU B 14 -2.71 -8.29 -47.83
C LEU B 14 -3.29 -9.69 -48.03
N GLU B 15 -2.47 -10.71 -47.83
CA GLU B 15 -2.88 -12.09 -48.00
C GLU B 15 -3.81 -12.57 -46.89
N GLN B 16 -3.44 -12.32 -45.64
CA GLN B 16 -4.25 -12.77 -44.50
C GLN B 16 -5.55 -11.99 -44.46
N THR B 17 -6.60 -12.56 -45.02
CA THR B 17 -7.85 -11.82 -45.17
C THR B 17 -8.71 -11.91 -43.92
N SER B 18 -8.28 -12.74 -42.97
CA SER B 18 -9.02 -12.84 -41.72
C SER B 18 -8.79 -11.61 -40.85
N LEU B 19 -7.69 -10.91 -41.10
CA LEU B 19 -7.33 -9.71 -40.35
C LEU B 19 -8.40 -8.64 -40.38
N LYS B 20 -8.79 -8.15 -39.20
CA LYS B 20 -9.78 -7.10 -39.06
C LYS B 20 -9.20 -5.79 -38.51
N TRP B 21 -8.21 -5.93 -37.62
CA TRP B 21 -7.51 -4.77 -37.04
C TRP B 21 -6.01 -4.87 -37.25
N ILE B 22 -5.42 -3.81 -37.80
CA ILE B 22 -3.98 -3.76 -37.93
C ILE B 22 -3.49 -2.47 -37.31
N PHE B 23 -2.72 -2.58 -36.23
CA PHE B 23 -2.13 -1.41 -35.59
C PHE B 23 -0.72 -1.15 -36.10
N VAL B 24 -0.43 0.11 -36.40
CA VAL B 24 0.94 0.47 -36.75
C VAL B 24 1.46 1.56 -35.83
N GLY B 25 2.64 1.35 -35.26
CA GLY B 25 3.18 2.27 -34.29
C GLY B 25 4.69 2.28 -34.29
N GLY B 26 5.25 3.33 -33.71
CA GLY B 26 6.68 3.48 -33.64
C GLY B 26 6.96 4.82 -33.01
N LYS B 27 7.97 4.88 -32.14
CA LYS B 27 8.28 6.09 -31.40
C LYS B 27 8.71 7.24 -32.32
N GLY B 28 7.71 8.07 -32.65
CA GLY B 28 7.75 9.14 -33.64
C GLY B 28 9.05 9.64 -34.24
N GLY B 29 8.96 10.13 -35.48
CA GLY B 29 10.11 10.66 -36.20
C GLY B 29 10.69 9.65 -37.17
N VAL B 30 9.89 8.67 -37.53
CA VAL B 30 10.39 7.54 -38.29
C VAL B 30 9.50 7.21 -39.49
N GLY B 31 8.80 8.22 -39.98
CA GLY B 31 7.93 8.03 -41.13
C GLY B 31 6.80 7.08 -40.81
N LYS B 32 6.36 7.08 -39.56
CA LYS B 32 5.27 6.21 -39.14
C LYS B 32 3.98 6.51 -39.89
N THR B 33 3.65 7.79 -40.04
CA THR B 33 2.40 8.16 -40.71
C THR B 33 2.35 7.75 -42.17
N THR B 34 3.43 8.05 -42.90
CA THR B 34 3.56 7.63 -44.27
C THR B 34 3.33 6.12 -44.39
N THR B 35 3.92 5.35 -43.48
CA THR B 35 3.74 3.91 -43.50
C THR B 35 2.29 3.49 -43.28
N SER B 36 1.60 4.13 -42.34
CA SER B 36 0.21 3.78 -42.07
C SER B 36 -0.63 3.98 -43.31
N CYS B 37 -0.46 5.12 -43.94
CA CYS B 37 -1.17 5.45 -45.17
C CYS B 37 -0.84 4.47 -46.30
N SER B 38 0.43 4.34 -46.63
CA SER B 38 0.85 3.42 -47.67
C SER B 38 0.25 2.06 -47.46
N LEU B 39 0.14 1.62 -46.22
CA LEU B 39 -0.44 0.32 -45.95
C LEU B 39 -1.94 0.30 -46.14
N ALA B 40 -2.58 1.44 -45.88
CA ALA B 40 -4.04 1.53 -46.00
C ALA B 40 -4.45 1.53 -47.46
N ILE B 41 -3.73 2.29 -48.27
CA ILE B 41 -3.92 2.28 -49.72
C ILE B 41 -3.80 0.85 -50.28
N GLN B 42 -2.68 0.19 -50.04
CA GLN B 42 -2.46 -1.17 -50.53
C GLN B 42 -3.54 -2.13 -50.06
N MET B 43 -4.06 -1.90 -48.87
CA MET B 43 -5.06 -2.79 -48.32
C MET B 43 -6.39 -2.54 -49.02
N SER B 44 -6.59 -1.31 -49.46
CA SER B 44 -7.85 -0.95 -50.09
C SER B 44 -7.99 -1.61 -51.46
N LYS B 45 -6.86 -1.98 -52.05
CA LYS B 45 -6.88 -2.61 -53.36
C LYS B 45 -7.36 -4.04 -53.30
N VAL B 46 -7.37 -4.63 -52.10
CA VAL B 46 -7.62 -6.05 -51.99
C VAL B 46 -8.71 -6.35 -50.95
N ARG B 47 -9.41 -5.32 -50.52
CA ARG B 47 -10.50 -5.48 -49.55
C ARG B 47 -11.71 -4.64 -49.95
N SER B 48 -12.86 -4.96 -49.37
CA SER B 48 -14.10 -4.27 -49.72
C SER B 48 -14.13 -2.87 -49.11
N SER B 49 -13.85 -2.77 -47.82
CA SER B 49 -13.97 -1.53 -47.10
C SER B 49 -12.82 -1.37 -46.09
N VAL B 50 -12.01 -0.33 -46.26
CA VAL B 50 -10.87 -0.08 -45.39
C VAL B 50 -11.00 1.29 -44.68
N LEU B 51 -10.71 1.32 -43.38
CA LEU B 51 -10.71 2.55 -42.60
C LEU B 51 -9.32 2.83 -42.00
N LEU B 52 -8.88 4.08 -42.11
CA LEU B 52 -7.58 4.50 -41.57
C LEU B 52 -7.79 5.54 -40.50
N ILE B 53 -7.66 5.15 -39.23
CA ILE B 53 -7.88 6.08 -38.11
C ILE B 53 -6.58 6.44 -37.40
N SER B 54 -6.45 7.70 -36.99
CA SER B 54 -5.25 8.14 -36.28
C SER B 54 -5.55 8.93 -35.01
N THR B 55 -4.80 8.65 -33.95
CA THR B 55 -5.00 9.34 -32.68
C THR B 55 -3.85 10.31 -32.42
N ASP B 56 -3.00 10.49 -33.42
CA ASP B 56 -1.97 11.52 -33.39
C ASP B 56 -2.67 12.87 -33.51
N PRO B 57 -2.60 13.67 -32.43
CA PRO B 57 -3.33 14.95 -32.34
C PRO B 57 -2.83 15.92 -33.39
N ALA B 58 -1.60 15.71 -33.85
CA ALA B 58 -0.96 16.61 -34.82
C ALA B 58 -1.61 16.57 -36.20
N HIS B 59 -2.83 16.05 -36.29
CA HIS B 59 -3.55 15.96 -37.55
C HIS B 59 -2.63 15.59 -38.72
N ASN B 60 -1.74 14.65 -38.44
CA ASN B 60 -0.75 14.14 -39.38
C ASN B 60 -1.37 13.50 -40.61
N LEU B 61 -2.60 13.03 -40.45
CA LEU B 61 -3.30 12.32 -41.51
C LEU B 61 -3.79 13.31 -42.56
N SER B 62 -4.31 14.44 -42.10
CA SER B 62 -4.67 15.54 -42.97
C SER B 62 -3.46 16.04 -43.74
N ASP B 63 -2.44 16.47 -43.02
CA ASP B 63 -1.21 16.98 -43.64
C ASP B 63 -0.65 16.06 -44.72
N ALA B 64 -1.03 14.78 -44.70
CA ALA B 64 -0.46 13.83 -45.63
C ALA B 64 -1.26 13.72 -46.92
N PHE B 65 -2.58 13.78 -46.79
CA PHE B 65 -3.44 13.61 -47.95
C PHE B 65 -3.82 14.94 -48.59
N GLY B 66 -3.58 16.03 -47.87
CA GLY B 66 -4.00 17.34 -48.33
C GLY B 66 -5.37 17.71 -47.80
N THR B 67 -6.27 16.73 -47.75
CA THR B 67 -7.63 16.93 -47.23
C THR B 67 -7.62 17.19 -45.73
N LYS B 68 -8.74 17.65 -45.22
CA LYS B 68 -8.95 17.77 -43.78
C LYS B 68 -9.86 16.66 -43.30
N PHE B 69 -9.41 15.93 -42.28
CA PHE B 69 -10.19 14.86 -41.69
C PHE B 69 -10.55 15.23 -40.26
N GLY B 70 -11.53 14.54 -39.71
CA GLY B 70 -12.02 14.88 -38.38
C GLY B 70 -12.61 13.70 -37.65
N LYS B 71 -13.37 13.99 -36.60
CA LYS B 71 -13.85 12.98 -35.67
C LYS B 71 -14.92 12.09 -36.28
N ASP B 72 -15.08 12.14 -37.59
CA ASP B 72 -15.97 11.20 -38.25
C ASP B 72 -15.56 10.83 -39.68
N ALA B 73 -15.90 9.59 -40.05
CA ALA B 73 -15.40 8.96 -41.25
C ALA B 73 -15.75 9.70 -42.52
N ARG B 74 -14.72 10.10 -43.26
CA ARG B 74 -14.91 10.72 -44.56
C ARG B 74 -14.14 9.96 -45.63
N LYS B 75 -14.85 9.52 -46.66
CA LYS B 75 -14.19 8.87 -47.79
C LYS B 75 -12.98 9.69 -48.23
N VAL B 76 -11.89 9.01 -48.53
CA VAL B 76 -10.66 9.69 -48.91
C VAL B 76 -10.65 9.99 -50.39
N PRO B 77 -10.46 11.27 -50.71
CA PRO B 77 -10.38 11.75 -52.09
C PRO B 77 -9.35 10.98 -52.92
N GLY B 78 -9.81 10.18 -53.87
CA GLY B 78 -8.93 9.47 -54.77
C GLY B 78 -9.11 7.97 -54.71
N PHE B 79 -10.01 7.52 -53.86
CA PHE B 79 -10.23 6.09 -53.66
C PHE B 79 -11.71 5.77 -53.51
N ASP B 80 -12.07 4.54 -53.86
CA ASP B 80 -13.45 4.10 -53.77
C ASP B 80 -13.82 3.75 -52.33
N ASN B 81 -13.06 2.82 -51.74
CA ASN B 81 -13.45 2.17 -50.49
C ASN B 81 -12.63 2.54 -49.26
N LEU B 82 -11.71 3.49 -49.42
CA LEU B 82 -10.89 3.94 -48.30
C LEU B 82 -11.49 5.18 -47.60
N SER B 83 -11.82 5.03 -46.32
CA SER B 83 -12.31 6.15 -45.52
C SER B 83 -11.29 6.46 -44.43
N ALA B 84 -11.27 7.69 -43.92
CA ALA B 84 -10.29 8.09 -42.92
C ALA B 84 -10.87 9.00 -41.84
N MET B 85 -10.51 8.75 -40.59
CA MET B 85 -10.93 9.63 -39.51
C MET B 85 -9.77 9.93 -38.57
N GLU B 86 -9.84 11.08 -37.92
CA GLU B 86 -8.70 11.56 -37.16
C GLU B 86 -9.20 12.07 -35.83
N ILE B 87 -9.02 11.26 -34.80
CA ILE B 87 -9.62 11.52 -33.51
C ILE B 87 -8.58 11.81 -32.42
N ASP B 88 -8.89 12.77 -31.56
CA ASP B 88 -8.05 13.08 -30.41
C ASP B 88 -8.81 12.69 -29.15
N PRO B 89 -8.20 11.82 -28.32
CA PRO B 89 -8.84 11.32 -27.09
C PRO B 89 -9.16 12.43 -26.09
N ASN B 90 -8.20 13.30 -25.80
CA ASN B 90 -8.40 14.39 -24.83
C ASN B 90 -9.67 15.18 -25.09
N LEU B 91 -10.07 15.26 -26.34
CA LEU B 91 -11.33 15.91 -26.72
C LEU B 91 -12.49 14.95 -26.45
N SER B 92 -12.40 13.74 -26.98
CA SER B 92 -13.43 12.73 -26.79
C SER B 92 -13.72 12.50 -25.31
N ILE B 93 -12.74 12.81 -24.45
CA ILE B 93 -12.92 12.67 -23.00
C ILE B 93 -13.86 13.74 -22.45
N GLN B 94 -13.51 15.02 -22.66
CA GLN B 94 -14.33 16.13 -22.18
C GLN B 94 -15.68 16.20 -22.89
N GLU B 95 -15.75 15.64 -24.11
CA GLU B 95 -17.00 15.58 -24.85
C GLU B 95 -17.99 14.62 -24.15
N MET B 96 -17.49 13.46 -23.76
CA MET B 96 -18.31 12.39 -23.21
C MET B 96 -18.67 12.62 -21.74
N THR B 97 -17.80 13.31 -21.00
CA THR B 97 -18.02 13.52 -19.56
C THR B 97 -19.09 14.56 -19.27
N GLU B 98 -18.95 15.75 -19.88
CA GLU B 98 -19.95 16.81 -19.76
C GLU B 98 -21.30 16.33 -20.30
N GLN B 99 -21.21 15.42 -21.27
CA GLN B 99 -22.37 14.79 -21.90
C GLN B 99 -23.22 14.00 -20.89
N ALA B 100 -22.67 13.78 -19.70
CA ALA B 100 -23.37 13.08 -18.62
C ALA B 100 -24.31 14.03 -17.87
N LEU B 109 -21.98 9.63 -14.24
CA LEU B 109 -21.32 10.77 -13.63
C LEU B 109 -19.79 10.61 -13.69
N SER B 110 -19.09 11.74 -13.68
CA SER B 110 -17.62 11.73 -13.73
C SER B 110 -17.01 12.02 -12.35
N GLY B 111 -17.75 12.73 -11.51
CA GLY B 111 -17.32 12.97 -10.15
C GLY B 111 -16.83 11.67 -9.57
N MET B 112 -17.74 10.70 -9.48
CA MET B 112 -17.40 9.34 -9.10
C MET B 112 -16.19 8.83 -9.91
N MET B 113 -16.27 8.95 -11.23
CA MET B 113 -15.20 8.53 -12.14
C MET B 113 -13.85 9.17 -11.76
N GLN B 114 -13.89 10.36 -11.19
CA GLN B 114 -12.69 11.05 -10.73
C GLN B 114 -12.10 10.32 -9.54
N ASP B 115 -12.95 10.02 -8.56
CA ASP B 115 -12.54 9.28 -7.38
C ASP B 115 -12.02 7.93 -7.86
N LEU B 116 -12.38 7.60 -9.09
CA LEU B 116 -11.91 6.42 -9.75
C LEU B 116 -10.60 6.78 -10.44
N ALA B 117 -10.56 8.03 -10.91
CA ALA B 117 -9.50 8.51 -11.78
C ALA B 117 -8.12 8.52 -11.16
N PHE B 118 -8.05 8.67 -9.85
CA PHE B 118 -6.75 8.75 -9.21
C PHE B 118 -6.29 7.36 -8.75
N THR B 119 -7.23 6.50 -8.36
CA THR B 119 -6.88 5.14 -7.99
C THR B 119 -6.51 4.39 -9.26
N ILE B 120 -7.31 4.61 -10.30
CA ILE B 120 -7.06 4.02 -11.60
C ILE B 120 -6.62 5.11 -12.56
N PRO B 121 -5.31 5.15 -12.87
CA PRO B 121 -4.83 6.19 -13.78
C PRO B 121 -5.22 5.91 -15.23
N GLY B 122 -5.98 6.82 -15.83
CA GLY B 122 -6.28 6.74 -17.25
C GLY B 122 -7.49 5.94 -17.63
N ILE B 123 -8.52 5.93 -16.78
CA ILE B 123 -9.79 5.28 -17.07
C ILE B 123 -10.54 6.14 -18.05
N ASP B 124 -10.32 7.44 -17.96
CA ASP B 124 -10.98 8.39 -18.86
C ASP B 124 -10.48 8.21 -20.28
N GLU B 125 -9.17 8.06 -20.41
CA GLU B 125 -8.54 7.79 -21.70
C GLU B 125 -8.97 6.43 -22.21
N ALA B 126 -9.25 5.49 -21.32
CA ALA B 126 -9.65 4.14 -21.71
C ALA B 126 -11.14 4.03 -22.00
N LEU B 127 -11.95 4.78 -21.28
CA LEU B 127 -13.38 4.81 -21.54
C LEU B 127 -13.62 5.44 -22.90
N ALA B 128 -12.78 6.40 -23.22
CA ALA B 128 -12.82 7.02 -24.53
C ALA B 128 -12.59 5.93 -25.55
N PHE B 129 -11.43 5.30 -25.51
CA PHE B 129 -11.11 4.24 -26.45
C PHE B 129 -12.22 3.21 -26.54
N ALA B 130 -12.90 2.96 -25.43
CA ALA B 130 -13.96 1.96 -25.45
C ALA B 130 -15.06 2.37 -26.39
N GLU B 131 -15.44 3.64 -26.37
CA GLU B 131 -16.51 4.11 -27.27
C GLU B 131 -16.02 4.32 -28.70
N ILE B 132 -14.81 4.85 -28.88
CA ILE B 132 -14.25 4.93 -30.21
C ILE B 132 -14.40 3.58 -30.88
N LEU B 133 -14.01 2.51 -30.18
CA LEU B 133 -14.08 1.17 -30.77
C LEU B 133 -15.51 0.75 -31.09
N LYS B 134 -16.45 0.95 -30.17
CA LYS B 134 -17.83 0.55 -30.46
C LYS B 134 -18.35 1.24 -31.72
N GLN B 135 -17.95 2.49 -31.94
CA GLN B 135 -18.29 3.18 -33.18
C GLN B 135 -17.69 2.50 -34.40
N ILE B 136 -16.37 2.34 -34.42
CA ILE B 136 -15.72 1.61 -35.51
C ILE B 136 -16.41 0.28 -35.81
N LYS B 137 -16.71 -0.50 -34.78
CA LYS B 137 -17.36 -1.79 -34.96
C LYS B 137 -18.69 -1.64 -35.68
N SER B 138 -19.43 -0.59 -35.34
CA SER B 138 -20.77 -0.39 -35.91
C SER B 138 -20.75 -0.03 -37.40
N MET B 139 -19.71 0.68 -37.84
CA MET B 139 -19.58 1.10 -39.24
C MET B 139 -19.17 -0.07 -40.14
N GLU B 140 -18.87 -1.21 -39.51
CA GLU B 140 -18.51 -2.44 -40.22
C GLU B 140 -17.59 -2.23 -41.43
N PHE B 141 -16.31 -1.95 -41.18
CA PHE B 141 -15.33 -1.93 -42.25
C PHE B 141 -14.72 -3.31 -42.31
N ASP B 142 -14.36 -3.77 -43.51
CA ASP B 142 -13.75 -5.09 -43.65
C ASP B 142 -12.42 -5.15 -42.88
N CYS B 143 -11.66 -4.07 -42.94
CA CYS B 143 -10.37 -3.97 -42.27
C CYS B 143 -10.06 -2.52 -41.86
N VAL B 144 -9.61 -2.33 -40.62
CA VAL B 144 -9.27 -0.99 -40.15
C VAL B 144 -7.82 -0.90 -39.69
N ILE B 145 -7.11 0.13 -40.16
CA ILE B 145 -5.71 0.36 -39.82
C ILE B 145 -5.59 1.48 -38.77
N PHE B 146 -5.05 1.17 -37.58
CA PHE B 146 -4.85 2.15 -36.50
C PHE B 146 -3.47 2.77 -36.56
N ASP B 147 -3.44 4.10 -36.60
CA ASP B 147 -2.20 4.87 -36.60
C ASP B 147 -1.99 5.42 -35.18
N THR B 148 -1.12 4.79 -34.41
CA THR B 148 -0.90 5.15 -33.01
C THR B 148 -0.15 6.47 -32.83
N ALA B 149 -0.22 7.05 -31.64
CA ALA B 149 0.50 8.29 -31.35
C ALA B 149 2.00 8.07 -31.37
N PRO B 150 2.77 9.12 -31.61
CA PRO B 150 4.23 9.02 -31.79
C PRO B 150 5.00 9.13 -30.47
N THR B 151 4.31 9.48 -29.39
CA THR B 151 4.97 9.72 -28.12
C THR B 151 4.18 9.21 -26.94
N GLY B 152 4.88 8.99 -25.83
CA GLY B 152 4.24 8.50 -24.63
C GLY B 152 3.97 7.03 -24.79
N HIS B 153 2.86 6.56 -24.25
CA HIS B 153 2.55 5.15 -24.33
C HIS B 153 1.88 4.87 -25.67
N THR B 154 2.65 4.33 -26.61
CA THR B 154 2.15 4.13 -27.97
C THR B 154 1.08 3.03 -28.03
N LEU B 155 0.93 2.32 -26.91
CA LEU B 155 0.02 1.18 -26.89
C LEU B 155 -1.20 1.36 -26.00
N ARG B 156 -1.53 2.60 -25.63
CA ARG B 156 -2.63 2.83 -24.70
C ARG B 156 -3.86 2.12 -25.20
N PHE B 157 -4.08 2.13 -26.51
CA PHE B 157 -5.32 1.63 -27.05
C PHE B 157 -5.50 0.15 -26.79
N LEU B 158 -4.47 -0.64 -27.07
CA LEU B 158 -4.53 -2.07 -26.88
C LEU B 158 -4.64 -2.41 -25.39
N ASN B 159 -4.35 -1.45 -24.53
CA ASN B 159 -4.37 -1.66 -23.10
C ASN B 159 -5.69 -1.27 -22.43
N PHE B 160 -6.62 -0.74 -23.22
CA PHE B 160 -7.84 -0.18 -22.61
C PHE B 160 -8.74 -1.21 -21.89
N PRO B 161 -8.79 -2.45 -22.39
CA PRO B 161 -9.58 -3.45 -21.66
C PRO B 161 -8.97 -3.70 -20.30
N THR B 162 -7.64 -3.75 -20.24
CA THR B 162 -6.97 -3.95 -18.97
C THR B 162 -7.38 -2.87 -17.98
N VAL B 163 -7.27 -1.61 -18.38
CA VAL B 163 -7.62 -0.52 -17.48
C VAL B 163 -9.08 -0.62 -17.04
N LEU B 164 -9.97 -0.96 -17.96
CA LEU B 164 -11.37 -1.06 -17.60
C LEU B 164 -11.57 -2.17 -16.57
N GLU B 165 -10.99 -3.34 -16.86
CA GLU B 165 -11.16 -4.50 -15.99
C GLU B 165 -10.72 -4.25 -14.53
N LYS B 166 -9.70 -3.41 -14.35
CA LYS B 166 -9.27 -3.02 -13.00
C LYS B 166 -10.39 -2.24 -12.34
N ALA B 167 -10.86 -1.21 -13.02
CA ALA B 167 -11.94 -0.37 -12.52
C ALA B 167 -13.18 -1.19 -12.16
N LEU B 168 -13.44 -2.25 -12.93
CA LEU B 168 -14.59 -3.10 -12.65
C LEU B 168 -14.37 -3.96 -11.41
N GLY B 169 -13.11 -4.21 -11.08
CA GLY B 169 -12.77 -4.94 -9.87
C GLY B 169 -12.96 -4.07 -8.64
N LYS B 170 -12.70 -2.78 -8.80
CA LYS B 170 -12.86 -1.83 -7.71
C LYS B 170 -14.33 -1.49 -7.49
N LEU B 171 -15.14 -1.63 -8.52
CA LEU B 171 -16.56 -1.31 -8.43
C LEU B 171 -17.40 -2.47 -7.91
N GLY B 172 -16.92 -3.70 -8.10
CA GLY B 172 -17.64 -4.89 -7.68
C GLY B 172 -17.88 -4.92 -6.18
N GLY B 173 -16.88 -4.48 -5.42
CA GLY B 173 -16.95 -4.44 -3.98
C GLY B 173 -17.77 -3.28 -3.45
N LEU B 174 -18.10 -2.33 -4.33
CA LEU B 174 -18.92 -1.17 -3.96
C LEU B 174 -20.41 -1.52 -3.90
N SER B 175 -21.08 -0.96 -2.89
CA SER B 175 -22.51 -1.18 -2.67
C SER B 175 -23.33 -0.56 -3.80
N SER B 176 -24.62 -0.44 -3.58
CA SER B 176 -25.48 0.28 -4.52
C SER B 176 -25.05 1.75 -4.55
N ARG B 177 -26.00 2.66 -4.80
CA ARG B 177 -25.73 4.10 -4.82
C ARG B 177 -24.68 4.52 -5.85
N PHE B 178 -23.93 3.55 -6.36
CA PHE B 178 -23.04 3.77 -7.50
C PHE B 178 -23.75 3.28 -8.75
N GLY B 179 -25.00 2.88 -8.57
CA GLY B 179 -25.87 2.50 -9.68
C GLY B 179 -25.79 3.49 -10.83
N PRO B 180 -25.85 4.80 -10.52
CA PRO B 180 -25.64 5.85 -11.54
C PRO B 180 -24.39 5.66 -12.41
N MET B 181 -23.21 5.53 -11.80
CA MET B 181 -21.97 5.48 -12.58
C MET B 181 -21.74 4.13 -13.25
N ILE B 182 -22.15 3.04 -12.60
CA ILE B 182 -22.08 1.72 -13.21
C ILE B 182 -22.94 1.65 -14.47
N ASN B 183 -24.18 2.16 -14.36
CA ASN B 183 -25.09 2.26 -15.51
C ASN B 183 -24.59 3.27 -16.53
N GLN B 184 -23.87 4.27 -16.05
CA GLN B 184 -23.32 5.32 -16.91
C GLN B 184 -22.14 4.81 -17.74
N MET B 185 -21.29 4.00 -17.13
CA MET B 185 -20.20 3.32 -17.84
C MET B 185 -20.75 2.32 -18.86
N GLY B 186 -21.76 1.57 -18.43
CA GLY B 186 -22.36 0.52 -19.24
C GLY B 186 -22.86 0.98 -20.60
N SER B 187 -23.36 2.21 -20.68
CA SER B 187 -23.93 2.71 -21.93
C SER B 187 -22.87 3.17 -22.93
N ILE B 188 -21.79 3.76 -22.43
CA ILE B 188 -20.73 4.22 -23.32
C ILE B 188 -19.95 3.06 -23.96
N MET B 189 -20.12 1.86 -23.38
CA MET B 189 -19.53 0.64 -23.94
C MET B 189 -20.54 -0.11 -24.82
N GLY B 190 -21.72 -0.39 -24.27
CA GLY B 190 -22.75 -1.14 -24.97
C GLY B 190 -23.96 -1.50 -24.11
N GLN B 196 -31.01 -4.90 -18.68
CA GLN B 196 -30.96 -3.54 -18.14
C GLN B 196 -30.93 -3.61 -16.61
N ASP B 197 -29.98 -2.91 -16.01
CA ASP B 197 -29.86 -2.87 -14.55
C ASP B 197 -29.34 -4.17 -13.94
N LEU B 198 -29.49 -4.30 -12.61
CA LEU B 198 -29.07 -5.48 -11.84
C LEU B 198 -27.56 -5.47 -11.56
N PHE B 199 -27.06 -6.53 -10.94
CA PHE B 199 -25.61 -6.74 -10.81
C PHE B 199 -25.08 -7.38 -12.09
N GLY B 200 -25.99 -8.02 -12.83
CA GLY B 200 -25.63 -8.65 -14.09
C GLY B 200 -25.03 -7.70 -15.11
N LYS B 201 -25.58 -6.47 -15.18
CA LYS B 201 -25.08 -5.45 -16.10
C LYS B 201 -23.65 -5.07 -15.75
N MET B 202 -23.30 -5.29 -14.48
CA MET B 202 -21.95 -5.11 -13.97
C MET B 202 -21.04 -6.26 -14.45
N GLU B 203 -21.65 -7.42 -14.70
CA GLU B 203 -20.97 -8.62 -15.16
C GLU B 203 -21.09 -8.81 -16.67
N SER B 204 -21.87 -7.94 -17.31
CA SER B 204 -22.11 -8.06 -18.73
C SER B 204 -21.13 -7.16 -19.46
N MET B 205 -20.62 -6.15 -18.76
CA MET B 205 -19.49 -5.36 -19.25
C MET B 205 -18.26 -6.24 -19.25
N ARG B 206 -18.07 -6.98 -18.16
CA ARG B 206 -16.95 -7.91 -18.07
C ARG B 206 -16.92 -8.80 -19.29
N ALA B 207 -18.10 -9.08 -19.83
CA ALA B 207 -18.21 -9.97 -20.98
C ALA B 207 -17.89 -9.21 -22.24
N ASN B 208 -18.21 -7.92 -22.23
CA ASN B 208 -17.88 -7.06 -23.35
C ASN B 208 -16.38 -6.85 -23.43
N ILE B 209 -15.77 -6.57 -22.28
CA ILE B 209 -14.32 -6.42 -22.21
C ILE B 209 -13.65 -7.72 -22.66
N SER B 210 -14.04 -8.83 -22.05
CA SER B 210 -13.46 -10.12 -22.41
C SER B 210 -13.50 -10.33 -23.92
N GLU B 211 -14.54 -9.80 -24.56
CA GLU B 211 -14.69 -9.93 -26.00
C GLU B 211 -13.59 -9.20 -26.75
N VAL B 212 -13.40 -7.93 -26.42
CA VAL B 212 -12.37 -7.13 -27.05
C VAL B 212 -11.01 -7.80 -26.89
N ASN B 213 -10.65 -8.11 -25.64
CA ASN B 213 -9.41 -8.83 -25.36
C ASN B 213 -9.17 -10.07 -26.23
N LYS B 214 -10.17 -10.95 -26.31
CA LYS B 214 -10.11 -12.14 -27.16
C LYS B 214 -9.69 -11.76 -28.59
N GLN B 215 -10.35 -10.76 -29.17
CA GLN B 215 -10.04 -10.36 -30.53
C GLN B 215 -8.63 -9.81 -30.63
N PHE B 216 -8.29 -8.87 -29.76
CA PHE B 216 -6.96 -8.28 -29.80
C PHE B 216 -5.88 -9.34 -29.77
N LYS B 217 -6.09 -10.36 -28.94
CA LYS B 217 -5.08 -11.36 -28.66
C LYS B 217 -5.11 -12.53 -29.65
N ASN B 218 -5.96 -12.44 -30.67
CA ASN B 218 -6.15 -13.54 -31.62
C ASN B 218 -5.49 -13.27 -32.97
N PRO B 219 -4.29 -13.82 -33.19
CA PRO B 219 -3.45 -13.55 -34.37
C PRO B 219 -4.16 -13.63 -35.72
N ASP B 220 -5.29 -14.31 -35.78
CA ASP B 220 -6.03 -14.45 -37.03
C ASP B 220 -6.80 -13.17 -37.28
N LEU B 221 -7.08 -12.43 -36.20
CA LEU B 221 -7.92 -11.24 -36.27
C LEU B 221 -7.16 -9.92 -36.18
N THR B 222 -6.21 -9.82 -35.25
CA THR B 222 -5.44 -8.57 -35.10
C THR B 222 -3.94 -8.73 -34.85
N THR B 223 -3.15 -8.05 -35.68
CA THR B 223 -1.71 -8.04 -35.58
C THR B 223 -1.21 -6.59 -35.51
N PHE B 224 0.09 -6.42 -35.27
CA PHE B 224 0.71 -5.12 -35.07
C PHE B 224 1.91 -5.01 -36.01
N VAL B 225 2.16 -3.82 -36.55
CA VAL B 225 3.36 -3.61 -37.36
C VAL B 225 4.20 -2.44 -36.86
N CYS B 226 5.44 -2.74 -36.52
CA CYS B 226 6.34 -1.76 -35.91
C CYS B 226 7.10 -1.07 -37.01
N VAL B 227 7.27 0.23 -36.85
CA VAL B 227 8.13 0.97 -37.76
C VAL B 227 9.22 1.71 -36.99
N CYS B 228 10.39 1.79 -37.60
CA CYS B 228 11.52 2.44 -36.98
C CYS B 228 12.50 2.93 -38.04
N ILE B 229 13.61 3.51 -37.60
CA ILE B 229 14.69 3.87 -38.49
C ILE B 229 15.94 3.19 -37.96
N SER B 230 16.97 3.11 -38.80
CA SER B 230 18.13 2.30 -38.46
C SER B 230 19.14 3.11 -37.64
N GLU B 231 18.72 3.54 -36.46
CA GLU B 231 19.61 4.22 -35.55
C GLU B 231 19.56 3.56 -34.19
N PHE B 232 20.47 3.93 -33.31
CA PHE B 232 20.58 3.28 -32.01
C PHE B 232 19.34 3.49 -31.15
N LEU B 233 18.99 4.75 -30.94
CA LEU B 233 17.88 5.09 -30.07
C LEU B 233 16.59 4.47 -30.58
N SER B 234 16.39 4.46 -31.89
CA SER B 234 15.17 3.92 -32.46
C SER B 234 15.11 2.41 -32.33
N LEU B 235 16.26 1.75 -32.31
CA LEU B 235 16.29 0.31 -32.09
C LEU B 235 15.90 0.02 -30.66
N TYR B 236 16.49 0.76 -29.74
CA TYR B 236 16.26 0.56 -28.32
C TYR B 236 14.78 0.71 -28.00
N GLU B 237 14.20 1.86 -28.33
CA GLU B 237 12.79 2.09 -28.02
C GLU B 237 11.88 1.08 -28.72
N THR B 238 12.35 0.54 -29.82
CA THR B 238 11.56 -0.42 -30.60
C THR B 238 11.55 -1.78 -29.93
N GLU B 239 12.68 -2.18 -29.35
CA GLU B 239 12.73 -3.43 -28.59
C GLU B 239 11.84 -3.37 -27.37
N ARG B 240 11.89 -2.25 -26.65
CA ARG B 240 11.05 -2.08 -25.47
C ARG B 240 9.58 -2.19 -25.85
N MET B 241 9.28 -1.82 -27.09
CA MET B 241 7.92 -1.84 -27.56
C MET B 241 7.50 -3.26 -27.93
N ILE B 242 8.43 -4.04 -28.47
CA ILE B 242 8.08 -5.41 -28.83
C ILE B 242 7.96 -6.27 -27.59
N GLN B 243 8.76 -5.98 -26.57
CA GLN B 243 8.65 -6.71 -25.31
C GLN B 243 7.30 -6.38 -24.71
N GLU B 244 6.99 -5.09 -24.59
CA GLU B 244 5.71 -4.65 -24.07
C GLU B 244 4.54 -5.30 -24.84
N LEU B 245 4.75 -5.59 -26.12
CA LEU B 245 3.70 -6.20 -26.94
C LEU B 245 3.47 -7.65 -26.53
N THR B 246 4.51 -8.48 -26.65
CA THR B 246 4.37 -9.88 -26.27
C THR B 246 3.78 -9.98 -24.86
N SER B 247 4.12 -9.01 -24.03
CA SER B 247 3.53 -8.91 -22.70
C SER B 247 2.01 -8.67 -22.75
N TYR B 248 1.59 -7.79 -23.65
CA TYR B 248 0.15 -7.52 -23.86
C TYR B 248 -0.51 -8.69 -24.64
N GLU B 249 0.32 -9.61 -25.09
CA GLU B 249 -0.15 -10.77 -25.83
C GLU B 249 -0.69 -10.41 -27.22
N ILE B 250 -0.26 -9.28 -27.76
CA ILE B 250 -0.66 -8.89 -29.11
C ILE B 250 0.35 -9.41 -30.13
N ASP B 251 -0.13 -10.02 -31.21
CA ASP B 251 0.78 -10.60 -32.18
C ASP B 251 1.53 -9.54 -32.97
N THR B 252 2.77 -9.84 -33.34
CA THR B 252 3.52 -8.94 -34.21
C THR B 252 4.57 -9.67 -35.02
N HIS B 253 4.58 -9.42 -36.33
CA HIS B 253 5.51 -10.12 -37.21
C HIS B 253 5.90 -9.30 -38.43
N ASN B 254 5.76 -7.99 -38.33
CA ASN B 254 6.29 -7.11 -39.36
C ASN B 254 6.99 -5.90 -38.79
N ILE B 255 8.03 -5.45 -39.46
CA ILE B 255 8.76 -4.28 -39.01
C ILE B 255 9.39 -3.59 -40.20
N VAL B 256 8.96 -2.36 -40.47
CA VAL B 256 9.48 -1.60 -41.61
C VAL B 256 10.48 -0.55 -41.17
N VAL B 257 11.63 -0.52 -41.85
CA VAL B 257 12.67 0.43 -41.47
C VAL B 257 12.80 1.54 -42.51
N ASN B 258 12.53 2.77 -42.12
CA ASN B 258 12.44 3.86 -43.07
C ASN B 258 13.67 4.72 -43.20
N GLN B 259 13.55 5.74 -44.02
CA GLN B 259 14.60 6.70 -44.29
C GLN B 259 16.03 6.16 -44.23
N LEU B 260 16.23 4.91 -44.60
CA LEU B 260 17.61 4.43 -44.76
C LEU B 260 18.03 4.59 -46.21
N LEU B 261 19.28 4.96 -46.42
CA LEU B 261 19.74 5.24 -47.76
C LEU B 261 20.61 4.12 -48.30
N LEU B 262 20.12 3.48 -49.36
CA LEU B 262 20.78 2.30 -49.89
C LEU B 262 21.13 2.41 -51.36
N ASP B 263 22.08 3.31 -51.65
CA ASP B 263 22.80 3.30 -52.91
C ASP B 263 24.22 2.84 -52.60
N PRO B 264 24.53 1.57 -52.94
CA PRO B 264 25.74 0.86 -52.51
C PRO B 264 26.99 1.68 -52.72
N ASN B 265 27.08 2.31 -53.87
CA ASN B 265 28.21 3.15 -54.22
C ASN B 265 27.82 4.63 -54.26
N THR B 266 27.86 5.26 -53.09
CA THR B 266 27.53 6.67 -52.98
C THR B 266 28.81 7.49 -52.78
N THR B 267 28.80 8.71 -53.28
CA THR B 267 30.03 9.52 -53.34
C THR B 267 30.11 10.59 -52.26
N CYS B 268 28.96 11.00 -51.75
CA CYS B 268 28.90 11.97 -50.65
C CYS B 268 29.56 11.42 -49.39
N PRO B 269 30.58 12.11 -48.88
CA PRO B 269 31.32 11.62 -47.72
C PRO B 269 30.42 11.45 -46.49
N GLN B 270 29.46 12.35 -46.33
CA GLN B 270 28.50 12.32 -45.22
C GLN B 270 27.55 11.13 -45.38
N CYS B 271 26.88 11.05 -46.52
CA CYS B 271 25.96 9.96 -46.80
C CYS B 271 26.64 8.60 -46.66
N MET B 272 27.94 8.58 -46.90
CA MET B 272 28.70 7.35 -46.73
C MET B 272 28.79 6.99 -45.26
N ALA B 273 29.08 7.99 -44.43
CA ALA B 273 29.14 7.81 -42.98
C ALA B 273 27.78 7.32 -42.46
N ARG B 274 26.72 8.07 -42.77
CA ARG B 274 25.35 7.69 -42.45
C ARG B 274 25.09 6.23 -42.81
N ARG B 275 25.29 5.91 -44.07
CA ARG B 275 25.06 4.56 -44.57
C ARG B 275 25.86 3.52 -43.80
N LYS B 276 27.06 3.86 -43.37
CA LYS B 276 27.88 2.91 -42.61
C LYS B 276 27.17 2.57 -41.31
N MET B 277 26.90 3.60 -40.49
CA MET B 277 26.15 3.43 -39.26
C MET B 277 24.87 2.66 -39.50
N GLN B 278 24.06 3.16 -40.43
CA GLN B 278 22.80 2.51 -40.72
C GLN B 278 22.98 1.04 -40.97
N GLN B 279 23.94 0.69 -41.83
CA GLN B 279 24.06 -0.68 -42.27
C GLN B 279 24.45 -1.64 -41.16
N LYS B 280 25.11 -1.13 -40.10
CA LYS B 280 25.50 -1.98 -38.98
C LYS B 280 24.32 -2.24 -38.02
N TYR B 281 23.39 -1.30 -37.96
CA TYR B 281 22.22 -1.46 -37.12
C TYR B 281 21.18 -2.28 -37.87
N LEU B 282 21.10 -2.07 -39.19
CA LEU B 282 20.22 -2.90 -40.01
C LEU B 282 20.66 -4.36 -39.93
N ALA B 283 21.96 -4.57 -39.72
CA ALA B 283 22.50 -5.92 -39.55
C ALA B 283 22.01 -6.52 -38.23
N GLN B 284 22.00 -5.71 -37.18
CA GLN B 284 21.51 -6.15 -35.88
C GLN B 284 20.05 -6.53 -36.00
N ILE B 285 19.27 -5.68 -36.65
CA ILE B 285 17.84 -5.94 -36.80
C ILE B 285 17.61 -7.25 -37.50
N GLU B 286 18.22 -7.39 -38.67
CA GLU B 286 18.04 -8.60 -39.47
C GLU B 286 18.26 -9.86 -38.64
N GLU B 287 19.17 -9.78 -37.67
CA GLU B 287 19.54 -10.92 -36.84
C GLU B 287 18.59 -11.18 -35.67
N LEU B 288 18.25 -10.12 -34.92
CA LEU B 288 17.31 -10.23 -33.81
C LEU B 288 15.90 -10.70 -34.22
N TYR B 289 15.52 -10.42 -35.47
CA TYR B 289 14.16 -10.68 -35.92
C TYR B 289 14.13 -11.56 -37.17
N GLU B 290 14.54 -12.81 -36.99
CA GLU B 290 14.44 -13.83 -38.03
C GLU B 290 12.96 -14.14 -38.28
N ASP B 291 12.16 -13.99 -37.23
CA ASP B 291 10.74 -14.34 -37.25
C ASP B 291 9.82 -13.18 -37.68
N PHE B 292 10.41 -12.09 -38.17
CA PHE B 292 9.67 -10.91 -38.59
C PHE B 292 9.96 -10.64 -40.05
N HIS B 293 8.94 -10.28 -40.82
CA HIS B 293 9.16 -9.71 -42.14
C HIS B 293 9.78 -8.35 -41.98
N VAL B 294 11.07 -8.23 -42.24
CA VAL B 294 11.69 -6.92 -42.11
C VAL B 294 11.81 -6.25 -43.48
N VAL B 295 11.02 -5.21 -43.68
CA VAL B 295 10.95 -4.53 -44.97
C VAL B 295 11.76 -3.24 -44.96
N LYS B 296 12.63 -3.07 -45.96
CA LYS B 296 13.51 -1.90 -46.02
C LYS B 296 13.07 -0.94 -47.10
N VAL B 297 12.90 0.32 -46.73
CA VAL B 297 12.46 1.38 -47.65
C VAL B 297 13.34 2.61 -47.54
N PRO B 298 13.58 3.30 -48.67
CA PRO B 298 14.61 4.34 -48.79
C PRO B 298 14.19 5.69 -48.26
N GLN B 299 15.16 6.59 -48.15
CA GLN B 299 14.92 7.95 -47.78
C GLN B 299 14.50 8.71 -49.02
N VAL B 300 13.28 9.24 -49.02
CA VAL B 300 12.83 10.07 -50.13
C VAL B 300 13.24 11.52 -49.91
N PRO B 301 13.87 12.14 -50.93
CA PRO B 301 14.36 13.52 -50.86
C PRO B 301 13.22 14.53 -50.60
N ALA B 302 12.10 14.35 -51.28
CA ALA B 302 10.95 15.21 -51.09
C ALA B 302 10.03 14.64 -50.01
N GLU B 303 9.34 15.50 -49.28
CA GLU B 303 8.34 15.04 -48.32
C GLU B 303 7.18 14.39 -49.07
N VAL B 304 6.73 13.23 -48.59
CA VAL B 304 5.66 12.49 -49.24
C VAL B 304 4.31 13.11 -48.96
N ARG B 305 3.70 13.68 -49.99
CA ARG B 305 2.46 14.41 -49.85
C ARG B 305 1.63 14.32 -51.13
N GLY B 306 0.32 14.19 -50.96
CA GLY B 306 -0.57 14.06 -52.11
C GLY B 306 -0.95 12.61 -52.37
N THR B 307 -2.16 12.39 -52.87
CA THR B 307 -2.68 11.04 -53.09
C THR B 307 -2.00 10.32 -54.26
N GLU B 308 -1.07 11.01 -54.93
CA GLU B 308 -0.33 10.40 -56.02
C GLU B 308 1.08 10.02 -55.60
N ALA B 309 1.69 10.88 -54.79
CA ALA B 309 3.01 10.59 -54.22
C ALA B 309 2.89 9.42 -53.28
N LEU B 310 1.78 9.36 -52.55
CA LEU B 310 1.52 8.27 -51.62
C LEU B 310 1.31 6.94 -52.34
N LYS B 311 0.51 6.95 -53.40
CA LYS B 311 0.28 5.73 -54.15
C LYS B 311 1.61 5.12 -54.59
N SER B 312 2.46 5.96 -55.17
CA SER B 312 3.75 5.52 -55.70
C SER B 312 4.72 5.04 -54.62
N PHE B 313 4.61 5.63 -53.43
CA PHE B 313 5.45 5.24 -52.31
C PHE B 313 5.02 3.89 -51.75
N SER B 314 3.71 3.69 -51.62
CA SER B 314 3.17 2.46 -51.04
C SER B 314 3.72 1.25 -51.77
N GLU B 315 4.26 1.50 -52.95
CA GLU B 315 4.84 0.46 -53.78
C GLU B 315 5.91 -0.33 -53.04
N MET B 316 6.76 0.37 -52.31
CA MET B 316 7.96 -0.21 -51.74
C MET B 316 7.65 -1.05 -50.52
N LEU B 317 6.40 -1.01 -50.09
CA LEU B 317 5.95 -1.81 -48.96
C LEU B 317 5.51 -3.19 -49.42
N VAL B 318 5.20 -3.34 -50.70
CA VAL B 318 4.80 -4.64 -51.24
C VAL B 318 5.79 -5.21 -52.26
N LYS B 319 6.74 -4.37 -52.70
CA LYS B 319 7.79 -4.80 -53.64
C LYS B 319 9.16 -4.30 -53.21
N PRO B 320 10.00 -5.22 -52.71
CA PRO B 320 11.35 -4.88 -52.24
C PRO B 320 12.01 -3.88 -53.16
N TYR B 321 12.65 -2.86 -52.61
CA TYR B 321 13.25 -1.80 -53.42
C TYR B 321 14.74 -2.00 -53.68
N VAL B 322 15.18 -1.79 -54.93
CA VAL B 322 16.61 -1.78 -55.25
C VAL B 322 16.94 -0.67 -56.25
N PRO C 7 31.97 28.04 20.15
CA PRO C 7 31.81 29.51 20.07
C PRO C 7 30.37 29.92 20.39
N GLY C 8 30.01 29.87 21.66
CA GLY C 8 28.63 29.79 22.10
C GLY C 8 27.77 31.03 21.97
N THR C 9 27.55 31.46 20.75
CA THR C 9 26.84 32.70 20.55
C THR C 9 26.35 32.78 19.12
N LEU C 10 25.17 33.36 18.93
CA LEU C 10 24.56 33.46 17.61
C LEU C 10 25.19 34.55 16.72
N GLU C 11 26.43 34.89 16.97
CA GLU C 11 27.09 35.93 16.19
C GLU C 11 27.12 35.53 14.73
N ASN C 12 27.35 34.25 14.48
CA ASN C 12 27.56 33.76 13.13
C ASN C 12 26.37 33.91 12.21
N LEU C 13 25.24 34.32 12.77
CA LEU C 13 24.04 34.57 11.95
C LEU C 13 24.00 36.03 11.52
N LEU C 14 24.43 36.92 12.41
CA LEU C 14 24.47 38.32 12.07
C LEU C 14 25.58 38.56 11.06
N GLU C 15 26.62 37.73 11.10
CA GLU C 15 27.75 37.85 10.19
C GLU C 15 27.43 37.38 8.77
N GLN C 16 26.80 36.21 8.65
CA GLN C 16 26.47 35.64 7.34
C GLN C 16 25.36 36.46 6.71
N THR C 17 25.74 37.40 5.86
CA THR C 17 24.79 38.36 5.32
C THR C 17 24.06 37.81 4.10
N SER C 18 24.50 36.65 3.63
CA SER C 18 23.86 36.00 2.50
C SER C 18 22.52 35.39 2.90
N LEU C 19 22.35 35.13 4.20
CA LEU C 19 21.15 34.52 4.74
C LEU C 19 19.90 35.33 4.44
N LYS C 20 18.88 34.66 3.90
CA LYS C 20 17.60 35.29 3.57
C LYS C 20 16.45 34.77 4.44
N TRP C 21 16.50 33.49 4.77
CA TRP C 21 15.50 32.88 5.65
C TRP C 21 16.13 32.20 6.85
N ILE C 22 15.65 32.51 8.04
CA ILE C 22 16.12 31.84 9.22
C ILE C 22 14.95 31.28 9.99
N PHE C 23 14.84 29.97 10.07
CA PHE C 23 13.76 29.34 10.81
C PHE C 23 14.17 29.03 12.24
N VAL C 24 13.31 29.34 13.19
CA VAL C 24 13.58 28.94 14.57
C VAL C 24 12.43 28.09 15.13
N GLY C 25 12.77 26.97 15.74
CA GLY C 25 11.75 26.04 16.16
C GLY C 25 12.21 25.20 17.32
N GLY C 26 11.25 24.63 18.01
CA GLY C 26 11.54 23.80 19.17
C GLY C 26 10.23 23.40 19.81
N LYS C 27 10.11 22.13 20.19
CA LYS C 27 8.87 21.61 20.74
C LYS C 27 8.42 22.35 22.02
N GLY C 28 7.54 23.32 21.79
CA GLY C 28 7.08 24.32 22.74
C GLY C 28 7.29 24.14 24.22
N GLY C 29 7.35 25.29 24.92
CA GLY C 29 7.54 25.33 26.36
C GLY C 29 8.97 25.63 26.72
N VAL C 30 9.70 26.19 25.78
CA VAL C 30 11.15 26.33 25.93
C VAL C 30 11.63 27.71 25.57
N GLY C 31 10.73 28.69 25.68
CA GLY C 31 11.10 30.07 25.42
C GLY C 31 11.47 30.26 23.98
N LYS C 32 10.83 29.49 23.10
CA LYS C 32 11.06 29.60 21.67
C LYS C 32 10.70 30.98 21.17
N THR C 33 9.55 31.51 21.57
CA THR C 33 9.09 32.81 21.07
C THR C 33 10.02 33.95 21.44
N THR C 34 10.40 34.00 22.70
CA THR C 34 11.37 34.98 23.15
C THR C 34 12.64 34.91 22.30
N THR C 35 13.08 33.70 21.94
CA THR C 35 14.30 33.52 21.15
C THR C 35 14.12 34.06 19.75
N SER C 36 12.97 33.79 19.13
CA SER C 36 12.69 34.29 17.79
C SER C 36 12.78 35.82 17.76
N CYS C 37 12.12 36.45 18.71
CA CYS C 37 12.11 37.91 18.83
C CYS C 37 13.50 38.48 19.07
N SER C 38 14.19 38.00 20.10
CA SER C 38 15.53 38.47 20.39
C SER C 38 16.42 38.38 19.17
N LEU C 39 16.23 37.35 18.37
CA LEU C 39 17.08 37.17 17.20
C LEU C 39 16.70 38.14 16.12
N ALA C 40 15.41 38.50 16.05
CA ALA C 40 14.91 39.43 15.05
C ALA C 40 15.38 40.85 15.33
N ILE C 41 15.29 41.24 16.59
CA ILE C 41 15.83 42.51 17.05
C ILE C 41 17.32 42.65 16.69
N GLN C 42 18.14 41.70 17.11
CA GLN C 42 19.57 41.75 16.83
C GLN C 42 19.87 41.79 15.35
N MET C 43 19.04 41.12 14.55
CA MET C 43 19.25 41.06 13.11
C MET C 43 18.91 42.42 12.52
N SER C 44 17.93 43.09 13.11
CA SER C 44 17.49 44.36 12.59
C SER C 44 18.57 45.42 12.75
N LYS C 45 19.48 45.22 13.68
CA LYS C 45 20.54 46.19 13.91
C LYS C 45 21.60 46.13 12.83
N VAL C 46 21.61 45.07 12.03
CA VAL C 46 22.70 44.83 11.09
C VAL C 46 22.19 44.55 9.67
N ARG C 47 20.90 44.79 9.44
CA ARG C 47 20.32 44.57 8.13
C ARG C 47 19.38 45.70 7.78
N SER C 48 19.05 45.83 6.50
CA SER C 48 18.20 46.90 6.03
C SER C 48 16.75 46.69 6.43
N SER C 49 16.24 45.50 6.20
CA SER C 49 14.82 45.23 6.40
C SER C 49 14.65 43.83 6.93
N VAL C 50 14.07 43.69 8.12
CA VAL C 50 13.87 42.39 8.73
C VAL C 50 12.40 42.12 9.01
N LEU C 51 11.93 40.91 8.71
CA LEU C 51 10.56 40.50 9.00
C LEU C 51 10.50 39.32 9.97
N LEU C 52 9.59 39.39 10.95
CA LEU C 52 9.42 38.33 11.93
C LEU C 52 8.02 37.76 11.85
N ILE C 53 7.88 36.58 11.24
CA ILE C 53 6.56 35.99 11.05
C ILE C 53 6.37 34.77 11.94
N SER C 54 5.17 34.58 12.47
CA SER C 54 4.88 33.42 13.31
C SER C 54 3.60 32.68 12.93
N THR C 55 3.65 31.36 12.93
CA THR C 55 2.48 30.55 12.62
C THR C 55 1.91 29.89 13.87
N ASP C 56 2.41 30.32 15.02
CA ASP C 56 1.83 29.91 16.28
C ASP C 56 0.51 30.64 16.44
N PRO C 57 -0.60 29.87 16.46
CA PRO C 57 -1.96 30.43 16.48
C PRO C 57 -2.19 31.20 17.76
N ALA C 58 -1.46 30.84 18.81
CA ALA C 58 -1.61 31.45 20.14
C ALA C 58 -1.22 32.93 20.18
N HIS C 59 -1.16 33.58 19.03
CA HIS C 59 -0.77 34.99 18.93
C HIS C 59 0.31 35.35 19.95
N ASN C 60 1.29 34.46 20.08
CA ASN C 60 2.44 34.59 20.97
C ASN C 60 3.29 35.81 20.68
N LEU C 61 3.26 36.26 19.45
CA LEU C 61 4.09 37.37 19.01
C LEU C 61 3.52 38.68 19.55
N SER C 62 2.18 38.78 19.52
CA SER C 62 1.47 39.91 20.11
C SER C 62 1.73 40.00 21.61
N ASP C 63 1.42 38.91 22.32
CA ASP C 63 1.61 38.86 23.76
C ASP C 63 3.03 39.25 24.20
N ALA C 64 3.99 39.17 23.30
CA ALA C 64 5.38 39.45 23.66
C ALA C 64 5.75 40.91 23.49
N PHE C 65 5.24 41.55 22.45
CA PHE C 65 5.58 42.94 22.17
C PHE C 65 4.59 43.93 22.77
N GLY C 66 3.43 43.43 23.18
CA GLY C 66 2.37 44.27 23.68
C GLY C 66 1.40 44.63 22.58
N THR C 67 1.92 44.93 21.40
CA THR C 67 1.10 45.28 20.24
C THR C 67 0.26 44.12 19.76
N LYS C 68 -0.71 44.41 18.91
CA LYS C 68 -1.46 43.36 18.21
C LYS C 68 -0.99 43.28 16.77
N PHE C 69 -0.66 42.05 16.34
CA PHE C 69 -0.23 41.80 14.97
C PHE C 69 -1.23 40.88 14.29
N GLY C 70 -1.20 40.87 12.96
CA GLY C 70 -2.17 40.12 12.21
C GLY C 70 -1.66 39.62 10.89
N LYS C 71 -2.58 39.21 10.02
CA LYS C 71 -2.22 38.55 8.77
C LYS C 71 -1.54 39.47 7.76
N ASP C 72 -1.09 40.63 8.20
CA ASP C 72 -0.30 41.49 7.32
C ASP C 72 0.73 42.37 8.05
N ALA C 73 1.83 42.61 7.34
CA ALA C 73 3.02 43.19 7.92
C ALA C 73 2.79 44.56 8.54
N ARG C 74 3.08 44.68 9.83
CA ARG C 74 3.03 45.95 10.51
C ARG C 74 4.37 46.27 11.16
N LYS C 75 4.95 47.42 10.83
CA LYS C 75 6.17 47.86 11.49
C LYS C 75 6.02 47.68 13.00
N VAL C 76 7.07 47.21 13.65
CA VAL C 76 7.06 46.98 15.09
C VAL C 76 7.38 48.27 15.84
N PRO C 77 6.47 48.69 16.72
CA PRO C 77 6.64 49.87 17.57
C PRO C 77 7.95 49.83 18.35
N GLY C 78 8.90 50.69 17.99
CA GLY C 78 10.14 50.80 18.72
C GLY C 78 11.37 50.58 17.85
N PHE C 79 11.13 50.25 16.58
CA PHE C 79 12.21 49.92 15.65
C PHE C 79 11.96 50.54 14.29
N ASP C 80 13.04 50.79 13.56
CA ASP C 80 12.94 51.39 12.24
C ASP C 80 12.53 50.36 11.19
N ASN C 81 13.32 49.30 11.10
CA ASN C 81 13.24 48.38 9.97
C ASN C 81 12.65 47.01 10.27
N LEU C 82 12.19 46.81 11.50
CA LEU C 82 11.61 45.53 11.88
C LEU C 82 10.09 45.50 11.73
N SER C 83 9.58 44.61 10.89
CA SER C 83 8.14 44.46 10.73
C SER C 83 7.76 43.09 11.22
N ALA C 84 6.51 42.89 11.61
CA ALA C 84 6.08 41.59 12.14
C ALA C 84 4.69 41.20 11.70
N MET C 85 4.50 39.94 11.37
CA MET C 85 3.17 39.45 11.01
C MET C 85 2.88 38.12 11.68
N GLU C 86 1.60 37.84 11.90
CA GLU C 86 1.21 36.70 12.69
C GLU C 86 0.06 35.97 12.00
N ILE C 87 0.39 34.87 11.34
CA ILE C 87 -0.56 34.21 10.45
C ILE C 87 -0.92 32.82 10.97
N ASP C 88 -2.19 32.46 10.81
CA ASP C 88 -2.67 31.13 11.12
C ASP C 88 -3.09 30.46 9.82
N PRO C 89 -2.50 29.27 9.54
CA PRO C 89 -2.77 28.52 8.31
C PRO C 89 -4.23 28.08 8.18
N ASN C 90 -4.79 27.49 9.23
CA ASN C 90 -6.19 27.03 9.19
C ASN C 90 -7.18 28.08 8.70
N LEU C 91 -6.85 29.35 8.95
CA LEU C 91 -7.62 30.46 8.42
C LEU C 91 -7.27 30.69 6.96
N SER C 92 -6.00 30.88 6.67
CA SER C 92 -5.55 31.07 5.30
C SER C 92 -6.05 29.97 4.37
N ILE C 93 -6.39 28.81 4.92
CA ILE C 93 -6.90 27.70 4.14
C ILE C 93 -8.33 27.99 3.70
N GLN C 94 -9.22 28.19 4.66
CA GLN C 94 -10.62 28.45 4.35
C GLN C 94 -10.81 29.79 3.63
N GLU C 95 -9.88 30.71 3.81
CA GLU C 95 -9.91 32.00 3.12
C GLU C 95 -9.68 31.78 1.62
N MET C 96 -8.68 30.96 1.29
CA MET C 96 -8.27 30.77 -0.10
C MET C 96 -9.17 29.82 -0.88
N THR C 97 -9.81 28.89 -0.18
CA THR C 97 -10.65 27.88 -0.84
C THR C 97 -12.01 28.41 -1.28
N GLU C 98 -12.73 29.04 -0.34
CA GLU C 98 -13.99 29.70 -0.66
C GLU C 98 -13.77 30.80 -1.72
N GLN C 99 -12.57 31.38 -1.69
CA GLN C 99 -12.13 32.42 -2.63
C GLN C 99 -12.13 31.91 -4.09
N ALA C 100 -12.26 30.60 -4.25
CA ALA C 100 -12.34 29.99 -5.57
C ALA C 100 -13.76 30.09 -6.16
N LEU C 109 -10.73 25.00 -8.01
CA LEU C 109 -11.75 24.35 -7.19
C LEU C 109 -11.11 23.55 -6.05
N SER C 110 -11.86 23.36 -4.98
CA SER C 110 -11.39 22.58 -3.82
C SER C 110 -12.01 21.18 -3.79
N GLY C 111 -13.22 21.04 -4.35
CA GLY C 111 -13.83 19.73 -4.45
C GLY C 111 -12.79 18.75 -4.94
N MET C 112 -12.29 19.00 -6.15
CA MET C 112 -11.17 18.24 -6.70
C MET C 112 -10.03 18.15 -5.69
N MET C 113 -9.61 19.29 -5.16
CA MET C 113 -8.55 19.36 -4.16
C MET C 113 -8.82 18.43 -2.97
N GLN C 114 -10.09 18.19 -2.69
CA GLN C 114 -10.49 17.28 -1.62
C GLN C 114 -10.18 15.86 -2.00
N ASP C 115 -10.59 15.50 -3.20
CA ASP C 115 -10.30 14.18 -3.73
C ASP C 115 -8.79 14.03 -3.77
N LEU C 116 -8.12 15.16 -3.72
CA LEU C 116 -6.68 15.21 -3.64
C LEU C 116 -6.30 15.12 -2.17
N ALA C 117 -7.13 15.73 -1.34
CA ALA C 117 -6.83 15.95 0.07
C ALA C 117 -6.68 14.68 0.89
N PHE C 118 -7.36 13.60 0.49
CA PHE C 118 -7.28 12.36 1.25
C PHE C 118 -6.14 11.48 0.75
N THR C 119 -5.85 11.53 -0.55
CA THR C 119 -4.73 10.79 -1.09
C THR C 119 -3.45 11.48 -0.67
N ILE C 120 -3.47 12.81 -0.73
CA ILE C 120 -2.34 13.61 -0.27
C ILE C 120 -2.73 14.34 1.00
N PRO C 121 -2.23 13.87 2.15
CA PRO C 121 -2.60 14.54 3.39
C PRO C 121 -1.89 15.88 3.54
N GLY C 122 -2.65 16.96 3.66
CA GLY C 122 -2.08 18.27 3.97
C GLY C 122 -1.60 19.10 2.79
N ILE C 123 -2.28 18.95 1.65
CA ILE C 123 -2.00 19.78 0.49
C ILE C 123 -2.58 21.16 0.72
N ASP C 124 -3.68 21.23 1.47
CA ASP C 124 -4.31 22.49 1.79
C ASP C 124 -3.41 23.32 2.69
N GLU C 125 -2.82 22.67 3.69
CA GLU C 125 -1.86 23.31 4.58
C GLU C 125 -0.62 23.73 3.78
N ALA C 126 -0.28 22.95 2.76
CA ALA C 126 0.89 23.24 1.94
C ALA C 126 0.65 24.30 0.86
N LEU C 127 -0.54 24.29 0.28
CA LEU C 127 -0.91 25.31 -0.69
C LEU C 127 -0.97 26.65 0.00
N ALA C 128 -1.40 26.64 1.25
CA ALA C 128 -1.41 27.84 2.05
C ALA C 128 0.01 28.34 2.13
N PHE C 129 0.90 27.54 2.71
CA PHE C 129 2.30 27.94 2.84
C PHE C 129 2.88 28.43 1.52
N ALA C 130 2.44 27.84 0.43
CA ALA C 130 2.94 28.27 -0.87
C ALA C 130 2.64 29.74 -1.13
N GLU C 131 1.42 30.16 -0.81
CA GLU C 131 1.05 31.55 -1.05
C GLU C 131 1.62 32.50 0.01
N ILE C 132 1.61 32.08 1.27
CA ILE C 132 2.27 32.87 2.32
C ILE C 132 3.68 33.22 1.83
N LEU C 133 4.40 32.24 1.31
CA LEU C 133 5.76 32.50 0.83
C LEU C 133 5.79 33.50 -0.32
N LYS C 134 4.94 33.30 -1.33
CA LYS C 134 4.97 34.21 -2.46
C LYS C 134 4.75 35.66 -2.01
N GLN C 135 3.90 35.85 -1.00
CA GLN C 135 3.71 37.18 -0.43
C GLN C 135 4.99 37.71 0.19
N ILE C 136 5.55 36.98 1.15
CA ILE C 136 6.82 37.37 1.76
C ILE C 136 7.88 37.73 0.70
N LYS C 137 8.03 36.90 -0.32
CA LYS C 137 9.00 37.17 -1.38
C LYS C 137 8.75 38.53 -2.02
N SER C 138 7.47 38.88 -2.20
CA SER C 138 7.11 40.09 -2.93
C SER C 138 7.40 41.38 -2.14
N MET C 139 7.31 41.30 -0.82
CA MET C 139 7.59 42.44 0.06
C MET C 139 9.08 42.69 0.18
N GLU C 140 9.88 41.81 -0.42
CA GLU C 140 11.33 41.95 -0.43
C GLU C 140 11.96 42.46 0.87
N PHE C 141 12.01 41.61 1.90
CA PHE C 141 12.75 41.94 3.10
C PHE C 141 14.15 41.40 2.93
N ASP C 142 15.13 42.09 3.50
CA ASP C 142 16.51 41.64 3.38
C ASP C 142 16.68 40.28 4.07
N CYS C 143 16.01 40.11 5.21
CA CYS C 143 16.07 38.85 5.97
C CYS C 143 14.77 38.60 6.72
N VAL C 144 14.22 37.40 6.62
CA VAL C 144 13.01 37.06 7.36
C VAL C 144 13.17 35.88 8.36
N ILE C 145 12.69 36.08 9.60
CA ILE C 145 12.79 35.10 10.67
C ILE C 145 11.46 34.37 10.89
N PHE C 146 11.43 33.06 10.67
CA PHE C 146 10.20 32.28 10.82
C PHE C 146 10.13 31.67 12.20
N ASP C 147 9.02 31.88 12.88
CA ASP C 147 8.81 31.36 14.22
C ASP C 147 7.81 30.22 14.07
N THR C 148 8.29 28.98 14.15
CA THR C 148 7.46 27.80 13.89
C THR C 148 6.49 27.47 15.03
N ALA C 149 5.50 26.63 14.76
CA ALA C 149 4.52 26.26 15.78
C ALA C 149 5.20 25.41 16.85
N PRO C 150 4.63 25.39 18.06
CA PRO C 150 5.25 24.71 19.19
C PRO C 150 4.86 23.26 19.29
N THR C 151 3.90 22.83 18.49
CA THR C 151 3.37 21.47 18.59
C THR C 151 3.08 20.83 17.25
N GLY C 152 3.03 19.50 17.24
CA GLY C 152 2.76 18.78 16.01
C GLY C 152 4.01 18.79 15.16
N HIS C 153 3.84 18.89 13.84
CA HIS C 153 4.97 18.87 12.94
C HIS C 153 5.55 20.26 12.86
N THR C 154 6.64 20.49 13.58
CA THR C 154 7.19 21.83 13.65
C THR C 154 7.82 22.26 12.33
N LEU C 155 7.92 21.33 11.39
CA LEU C 155 8.62 21.58 10.14
C LEU C 155 7.71 21.53 8.92
N ARG C 156 6.40 21.67 9.10
CA ARG C 156 5.48 21.57 7.98
C ARG C 156 5.90 22.51 6.89
N PHE C 157 6.34 23.70 7.25
CA PHE C 157 6.63 24.74 6.27
C PHE C 157 7.74 24.33 5.33
N LEU C 158 8.84 23.85 5.88
CA LEU C 158 9.96 23.46 5.05
C LEU C 158 9.59 22.28 4.15
N ASN C 159 8.50 21.61 4.50
CA ASN C 159 8.13 20.41 3.78
C ASN C 159 7.11 20.66 2.69
N PHE C 160 6.67 21.90 2.54
CA PHE C 160 5.56 22.19 1.63
C PHE C 160 5.84 21.92 0.15
N PRO C 161 7.08 22.13 -0.30
CA PRO C 161 7.38 21.77 -1.68
C PRO C 161 7.25 20.27 -1.89
N THR C 162 7.71 19.48 -0.93
CA THR C 162 7.56 18.03 -1.03
C THR C 162 6.09 17.66 -1.25
N VAL C 163 5.20 18.15 -0.38
CA VAL C 163 3.79 17.82 -0.50
C VAL C 163 3.22 18.26 -1.84
N LEU C 164 3.62 19.44 -2.31
CA LEU C 164 3.12 19.90 -3.61
C LEU C 164 3.59 18.97 -4.70
N GLU C 165 4.89 18.68 -4.73
CA GLU C 165 5.45 17.83 -5.77
C GLU C 165 4.77 16.45 -5.89
N LYS C 166 4.31 15.89 -4.77
CA LYS C 166 3.57 14.63 -4.83
C LYS C 166 2.28 14.86 -5.57
N ALA C 167 1.54 15.87 -5.17
CA ALA C 167 0.28 16.22 -5.80
C ALA C 167 0.44 16.45 -7.31
N LEU C 168 1.57 17.02 -7.71
CA LEU C 168 1.81 17.27 -9.12
C LEU C 168 2.10 15.98 -9.87
N GLY C 169 2.57 14.97 -9.15
CA GLY C 169 2.80 13.68 -9.74
C GLY C 169 1.50 12.94 -9.97
N LYS C 170 0.54 13.16 -9.08
CA LYS C 170 -0.76 12.52 -9.18
C LYS C 170 -1.59 13.20 -10.26
N LEU C 171 -1.31 14.49 -10.51
CA LEU C 171 -2.06 15.27 -11.50
C LEU C 171 -1.54 15.10 -12.92
N GLY C 172 -0.26 14.76 -13.05
CA GLY C 172 0.34 14.58 -14.36
C GLY C 172 -0.31 13.47 -15.16
N GLY C 173 -0.69 12.39 -14.48
CA GLY C 173 -1.36 11.26 -15.11
C GLY C 173 -2.83 11.50 -15.40
N LEU C 174 -3.39 12.58 -14.84
CA LEU C 174 -4.78 12.94 -15.09
C LEU C 174 -4.97 13.64 -16.43
N SER C 175 -6.07 13.29 -17.11
CA SER C 175 -6.42 13.87 -18.40
C SER C 175 -6.75 15.36 -18.27
N SER C 176 -7.36 15.93 -19.30
CA SER C 176 -7.85 17.29 -19.22
C SER C 176 -8.96 17.35 -18.18
N ARG C 177 -9.93 18.24 -18.36
CA ARG C 177 -11.07 18.37 -17.45
C ARG C 177 -10.67 18.73 -16.01
N PHE C 178 -9.40 18.53 -15.69
CA PHE C 178 -8.84 19.01 -14.42
C PHE C 178 -8.14 20.33 -14.68
N GLY C 179 -8.27 20.81 -15.92
CA GLY C 179 -7.77 22.12 -16.30
C GLY C 179 -8.11 23.18 -15.29
N PRO C 180 -9.37 23.20 -14.84
CA PRO C 180 -9.79 24.11 -13.76
C PRO C 180 -8.86 24.09 -12.54
N MET C 181 -8.62 22.92 -11.94
CA MET C 181 -7.87 22.87 -10.69
C MET C 181 -6.36 23.03 -10.88
N ILE C 182 -5.83 22.52 -11.98
CA ILE C 182 -4.43 22.74 -12.32
C ILE C 182 -4.15 24.24 -12.48
N ASN C 183 -5.00 24.92 -13.25
CA ASN C 183 -4.90 26.37 -13.43
C ASN C 183 -5.19 27.12 -12.13
N GLN C 184 -6.00 26.50 -11.27
CA GLN C 184 -6.38 27.10 -10.00
C GLN C 184 -5.22 27.04 -9.00
N MET C 185 -4.51 25.92 -9.01
CA MET C 185 -3.30 25.76 -8.19
C MET C 185 -2.22 26.71 -8.67
N GLY C 186 -2.05 26.78 -9.98
CA GLY C 186 -1.00 27.58 -10.59
C GLY C 186 -1.00 29.05 -10.21
N SER C 187 -2.18 29.61 -9.96
CA SER C 187 -2.28 31.03 -9.67
C SER C 187 -1.91 31.34 -8.22
N ILE C 188 -2.30 30.45 -7.30
CA ILE C 188 -2.00 30.68 -5.89
C ILE C 188 -0.51 30.56 -5.61
N MET C 189 0.23 29.96 -6.55
CA MET C 189 1.68 29.86 -6.45
C MET C 189 2.37 30.99 -7.22
N GLY C 190 2.00 31.16 -8.49
CA GLY C 190 2.62 32.16 -9.35
C GLY C 190 2.20 32.06 -10.81
N GLN C 196 0.64 30.88 -20.15
CA GLN C 196 -0.73 30.67 -19.69
C GLN C 196 -1.29 29.41 -20.34
N ASP C 197 -1.84 28.51 -19.52
CA ASP C 197 -2.44 27.27 -20.00
C ASP C 197 -1.41 26.24 -20.49
N LEU C 198 -1.89 25.23 -21.21
CA LEU C 198 -1.05 24.14 -21.75
C LEU C 198 -0.69 23.09 -20.69
N PHE C 199 0.13 22.10 -21.07
CA PHE C 199 0.70 21.16 -20.11
C PHE C 199 1.94 21.81 -19.49
N GLY C 200 2.51 22.78 -20.19
CA GLY C 200 3.67 23.50 -19.71
C GLY C 200 3.46 24.15 -18.35
N LYS C 201 2.28 24.75 -18.16
CA LYS C 201 1.95 25.42 -16.91
C LYS C 201 1.92 24.41 -15.77
N MET C 202 1.71 23.15 -16.13
CA MET C 202 1.78 22.02 -15.22
C MET C 202 3.23 21.68 -14.88
N GLU C 203 4.13 22.03 -15.79
CA GLU C 203 5.56 21.78 -15.66
C GLU C 203 6.29 23.05 -15.23
N SER C 204 5.55 24.15 -15.16
CA SER C 204 6.16 25.42 -14.79
C SER C 204 6.00 25.65 -13.30
N MET C 205 5.01 25.00 -12.71
CA MET C 205 4.90 24.92 -11.27
C MET C 205 6.05 24.08 -10.74
N ARG C 206 6.29 22.94 -11.39
CA ARG C 206 7.41 22.07 -11.03
C ARG C 206 8.70 22.89 -10.93
N ALA C 207 8.77 23.93 -11.75
CA ALA C 207 9.96 24.77 -11.79
C ALA C 207 9.94 25.79 -10.66
N ASN C 208 8.74 26.19 -10.28
CA ASN C 208 8.56 27.05 -9.13
C ASN C 208 8.91 26.30 -7.83
N ILE C 209 8.35 25.11 -7.68
CA ILE C 209 8.67 24.26 -6.55
C ILE C 209 10.15 24.01 -6.50
N SER C 210 10.74 23.55 -7.60
CA SER C 210 12.17 23.29 -7.62
C SER C 210 12.96 24.49 -7.13
N GLU C 211 12.44 25.68 -7.38
CA GLU C 211 13.09 26.91 -6.96
C GLU C 211 13.13 27.08 -5.45
N VAL C 212 11.96 26.95 -4.83
CA VAL C 212 11.88 27.00 -3.38
C VAL C 212 12.83 25.99 -2.76
N ASN C 213 12.70 24.73 -3.14
CA ASN C 213 13.58 23.67 -2.64
C ASN C 213 15.05 24.04 -2.70
N LYS C 214 15.50 24.52 -3.85
CA LYS C 214 16.89 24.96 -4.03
C LYS C 214 17.32 25.93 -2.95
N GLN C 215 16.49 26.94 -2.72
CA GLN C 215 16.78 27.94 -1.70
C GLN C 215 16.78 27.39 -0.28
N PHE C 216 15.74 26.65 0.07
CA PHE C 216 15.68 26.01 1.38
C PHE C 216 16.92 25.16 1.66
N LYS C 217 17.38 24.43 0.65
CA LYS C 217 18.47 23.48 0.82
C LYS C 217 19.87 24.08 0.67
N ASN C 218 19.95 25.39 0.46
CA ASN C 218 21.23 26.07 0.20
C ASN C 218 21.75 26.85 1.42
N PRO C 219 22.69 26.27 2.15
CA PRO C 219 23.22 26.81 3.40
C PRO C 219 23.58 28.29 3.37
N ASP C 220 23.86 28.83 2.19
CA ASP C 220 24.25 30.23 2.07
C ASP C 220 23.01 31.09 2.23
N LEU C 221 21.85 30.50 1.95
CA LEU C 221 20.61 31.26 1.90
C LEU C 221 19.67 31.03 3.07
N THR C 222 19.49 29.77 3.47
CA THR C 222 18.60 29.45 4.60
C THR C 222 19.11 28.40 5.59
N THR C 223 19.11 28.78 6.85
CA THR C 223 19.52 27.91 7.95
C THR C 223 18.43 27.85 9.02
N PHE C 224 18.59 26.94 9.97
CA PHE C 224 17.59 26.68 11.00
C PHE C 224 18.24 26.79 12.35
N VAL C 225 17.53 27.32 13.34
CA VAL C 225 18.05 27.36 14.70
C VAL C 225 17.10 26.70 15.69
N CYS C 226 17.60 25.65 16.34
CA CYS C 226 16.82 24.86 17.30
C CYS C 226 16.92 25.49 18.66
N VAL C 227 15.80 25.54 19.37
CA VAL C 227 15.82 25.93 20.76
C VAL C 227 15.22 24.85 21.67
N CYS C 228 15.79 24.71 22.86
CA CYS C 228 15.35 23.69 23.80
C CYS C 228 15.68 24.11 25.21
N ILE C 229 15.30 23.25 26.17
CA ILE C 229 15.70 23.42 27.55
C ILE C 229 16.48 22.20 27.98
N SER C 230 17.23 22.31 29.06
CA SER C 230 18.13 21.23 29.47
C SER C 230 17.43 20.14 30.29
N GLU C 231 16.46 19.48 29.68
CA GLU C 231 15.77 18.39 30.31
C GLU C 231 15.74 17.18 29.38
N PHE C 232 15.35 16.03 29.91
CA PHE C 232 15.40 14.79 29.16
C PHE C 232 14.48 14.82 27.95
N LEU C 233 13.21 15.09 28.19
CA LEU C 233 12.22 15.07 27.15
C LEU C 233 12.56 16.07 26.04
N SER C 234 13.04 17.25 26.43
CA SER C 234 13.37 18.27 25.46
C SER C 234 14.59 17.91 24.63
N LEU C 235 15.52 17.13 25.19
CA LEU C 235 16.65 16.67 24.42
C LEU C 235 16.18 15.66 23.41
N TYR C 236 15.31 14.77 23.84
CA TYR C 236 14.83 13.70 22.99
C TYR C 236 14.11 14.28 21.78
N GLU C 237 13.08 15.09 22.03
CA GLU C 237 12.32 15.67 20.93
C GLU C 237 13.18 16.54 20.03
N THR C 238 14.24 17.08 20.60
CA THR C 238 15.16 17.92 19.84
C THR C 238 16.03 17.11 18.88
N GLU C 239 16.49 15.93 19.31
CA GLU C 239 17.27 15.07 18.43
C GLU C 239 16.42 14.58 17.27
N ARG C 240 15.19 14.20 17.56
CA ARG C 240 14.31 13.74 16.50
C ARG C 240 14.09 14.84 15.46
N MET C 241 14.17 16.07 15.91
CA MET C 241 13.97 17.21 15.04
C MET C 241 15.20 17.48 14.20
N ILE C 242 16.37 17.25 14.76
CA ILE C 242 17.60 17.46 14.01
C ILE C 242 17.78 16.35 12.97
N GLN C 243 17.34 15.14 13.30
CA GLN C 243 17.40 14.06 12.34
C GLN C 243 16.46 14.37 11.20
N GLU C 244 15.22 14.69 11.53
CA GLU C 244 14.23 15.08 10.53
C GLU C 244 14.74 16.21 9.64
N LEU C 245 15.57 17.09 10.19
CA LEU C 245 16.10 18.21 9.43
C LEU C 245 17.11 17.75 8.40
N THR C 246 18.19 17.12 8.85
CA THR C 246 19.19 16.61 7.90
C THR C 246 18.51 15.76 6.81
N SER C 247 17.41 15.12 7.17
CA SER C 247 16.60 14.37 6.23
C SER C 247 15.95 15.28 5.18
N TYR C 248 15.41 16.41 5.63
CA TYR C 248 14.83 17.41 4.75
C TYR C 248 15.91 18.21 4.06
N GLU C 249 17.17 17.94 4.40
CA GLU C 249 18.33 18.58 3.79
C GLU C 249 18.42 20.07 4.10
N ILE C 250 17.83 20.49 5.21
CA ILE C 250 17.93 21.87 5.66
C ILE C 250 19.11 22.04 6.61
N ASP C 251 19.92 23.06 6.39
CA ASP C 251 21.10 23.26 7.23
C ASP C 251 20.76 23.67 8.65
N THR C 252 21.55 23.23 9.62
CA THR C 252 21.38 23.71 10.98
C THR C 252 22.68 23.64 11.77
N HIS C 253 23.01 24.72 12.45
CA HIS C 253 24.27 24.81 13.17
C HIS C 253 24.20 25.75 14.36
N ASN C 254 22.99 25.97 14.88
CA ASN C 254 22.82 26.70 16.12
C ASN C 254 21.77 26.07 17.00
N ILE C 255 21.99 26.10 18.30
CA ILE C 255 21.03 25.59 19.24
C ILE C 255 21.12 26.33 20.55
N VAL C 256 20.06 27.03 20.91
CA VAL C 256 20.04 27.80 22.15
C VAL C 256 19.28 27.08 23.25
N VAL C 257 19.88 27.02 24.44
CA VAL C 257 19.23 26.32 25.53
C VAL C 257 18.80 27.31 26.59
N ASN C 258 17.49 27.36 26.85
CA ASN C 258 16.92 28.39 27.69
C ASN C 258 16.62 27.97 29.13
N GLN C 259 16.04 28.91 29.85
CA GLN C 259 15.66 28.75 31.24
C GLN C 259 16.54 27.83 32.06
N LEU C 260 17.84 27.78 31.75
CA LEU C 260 18.73 27.06 32.64
C LEU C 260 19.33 28.02 33.64
N LEU C 261 19.49 27.57 34.88
CA LEU C 261 19.96 28.45 35.93
C LEU C 261 21.42 28.18 36.26
N LEU C 262 22.25 29.19 36.05
CA LEU C 262 23.68 29.02 36.19
C LEU C 262 24.30 30.04 37.13
N ASP C 263 23.96 29.91 38.41
CA ASP C 263 24.70 30.55 39.49
C ASP C 263 25.42 29.43 40.23
N PRO C 264 26.74 29.31 40.01
CA PRO C 264 27.55 28.16 40.42
C PRO C 264 27.33 27.78 41.87
N ASN C 265 27.29 28.81 42.71
CA ASN C 265 27.07 28.62 44.13
C ASN C 265 25.71 29.15 44.55
N THR C 266 24.69 28.31 44.43
CA THR C 266 23.34 28.69 44.79
C THR C 266 22.96 27.97 46.08
N THR C 267 22.10 28.62 46.88
CA THR C 267 21.81 28.14 48.22
C THR C 267 20.47 27.42 48.37
N CYS C 268 19.54 27.69 47.46
CA CYS C 268 18.25 27.02 47.43
C CYS C 268 18.39 25.52 47.16
N PRO C 269 17.91 24.69 48.08
CA PRO C 269 18.11 23.23 47.94
C PRO C 269 17.49 22.71 46.66
N GLN C 270 16.34 23.29 46.28
CA GLN C 270 15.61 22.88 45.08
C GLN C 270 16.38 23.29 43.83
N CYS C 271 16.68 24.59 43.73
CA CYS C 271 17.46 25.14 42.63
C CYS C 271 18.78 24.40 42.43
N MET C 272 19.33 23.85 43.52
CA MET C 272 20.55 23.06 43.44
C MET C 272 20.27 21.74 42.74
N ALA C 273 19.15 21.12 43.09
CA ALA C 273 18.72 19.87 42.47
C ALA C 273 18.52 20.08 40.97
N ARG C 274 17.69 21.07 40.64
CA ARG C 274 17.46 21.50 39.25
C ARG C 274 18.78 21.66 38.50
N ARG C 275 19.62 22.56 39.00
CA ARG C 275 20.90 22.80 38.39
C ARG C 275 21.72 21.52 38.19
N LYS C 276 21.63 20.57 39.12
CA LYS C 276 22.39 19.32 39.00
C LYS C 276 21.92 18.59 37.75
N MET C 277 20.62 18.29 37.69
CA MET C 277 20.03 17.64 36.52
C MET C 277 20.36 18.41 35.25
N GLN C 278 20.08 19.70 35.25
CA GLN C 278 20.36 20.51 34.07
C GLN C 278 21.80 20.31 33.61
N GLN C 279 22.75 20.45 34.53
CA GLN C 279 24.14 20.48 34.14
C GLN C 279 24.62 19.16 33.52
N LYS C 280 23.93 18.06 33.80
CA LYS C 280 24.33 16.76 33.26
C LYS C 280 23.77 16.58 31.88
N TYR C 281 22.65 17.23 31.59
CA TYR C 281 22.09 17.18 30.25
C TYR C 281 22.78 18.20 29.36
N LEU C 282 23.12 19.35 29.92
CA LEU C 282 23.90 20.33 29.20
C LEU C 282 25.25 19.76 28.81
N ALA C 283 25.74 18.81 29.59
CA ALA C 283 26.99 18.13 29.29
C ALA C 283 26.80 17.21 28.10
N GLN C 284 25.66 16.54 28.04
CA GLN C 284 25.35 15.69 26.91
C GLN C 284 25.24 16.50 25.63
N ILE C 285 24.52 17.61 25.69
CA ILE C 285 24.38 18.48 24.54
C ILE C 285 25.73 18.93 24.04
N GLU C 286 26.53 19.50 24.92
CA GLU C 286 27.83 20.03 24.52
C GLU C 286 28.65 19.00 23.73
N GLU C 287 28.45 17.72 24.05
CA GLU C 287 29.23 16.65 23.45
C GLU C 287 28.64 16.17 22.12
N LEU C 288 27.33 15.97 22.06
CA LEU C 288 26.65 15.57 20.82
C LEU C 288 26.76 16.57 19.68
N TYR C 289 26.90 17.84 20.00
CA TYR C 289 26.92 18.88 19.00
C TYR C 289 28.18 19.74 19.07
N GLU C 290 29.31 19.13 18.69
CA GLU C 290 30.58 19.84 18.60
C GLU C 290 30.49 20.81 17.42
N ASP C 291 29.66 20.44 16.45
CA ASP C 291 29.51 21.17 15.19
C ASP C 291 28.40 22.25 15.19
N PHE C 292 27.85 22.53 16.37
CA PHE C 292 26.78 23.51 16.55
C PHE C 292 27.24 24.58 17.51
N HIS C 293 26.90 25.83 17.24
CA HIS C 293 27.09 26.88 18.21
C HIS C 293 26.07 26.66 19.29
N VAL C 294 26.49 26.23 20.47
CA VAL C 294 25.51 26.01 21.51
C VAL C 294 25.55 27.17 22.48
N VAL C 295 24.48 27.96 22.48
CA VAL C 295 24.39 29.19 23.27
C VAL C 295 23.53 29.01 24.51
N LYS C 296 24.07 29.38 25.67
CA LYS C 296 23.37 29.13 26.92
C LYS C 296 22.87 30.44 27.50
N VAL C 297 21.58 30.47 27.82
CA VAL C 297 20.93 31.64 28.39
C VAL C 297 20.09 31.30 29.64
N PRO C 298 20.08 32.19 30.64
CA PRO C 298 19.54 31.93 31.96
C PRO C 298 18.02 31.99 32.06
N GLN C 299 17.52 31.52 33.19
CA GLN C 299 16.11 31.63 33.52
C GLN C 299 15.86 33.01 34.06
N VAL C 300 15.01 33.77 33.40
CA VAL C 300 14.63 35.08 33.92
C VAL C 300 13.43 34.94 34.85
N PRO C 301 13.50 35.56 36.04
CA PRO C 301 12.45 35.48 37.05
C PRO C 301 11.14 36.09 36.57
N ALA C 302 11.21 37.24 35.90
CA ALA C 302 10.03 37.88 35.35
C ALA C 302 9.78 37.40 33.92
N GLU C 303 8.52 37.35 33.49
CA GLU C 303 8.22 37.02 32.10
C GLU C 303 8.74 38.13 31.22
N VAL C 304 9.36 37.77 30.10
CA VAL C 304 9.92 38.77 29.18
C VAL C 304 8.84 39.41 28.32
N ARG C 305 8.60 40.69 28.55
CA ARG C 305 7.52 41.39 27.89
C ARG C 305 7.88 42.87 27.74
N GLY C 306 7.52 43.45 26.60
CA GLY C 306 7.81 44.85 26.34
C GLY C 306 9.03 45.01 25.46
N THR C 307 9.02 46.04 24.62
CA THR C 307 10.10 46.23 23.66
C THR C 307 11.41 46.67 24.32
N GLU C 308 11.41 46.80 25.63
CA GLU C 308 12.63 47.17 26.34
C GLU C 308 13.22 45.99 27.07
N ALA C 309 12.36 45.15 27.64
CA ALA C 309 12.78 43.91 28.28
C ALA C 309 13.35 42.97 27.21
N LEU C 310 12.76 43.01 26.02
CA LEU C 310 13.21 42.19 24.92
C LEU C 310 14.57 42.63 24.41
N LYS C 311 14.74 43.93 24.22
CA LYS C 311 16.04 44.44 23.77
C LYS C 311 17.15 43.95 24.69
N SER C 312 16.95 44.12 25.99
CA SER C 312 17.95 43.77 27.00
C SER C 312 18.22 42.26 27.04
N PHE C 313 17.19 41.46 26.78
CA PHE C 313 17.32 40.00 26.77
C PHE C 313 18.11 39.54 25.55
N SER C 314 17.81 40.13 24.40
CA SER C 314 18.45 39.71 23.14
C SER C 314 19.97 39.77 23.29
N GLU C 315 20.42 40.47 24.31
CA GLU C 315 21.82 40.66 24.58
C GLU C 315 22.55 39.32 24.73
N MET C 316 21.90 38.38 25.42
CA MET C 316 22.57 37.15 25.84
C MET C 316 22.68 36.17 24.71
N LEU C 317 22.06 36.51 23.58
CA LEU C 317 22.14 35.69 22.37
C LEU C 317 23.37 36.04 21.56
N VAL C 318 23.93 37.23 21.77
CA VAL C 318 25.13 37.65 21.05
C VAL C 318 26.35 37.84 21.98
N LYS C 319 26.12 37.80 23.29
CA LYS C 319 27.19 37.91 24.26
C LYS C 319 27.03 36.89 25.38
N PRO C 320 27.86 35.85 25.39
CA PRO C 320 27.80 34.79 26.41
C PRO C 320 27.55 35.36 27.81
N TYR C 321 26.64 34.75 28.56
CA TYR C 321 26.26 35.30 29.85
C TYR C 321 27.03 34.65 31.00
N VAL C 322 27.51 35.46 31.95
CA VAL C 322 28.06 34.95 33.20
C VAL C 322 27.63 35.77 34.43
N PRO D 7 -10.65 13.48 44.16
CA PRO D 7 -10.14 12.67 45.29
C PRO D 7 -8.65 12.31 45.12
N GLY D 8 -7.80 13.32 45.30
CA GLY D 8 -6.44 13.27 44.83
C GLY D 8 -5.45 12.33 45.48
N THR D 9 -5.69 11.04 45.35
CA THR D 9 -4.83 10.10 46.01
C THR D 9 -5.01 8.72 45.41
N LEU D 10 -3.95 7.93 45.41
CA LEU D 10 -3.98 6.60 44.82
C LEU D 10 -4.65 5.56 45.71
N GLU D 11 -5.53 6.00 46.61
CA GLU D 11 -6.14 5.06 47.54
C GLU D 11 -6.93 4.00 46.77
N ASN D 12 -7.60 4.46 45.72
CA ASN D 12 -8.51 3.62 44.95
C ASN D 12 -7.86 2.42 44.28
N LEU D 13 -6.53 2.34 44.34
CA LEU D 13 -5.82 1.20 43.77
C LEU D 13 -5.57 0.15 44.86
N LEU D 14 -5.31 0.63 46.06
CA LEU D 14 -5.12 -0.27 47.20
C LEU D 14 -6.46 -0.93 47.56
N GLU D 15 -7.55 -0.19 47.30
CA GLU D 15 -8.90 -0.67 47.58
C GLU D 15 -9.38 -1.74 46.61
N GLN D 16 -9.24 -1.47 45.31
CA GLN D 16 -9.67 -2.43 44.29
C GLN D 16 -8.78 -3.67 44.33
N THR D 17 -9.23 -4.70 45.03
CA THR D 17 -8.40 -5.88 45.25
C THR D 17 -8.49 -6.88 44.09
N SER D 18 -9.38 -6.60 43.15
CA SER D 18 -9.54 -7.45 41.97
C SER D 18 -8.37 -7.24 41.02
N LEU D 19 -7.75 -6.06 41.11
CA LEU D 19 -6.60 -5.70 40.28
C LEU D 19 -5.45 -6.71 40.35
N LYS D 20 -5.02 -7.18 39.17
CA LYS D 20 -3.90 -8.11 39.07
C LYS D 20 -2.69 -7.49 38.37
N TRP D 21 -2.95 -6.60 37.42
CA TRP D 21 -1.86 -5.89 36.74
C TRP D 21 -2.04 -4.38 36.83
N ILE D 22 -1.01 -3.68 37.28
CA ILE D 22 -1.03 -2.23 37.22
C ILE D 22 0.21 -1.68 36.49
N PHE D 23 -0.03 -1.04 35.36
CA PHE D 23 1.06 -0.47 34.58
C PHE D 23 1.26 0.99 34.94
N VAL D 24 2.50 1.39 35.14
CA VAL D 24 2.77 2.80 35.33
C VAL D 24 3.80 3.29 34.30
N GLY D 25 3.48 4.41 33.66
CA GLY D 25 4.29 4.90 32.56
C GLY D 25 4.19 6.40 32.40
N GLY D 26 5.18 6.96 31.72
CA GLY D 26 5.22 8.39 31.52
C GLY D 26 6.51 8.68 30.79
N LYS D 27 6.46 9.59 29.83
CA LYS D 27 7.61 9.90 28.98
C LYS D 27 8.76 10.49 29.79
N GLY D 28 9.68 9.60 30.14
CA GLY D 28 10.77 9.81 31.08
C GLY D 28 11.21 11.20 31.51
N GLY D 29 11.76 11.27 32.72
CA GLY D 29 12.25 12.52 33.27
C GLY D 29 11.28 13.12 34.28
N VAL D 30 10.38 12.29 34.78
CA VAL D 30 9.25 12.80 35.55
C VAL D 30 9.06 12.02 36.85
N GLY D 31 10.13 11.38 37.32
CA GLY D 31 10.07 10.65 38.56
C GLY D 31 9.16 9.45 38.43
N LYS D 32 9.12 8.88 37.22
CA LYS D 32 8.32 7.70 36.96
C LYS D 32 8.77 6.52 37.83
N THR D 33 10.06 6.28 37.90
CA THR D 33 10.57 5.14 38.67
C THR D 33 10.25 5.21 40.17
N THR D 34 10.49 6.37 40.75
CA THR D 34 10.12 6.61 42.14
C THR D 34 8.65 6.28 42.35
N THR D 35 7.79 6.74 41.46
CA THR D 35 6.36 6.48 41.57
C THR D 35 6.05 4.97 41.52
N SER D 36 6.68 4.25 40.60
CA SER D 36 6.42 2.81 40.48
C SER D 36 6.74 2.11 41.79
N CYS D 37 7.90 2.43 42.34
CA CYS D 37 8.35 1.87 43.62
C CYS D 37 7.41 2.22 44.77
N SER D 38 7.20 3.52 44.97
CA SER D 38 6.30 3.98 46.03
C SER D 38 4.95 3.28 45.95
N LEU D 39 4.49 3.00 44.74
CA LEU D 39 3.21 2.34 44.60
C LEU D 39 3.31 0.86 44.93
N ALA D 40 4.47 0.27 44.67
CA ALA D 40 4.68 -1.16 44.92
C ALA D 40 4.76 -1.43 46.43
N ILE D 41 5.47 -0.55 47.12
CA ILE D 41 5.59 -0.61 48.57
C ILE D 41 4.19 -0.54 49.20
N GLN D 42 3.45 0.52 48.93
CA GLN D 42 2.10 0.68 49.46
C GLN D 42 1.18 -0.49 49.15
N MET D 43 1.37 -1.10 47.98
CA MET D 43 0.53 -2.23 47.58
C MET D 43 0.92 -3.47 48.38
N SER D 44 2.20 -3.57 48.73
CA SER D 44 2.69 -4.73 49.48
C SER D 44 2.11 -4.76 50.90
N LYS D 45 1.70 -3.59 51.40
CA LYS D 45 1.12 -3.49 52.75
C LYS D 45 -0.28 -4.07 52.80
N VAL D 46 -0.91 -4.24 51.66
CA VAL D 46 -2.32 -4.60 51.64
C VAL D 46 -2.60 -5.81 50.73
N ARG D 47 -1.54 -6.51 50.33
CA ARG D 47 -1.68 -7.70 49.49
C ARG D 47 -0.74 -8.79 49.95
N SER D 48 -1.03 -10.01 49.50
CA SER D 48 -0.22 -11.16 49.90
C SER D 48 1.14 -11.16 49.23
N SER D 49 1.13 -10.98 47.92
CA SER D 49 2.36 -11.11 47.13
C SER D 49 2.38 -10.06 46.00
N VAL D 50 3.38 -9.18 46.05
CA VAL D 50 3.50 -8.11 45.06
C VAL D 50 4.83 -8.21 44.28
N LEU D 51 4.75 -8.04 42.96
CA LEU D 51 5.93 -8.05 42.11
C LEU D 51 6.10 -6.70 41.40
N LEU D 52 7.31 -6.18 41.39
CA LEU D 52 7.62 -4.93 40.70
C LEU D 52 8.64 -5.18 39.57
N ILE D 53 8.16 -5.18 38.32
CA ILE D 53 9.03 -5.45 37.17
C ILE D 53 9.28 -4.20 36.33
N SER D 54 10.50 -4.07 35.80
CA SER D 54 10.81 -2.91 34.98
C SER D 54 11.55 -3.29 33.70
N THR D 55 11.16 -2.67 32.60
CA THR D 55 11.80 -2.93 31.31
C THR D 55 12.70 -1.77 30.89
N ASP D 56 12.88 -0.82 31.81
CA ASP D 56 13.83 0.27 31.62
C ASP D 56 15.22 -0.34 31.71
N PRO D 57 15.97 -0.31 30.60
CA PRO D 57 17.29 -0.94 30.49
C PRO D 57 18.28 -0.29 31.44
N ALA D 58 18.02 0.97 31.77
CA ALA D 58 18.90 1.76 32.64
C ALA D 58 18.99 1.24 34.07
N HIS D 59 18.56 0.00 34.29
CA HIS D 59 18.58 -0.60 35.62
C HIS D 59 18.20 0.39 36.73
N ASN D 60 17.18 1.20 36.42
CA ASN D 60 16.65 2.24 37.29
C ASN D 60 16.12 1.70 38.61
N LEU D 61 15.74 0.43 38.60
CA LEU D 61 15.13 -0.19 39.76
C LEU D 61 16.20 -0.51 40.79
N SER D 62 17.35 -0.99 40.31
CA SER D 62 18.52 -1.20 41.15
C SER D 62 18.97 0.12 41.79
N ASP D 63 19.32 1.09 40.95
CA ASP D 63 19.76 2.40 41.43
C ASP D 63 18.84 3.00 42.49
N ALA D 64 17.60 2.56 42.56
CA ALA D 64 16.64 3.14 43.48
C ALA D 64 16.64 2.46 44.85
N PHE D 65 16.82 1.14 44.84
CA PHE D 65 16.78 0.37 46.09
C PHE D 65 18.15 0.15 46.69
N GLY D 66 19.19 0.36 45.89
CA GLY D 66 20.54 0.11 46.32
C GLY D 66 20.96 -1.27 45.88
N THR D 67 20.04 -2.24 45.97
CA THR D 67 20.32 -3.62 45.59
C THR D 67 20.51 -3.75 44.08
N LYS D 68 21.04 -4.88 43.64
CA LYS D 68 21.09 -5.21 42.22
C LYS D 68 20.01 -6.23 41.89
N PHE D 69 19.21 -5.92 40.89
CA PHE D 69 18.17 -6.84 40.43
C PHE D 69 18.49 -7.31 39.03
N GLY D 70 17.83 -8.40 38.62
CA GLY D 70 18.11 -8.99 37.33
C GLY D 70 16.94 -9.71 36.71
N LYS D 71 17.25 -10.54 35.71
CA LYS D 71 16.22 -11.18 34.90
C LYS D 71 15.43 -12.25 35.67
N ASP D 72 15.53 -12.25 36.99
CA ASP D 72 14.69 -13.14 37.78
C ASP D 72 14.39 -12.65 39.19
N ALA D 73 13.19 -13.01 39.65
CA ALA D 73 12.59 -12.43 40.84
C ALA D 73 13.42 -12.61 42.10
N ARG D 74 13.79 -11.48 42.71
CA ARG D 74 14.50 -11.51 43.99
C ARG D 74 13.71 -10.71 45.01
N LYS D 75 13.36 -11.34 46.12
CA LYS D 75 12.75 -10.62 47.23
C LYS D 75 13.50 -9.32 47.48
N VAL D 76 12.75 -8.24 47.74
CA VAL D 76 13.36 -6.94 47.97
C VAL D 76 13.77 -6.75 49.44
N PRO D 77 15.06 -6.48 49.66
CA PRO D 77 15.61 -6.24 51.00
C PRO D 77 14.83 -5.18 51.78
N GLY D 78 14.10 -5.60 52.80
CA GLY D 78 13.40 -4.66 53.66
C GLY D 78 11.93 -4.94 53.72
N PHE D 79 11.48 -5.93 52.95
CA PHE D 79 10.05 -6.26 52.85
C PHE D 79 9.81 -7.77 52.85
N ASP D 80 8.63 -8.17 53.32
CA ASP D 80 8.29 -9.58 53.38
C ASP D 80 7.88 -10.11 52.00
N ASN D 81 6.86 -9.47 51.42
CA ASN D 81 6.19 -10.02 50.25
C ASN D 81 6.47 -9.31 48.91
N LEU D 82 7.35 -8.33 48.93
CA LEU D 82 7.67 -7.59 47.72
C LEU D 82 8.90 -8.18 47.03
N SER D 83 8.71 -8.64 45.79
CA SER D 83 9.81 -9.12 44.96
C SER D 83 9.98 -8.21 43.76
N ALA D 84 11.17 -8.19 43.18
CA ALA D 84 11.44 -7.26 42.07
C ALA D 84 12.34 -7.88 41.01
N MET D 85 12.00 -7.66 39.75
CA MET D 85 12.87 -8.12 38.66
C MET D 85 13.06 -7.04 37.61
N GLU D 86 14.18 -7.11 36.90
CA GLU D 86 14.56 -6.05 36.00
C GLU D 86 15.01 -6.65 34.70
N ILE D 87 14.12 -6.59 33.70
CA ILE D 87 14.34 -7.28 32.44
C ILE D 87 14.51 -6.33 31.25
N ASP D 88 15.44 -6.67 30.36
CA ASP D 88 15.64 -5.93 29.13
C ASP D 88 15.24 -6.85 27.97
N PRO D 89 14.30 -6.38 27.12
CA PRO D 89 13.77 -7.15 25.99
C PRO D 89 14.84 -7.51 24.96
N ASN D 90 15.63 -6.54 24.53
CA ASN D 90 16.67 -6.77 23.53
C ASN D 90 17.57 -7.96 23.86
N LEU D 91 17.74 -8.22 25.16
CA LEU D 91 18.49 -9.39 25.60
C LEU D 91 17.60 -10.63 25.50
N SER D 92 16.42 -10.56 26.10
CA SER D 92 15.47 -11.66 26.05
C SER D 92 15.18 -12.11 24.62
N ILE D 93 15.39 -11.20 23.66
CA ILE D 93 15.20 -11.52 22.25
C ILE D 93 16.31 -12.44 21.75
N GLN D 94 17.54 -11.99 21.83
CA GLN D 94 18.68 -12.78 21.36
C GLN D 94 18.88 -14.05 22.19
N GLU D 95 18.39 -14.04 23.44
CA GLU D 95 18.44 -15.22 24.31
C GLU D 95 17.52 -16.32 23.79
N MET D 96 16.29 -15.93 23.41
CA MET D 96 15.26 -16.87 22.99
C MET D 96 15.42 -17.37 21.53
N THR D 97 16.02 -16.55 20.68
CA THR D 97 16.19 -16.88 19.25
C THR D 97 17.29 -17.90 19.00
N GLU D 98 18.49 -17.63 19.52
CA GLU D 98 19.61 -18.56 19.43
C GLU D 98 19.25 -19.88 20.13
N GLN D 99 18.38 -19.77 21.14
CA GLN D 99 17.87 -20.89 21.93
C GLN D 99 17.08 -21.89 21.06
N ALA D 100 16.77 -21.47 19.84
CA ALA D 100 16.08 -22.32 18.85
C ALA D 100 17.05 -23.26 18.15
N LEU D 109 12.30 -21.60 14.61
CA LEU D 109 13.36 -20.93 13.86
C LEU D 109 13.10 -19.40 13.79
N SER D 110 14.18 -18.63 13.65
CA SER D 110 14.08 -17.17 13.54
C SER D 110 14.26 -16.68 12.11
N GLY D 111 14.97 -17.46 11.29
CA GLY D 111 15.09 -17.15 9.88
C GLY D 111 13.72 -16.81 9.32
N MET D 112 12.83 -17.78 9.37
CA MET D 112 11.43 -17.56 9.04
C MET D 112 10.89 -16.33 9.78
N MET D 113 11.08 -16.28 11.09
CA MET D 113 10.65 -15.15 11.91
C MET D 113 11.17 -13.81 11.37
N GLN D 114 12.32 -13.84 10.71
CA GLN D 114 12.88 -12.64 10.10
C GLN D 114 12.06 -12.21 8.91
N ASP D 115 11.77 -13.16 8.05
CA ASP D 115 10.95 -12.92 6.88
C ASP D 115 9.59 -12.44 7.38
N LEU D 116 9.36 -12.72 8.65
CA LEU D 116 8.17 -12.25 9.34
C LEU D 116 8.48 -10.86 9.89
N ALA D 117 9.74 -10.69 10.28
CA ALA D 117 10.20 -9.52 11.03
C ALA D 117 10.09 -8.21 10.28
N PHE D 118 10.19 -8.26 8.96
CA PHE D 118 10.11 -7.03 8.18
C PHE D 118 8.67 -6.71 7.76
N THR D 119 7.86 -7.74 7.52
CA THR D 119 6.45 -7.52 7.23
C THR D 119 5.74 -7.09 8.49
N ILE D 120 6.08 -7.75 9.58
CA ILE D 120 5.55 -7.42 10.89
C ILE D 120 6.66 -6.80 11.75
N PRO D 121 6.64 -5.47 11.91
CA PRO D 121 7.68 -4.84 12.71
C PRO D 121 7.49 -5.11 14.20
N GLY D 122 8.48 -5.75 14.81
CA GLY D 122 8.50 -5.90 16.25
C GLY D 122 7.77 -7.11 16.78
N ILE D 123 7.80 -8.20 16.02
CA ILE D 123 7.27 -9.48 16.50
C ILE D 123 8.24 -10.08 17.50
N ASP D 124 9.53 -9.80 17.32
CA ASP D 124 10.56 -10.30 18.21
C ASP D 124 10.40 -9.66 19.59
N GLU D 125 10.18 -8.36 19.61
CA GLU D 125 9.93 -7.64 20.84
C GLU D 125 8.62 -8.11 21.48
N ALA D 126 7.68 -8.53 20.66
CA ALA D 126 6.37 -8.97 21.16
C ALA D 126 6.39 -10.42 21.62
N LEU D 127 7.17 -11.25 20.92
CA LEU D 127 7.31 -12.64 21.31
C LEU D 127 8.02 -12.69 22.63
N ALA D 128 8.94 -11.77 22.82
CA ALA D 128 9.63 -11.66 24.07
C ALA D 128 8.58 -11.40 25.13
N PHE D 129 7.89 -10.28 25.01
CA PHE D 129 6.86 -9.93 25.98
C PHE D 129 5.90 -11.08 26.26
N ALA D 130 5.61 -11.89 25.24
CA ALA D 130 4.72 -13.01 25.41
C ALA D 130 5.25 -14.00 26.44
N GLU D 131 6.54 -14.29 26.38
CA GLU D 131 7.12 -15.23 27.34
C GLU D 131 7.36 -14.59 28.70
N ILE D 132 7.83 -13.35 28.72
CA ILE D 132 7.93 -12.64 30.01
C ILE D 132 6.61 -12.80 30.77
N LEU D 133 5.49 -12.56 30.09
CA LEU D 133 4.20 -12.65 30.73
C LEU D 133 3.92 -14.05 31.24
N LYS D 134 4.13 -15.07 30.40
CA LYS D 134 3.83 -16.44 30.85
C LYS D 134 4.61 -16.79 32.13
N GLN D 135 5.85 -16.31 32.23
CA GLN D 135 6.63 -16.48 33.45
C GLN D 135 5.96 -15.80 34.63
N ILE D 136 5.70 -14.50 34.52
CA ILE D 136 5.00 -13.79 35.60
C ILE D 136 3.73 -14.55 36.06
N LYS D 137 2.92 -14.98 35.10
CA LYS D 137 1.69 -15.69 35.42
C LYS D 137 1.96 -16.94 36.27
N SER D 138 3.04 -17.64 35.94
CA SER D 138 3.37 -18.90 36.60
C SER D 138 3.80 -18.69 38.07
N MET D 139 4.48 -17.59 38.34
CA MET D 139 4.95 -17.30 39.71
C MET D 139 3.80 -16.84 40.61
N GLU D 140 2.62 -16.68 40.02
CA GLU D 140 1.41 -16.34 40.76
C GLU D 140 1.60 -15.30 41.86
N PHE D 141 1.81 -14.06 41.48
CA PHE D 141 1.79 -12.96 42.45
C PHE D 141 0.37 -12.42 42.53
N ASP D 142 -0.03 -11.99 43.71
CA ASP D 142 -1.38 -11.47 43.89
C ASP D 142 -1.58 -10.24 43.01
N CYS D 143 -0.54 -9.40 42.93
CA CYS D 143 -0.57 -8.17 42.15
C CYS D 143 0.81 -7.81 41.62
N VAL D 144 0.90 -7.48 40.33
CA VAL D 144 2.18 -7.09 39.73
C VAL D 144 2.17 -5.69 39.11
N ILE D 145 3.17 -4.88 39.45
CA ILE D 145 3.30 -3.50 39.00
C ILE D 145 4.35 -3.39 37.89
N PHE D 146 3.94 -3.00 36.69
CA PHE D 146 4.86 -2.86 35.55
C PHE D 146 5.37 -1.44 35.43
N ASP D 147 6.69 -1.31 35.36
CA ASP D 147 7.35 -0.02 35.19
C ASP D 147 7.83 0.07 33.75
N THR D 148 7.11 0.84 32.93
CA THR D 148 7.39 0.91 31.51
C THR D 148 8.66 1.72 31.18
N ALA D 149 9.18 1.56 29.97
CA ALA D 149 10.33 2.32 29.52
C ALA D 149 10.01 3.80 29.41
N PRO D 150 11.02 4.66 29.51
CA PRO D 150 10.82 6.10 29.57
C PRO D 150 10.79 6.73 28.20
N THR D 151 11.16 5.97 27.17
CA THR D 151 11.29 6.52 25.81
C THR D 151 10.76 5.60 24.73
N GLY D 152 10.44 6.18 23.58
CA GLY D 152 9.91 5.42 22.46
C GLY D 152 8.47 5.09 22.75
N HIS D 153 8.05 3.90 22.35
CA HIS D 153 6.68 3.49 22.57
C HIS D 153 6.51 2.95 23.99
N THR D 154 5.95 3.77 24.87
CA THR D 154 5.87 3.39 26.26
C THR D 154 4.87 2.26 26.48
N LEU D 155 4.11 1.94 25.45
CA LEU D 155 3.03 0.96 25.59
C LEU D 155 3.25 -0.30 24.79
N ARG D 156 4.48 -0.59 24.38
CA ARG D 156 4.73 -1.76 23.55
C ARG D 156 4.14 -3.00 24.19
N PHE D 157 4.23 -3.08 25.51
CA PHE D 157 3.86 -4.29 26.21
C PHE D 157 2.39 -4.60 26.05
N LEU D 158 1.55 -3.60 26.32
CA LEU D 158 0.11 -3.77 26.18
C LEU D 158 -0.30 -4.07 24.73
N ASN D 159 0.59 -3.81 23.79
CA ASN D 159 0.30 -3.97 22.39
C ASN D 159 0.76 -5.32 21.83
N PHE D 160 1.39 -6.12 22.67
CA PHE D 160 2.00 -7.34 22.15
C PHE D 160 1.03 -8.38 21.58
N PRO D 161 -0.18 -8.49 22.16
CA PRO D 161 -1.16 -9.40 21.56
C PRO D 161 -1.54 -8.95 20.16
N THR D 162 -1.70 -7.63 19.97
CA THR D 162 -2.01 -7.09 18.66
C THR D 162 -0.96 -7.54 17.64
N VAL D 163 0.30 -7.31 17.96
CA VAL D 163 1.36 -7.67 17.03
C VAL D 163 1.37 -9.17 16.74
N LEU D 164 1.15 -9.99 17.76
CA LEU D 164 1.12 -11.42 17.54
C LEU D 164 -0.04 -11.78 16.61
N GLU D 165 -1.22 -11.26 16.90
CA GLU D 165 -2.41 -11.58 16.12
C GLU D 165 -2.27 -11.26 14.64
N LYS D 166 -1.53 -10.20 14.30
CA LYS D 166 -1.25 -9.89 12.90
C LYS D 166 -0.44 -11.02 12.28
N ALA D 167 0.66 -11.37 12.96
CA ALA D 167 1.54 -12.45 12.51
C ALA D 167 0.78 -13.75 12.30
N LEU D 168 -0.19 -14.03 13.17
CA LEU D 168 -0.98 -15.25 13.04
C LEU D 168 -1.88 -15.19 11.82
N GLY D 169 -2.24 -13.98 11.41
CA GLY D 169 -3.07 -13.80 10.24
C GLY D 169 -2.27 -14.06 8.99
N LYS D 170 -0.99 -13.71 9.05
CA LYS D 170 -0.08 -13.90 7.93
C LYS D 170 0.31 -15.36 7.81
N LEU D 171 0.29 -16.08 8.94
CA LEU D 171 0.71 -17.48 8.97
C LEU D 171 -0.43 -18.43 8.60
N GLY D 172 -1.67 -17.99 8.79
CA GLY D 172 -2.83 -18.81 8.51
C GLY D 172 -2.91 -19.20 7.04
N GLY D 173 -2.56 -18.26 6.17
CA GLY D 173 -2.58 -18.45 4.73
C GLY D 173 -1.40 -19.25 4.21
N LEU D 174 -0.41 -19.46 5.06
CA LEU D 174 0.77 -20.25 4.71
C LEU D 174 0.53 -21.76 4.79
N SER D 175 1.07 -22.49 3.83
CA SER D 175 0.96 -23.94 3.77
C SER D 175 1.69 -24.60 4.92
N SER D 176 1.90 -25.91 4.82
CA SER D 176 2.71 -26.63 5.80
C SER D 176 4.15 -26.10 5.71
N ARG D 177 5.13 -26.96 5.98
CA ARG D 177 6.55 -26.59 5.90
C ARG D 177 6.94 -25.43 6.82
N PHE D 178 5.96 -24.68 7.30
CA PHE D 178 6.18 -23.68 8.33
C PHE D 178 5.82 -24.29 9.68
N GLY D 179 5.48 -25.58 9.64
CA GLY D 179 5.23 -26.34 10.85
C GLY D 179 6.27 -26.07 11.91
N PRO D 180 7.56 -26.09 11.53
CA PRO D 180 8.64 -25.73 12.45
C PRO D 180 8.40 -24.42 13.22
N MET D 181 8.17 -23.32 12.50
CA MET D 181 8.07 -22.02 13.16
C MET D 181 6.74 -21.80 13.89
N ILE D 182 5.66 -22.34 13.35
CA ILE D 182 4.37 -22.30 14.03
C ILE D 182 4.45 -23.05 15.38
N ASN D 183 5.02 -24.24 15.35
CA ASN D 183 5.25 -25.03 16.57
C ASN D 183 6.28 -24.37 17.48
N GLN D 184 7.20 -23.62 16.87
CA GLN D 184 8.24 -22.92 17.61
C GLN D 184 7.68 -21.71 18.37
N MET D 185 6.78 -20.97 17.72
CA MET D 185 6.08 -19.87 18.38
C MET D 185 5.18 -20.38 19.49
N GLY D 186 4.47 -21.47 19.21
CA GLY D 186 3.52 -22.04 20.14
C GLY D 186 4.08 -22.39 21.50
N SER D 187 5.34 -22.80 21.55
CA SER D 187 5.94 -23.22 22.81
C SER D 187 6.37 -22.03 23.68
N ILE D 188 6.87 -20.97 23.05
CA ILE D 188 7.32 -19.81 23.80
C ILE D 188 6.13 -19.05 24.41
N MET D 189 4.92 -19.35 23.93
CA MET D 189 3.69 -18.79 24.51
C MET D 189 3.06 -19.75 25.53
N GLY D 190 2.84 -21.00 25.11
CA GLY D 190 2.19 -21.99 25.95
C GLY D 190 1.88 -23.29 25.22
N GLN D 196 -1.31 -31.04 20.71
CA GLN D 196 0.01 -30.98 20.09
C GLN D 196 -0.14 -31.11 18.58
N ASP D 197 0.46 -30.18 17.83
CA ASP D 197 0.42 -30.20 16.36
C ASP D 197 -0.95 -29.84 15.79
N LEU D 198 -1.15 -30.12 14.50
CA LEU D 198 -2.39 -29.82 13.77
C LEU D 198 -2.50 -28.35 13.35
N PHE D 199 -3.64 -27.97 12.75
CA PHE D 199 -3.92 -26.56 12.50
C PHE D 199 -4.54 -25.96 13.75
N GLY D 200 -5.09 -26.81 14.61
CA GLY D 200 -5.67 -26.37 15.86
C GLY D 200 -4.71 -25.61 16.76
N LYS D 201 -3.46 -26.08 16.82
CA LYS D 201 -2.42 -25.44 17.63
C LYS D 201 -2.16 -24.02 17.12
N MET D 202 -2.47 -23.83 15.85
CA MET D 202 -2.41 -22.53 15.19
C MET D 202 -3.59 -21.66 15.64
N GLU D 203 -4.68 -22.32 16.03
CA GLU D 203 -5.91 -21.67 16.50
C GLU D 203 -6.00 -21.67 18.02
N SER D 204 -5.05 -22.34 18.66
CA SER D 204 -5.08 -22.42 20.11
C SER D 204 -4.19 -21.32 20.69
N MET D 205 -3.26 -20.84 19.89
CA MET D 205 -2.53 -19.62 20.23
C MET D 205 -3.50 -18.45 20.16
N ARG D 206 -4.30 -18.41 19.09
CA ARG D 206 -5.32 -17.38 18.95
C ARG D 206 -6.15 -17.28 20.23
N ALA D 207 -6.34 -18.42 20.88
CA ALA D 207 -7.13 -18.47 22.09
C ALA D 207 -6.33 -17.99 23.29
N ASN D 208 -5.02 -18.21 23.24
CA ASN D 208 -4.12 -17.69 24.26
C ASN D 208 -4.03 -16.17 24.17
N ILE D 209 -3.81 -15.68 22.96
CA ILE D 209 -3.80 -14.24 22.72
C ILE D 209 -5.11 -13.64 23.19
N SER D 210 -6.22 -14.18 22.71
CA SER D 210 -7.53 -13.64 23.07
C SER D 210 -7.66 -13.54 24.58
N GLU D 211 -7.00 -14.46 25.29
CA GLU D 211 -7.05 -14.46 26.74
C GLU D 211 -6.36 -13.26 27.36
N VAL D 212 -5.12 -13.03 26.93
CA VAL D 212 -4.37 -11.88 27.40
C VAL D 212 -5.17 -10.59 27.15
N ASN D 213 -5.59 -10.39 25.92
CA ASN D 213 -6.37 -9.21 25.54
C ASN D 213 -7.56 -8.96 26.48
N LYS D 214 -8.36 -10.01 26.71
CA LYS D 214 -9.50 -9.94 27.62
C LYS D 214 -9.09 -9.34 28.95
N GLN D 215 -8.04 -9.89 29.55
CA GLN D 215 -7.58 -9.42 30.84
C GLN D 215 -7.11 -7.98 30.78
N PHE D 216 -6.26 -7.66 29.81
CA PHE D 216 -5.75 -6.30 29.67
C PHE D 216 -6.90 -5.30 29.59
N LYS D 217 -7.94 -5.65 28.83
CA LYS D 217 -9.03 -4.73 28.55
C LYS D 217 -10.13 -4.72 29.60
N ASN D 218 -9.94 -5.48 30.69
CA ASN D 218 -10.96 -5.64 31.72
C ASN D 218 -10.67 -4.82 32.99
N PRO D 219 -11.32 -3.66 33.13
CA PRO D 219 -11.04 -2.69 34.20
C PRO D 219 -10.97 -3.28 35.60
N ASP D 220 -11.61 -4.43 35.81
CA ASP D 220 -11.60 -5.08 37.12
C ASP D 220 -10.24 -5.71 37.39
N LEU D 221 -9.55 -6.05 36.30
CA LEU D 221 -8.30 -6.79 36.38
C LEU D 221 -7.03 -5.95 36.15
N THR D 222 -7.03 -5.09 35.13
CA THR D 222 -5.85 -4.28 34.82
C THR D 222 -6.13 -2.82 34.45
N THR D 223 -5.48 -1.91 35.19
CA THR D 223 -5.57 -0.49 34.96
C THR D 223 -4.15 0.10 34.78
N PHE D 224 -4.09 1.37 34.40
CA PHE D 224 -2.85 2.05 34.04
C PHE D 224 -2.77 3.35 34.81
N VAL D 225 -1.57 3.72 35.26
CA VAL D 225 -1.40 4.99 35.94
C VAL D 225 -0.31 5.85 35.30
N CYS D 226 -0.73 7.01 34.82
CA CYS D 226 0.14 7.94 34.11
C CYS D 226 0.84 8.86 35.07
N VAL D 227 2.12 9.10 34.83
CA VAL D 227 2.84 10.07 35.64
C VAL D 227 3.48 11.12 34.74
N CYS D 228 3.51 12.35 35.22
CA CYS D 228 4.02 13.46 34.45
C CYS D 228 4.50 14.58 35.37
N ILE D 229 4.98 15.67 34.80
CA ILE D 229 5.31 16.86 35.56
C ILE D 229 4.51 17.99 34.97
N SER D 230 4.40 19.10 35.69
CA SER D 230 3.52 20.17 35.29
C SER D 230 4.20 21.12 34.34
N GLU D 231 4.58 20.62 33.18
CA GLU D 231 5.15 21.45 32.14
C GLU D 231 4.44 21.21 30.82
N PHE D 232 4.70 22.06 29.84
CA PHE D 232 3.99 22.02 28.57
C PHE D 232 4.22 20.73 27.84
N LEU D 233 5.49 20.41 27.61
CA LEU D 233 5.85 19.26 26.82
C LEU D 233 5.36 17.98 27.49
N SER D 234 5.41 17.94 28.82
CA SER D 234 4.98 16.74 29.52
C SER D 234 3.47 16.56 29.47
N LEU D 235 2.74 17.67 29.40
CA LEU D 235 1.29 17.58 29.26
C LEU D 235 0.95 17.05 27.88
N TYR D 236 1.62 17.58 26.87
CA TYR D 236 1.37 17.19 25.49
C TYR D 236 1.61 15.70 25.31
N GLU D 237 2.82 15.23 25.63
CA GLU D 237 3.15 13.82 25.45
C GLU D 237 2.25 12.93 26.30
N THR D 238 1.73 13.47 27.39
CA THR D 238 0.84 12.71 28.26
C THR D 238 -0.55 12.52 27.65
N GLU D 239 -1.06 13.56 27.01
CA GLU D 239 -2.34 13.46 26.32
C GLU D 239 -2.27 12.47 25.19
N ARG D 240 -1.20 12.51 24.42
CA ARG D 240 -1.05 11.58 23.31
C ARG D 240 -1.07 10.16 23.85
N MET D 241 -0.62 9.99 25.09
CA MET D 241 -0.51 8.68 25.69
C MET D 241 -1.86 8.21 26.16
N ILE D 242 -2.67 9.14 26.64
CA ILE D 242 -3.98 8.76 27.12
C ILE D 242 -4.90 8.44 25.95
N GLN D 243 -4.68 9.13 24.83
CA GLN D 243 -5.47 8.86 23.64
C GLN D 243 -5.11 7.48 23.14
N GLU D 244 -3.81 7.23 23.00
CA GLU D 244 -3.32 5.93 22.58
C GLU D 244 -3.83 4.81 23.48
N LEU D 245 -4.08 5.13 24.75
CA LEU D 245 -4.58 4.14 25.70
C LEU D 245 -6.03 3.77 25.45
N THR D 246 -6.93 4.74 25.50
CA THR D 246 -8.35 4.49 25.21
C THR D 246 -8.47 3.79 23.86
N SER D 247 -7.55 4.09 22.96
CA SER D 247 -7.45 3.39 21.68
C SER D 247 -7.12 1.89 21.85
N TYR D 248 -6.17 1.59 22.73
CA TYR D 248 -5.79 0.22 23.05
C TYR D 248 -6.82 -0.41 23.99
N GLU D 249 -7.79 0.40 24.42
CA GLU D 249 -8.89 -0.08 25.26
C GLU D 249 -8.46 -0.47 26.66
N ILE D 250 -7.34 0.09 27.10
CA ILE D 250 -6.84 -0.15 28.45
C ILE D 250 -7.36 0.92 29.40
N ASP D 251 -7.87 0.51 30.55
CA ASP D 251 -8.47 1.48 31.47
C ASP D 251 -7.42 2.36 32.12
N THR D 252 -7.78 3.63 32.37
CA THR D 252 -6.90 4.52 33.11
C THR D 252 -7.67 5.60 33.86
N HIS D 253 -7.36 5.75 35.15
CA HIS D 253 -8.07 6.71 35.99
C HIS D 253 -7.21 7.30 37.13
N ASN D 254 -5.90 7.21 36.98
CA ASN D 254 -4.99 7.90 37.89
C ASN D 254 -3.87 8.61 37.15
N ILE D 255 -3.47 9.76 37.68
CA ILE D 255 -2.37 10.49 37.10
C ILE D 255 -1.65 11.28 38.18
N VAL D 256 -0.39 10.93 38.45
CA VAL D 256 0.38 11.62 39.48
C VAL D 256 1.33 12.64 38.86
N VAL D 257 1.35 13.85 39.40
CA VAL D 257 2.20 14.90 38.89
C VAL D 257 3.32 15.19 39.87
N ASN D 258 4.54 14.95 39.43
CA ASN D 258 5.68 15.04 40.32
C ASN D 258 6.46 16.35 40.29
N GLN D 259 7.55 16.35 41.04
CA GLN D 259 8.45 17.48 41.17
C GLN D 259 7.81 18.86 41.02
N LEU D 260 6.57 19.02 41.44
CA LEU D 260 6.02 20.36 41.50
C LEU D 260 6.23 20.95 42.87
N LEU D 261 6.49 22.25 42.92
CA LEU D 261 6.80 22.87 44.20
C LEU D 261 5.65 23.72 44.70
N LEU D 262 5.09 23.30 45.82
CA LEU D 262 3.90 23.93 46.37
C LEU D 262 4.09 24.44 47.80
N ASP D 263 4.92 25.46 47.95
CA ASP D 263 4.94 26.29 49.13
C ASP D 263 4.38 27.64 48.74
N PRO D 264 3.12 27.90 49.11
CA PRO D 264 2.30 29.01 48.62
C PRO D 264 3.04 30.33 48.66
N ASN D 265 3.74 30.56 49.76
CA ASN D 265 4.51 31.78 49.94
C ASN D 265 5.99 31.47 49.93
N THR D 266 6.57 31.44 48.73
CA THR D 266 8.00 31.20 48.58
C THR D 266 8.72 32.48 48.20
N THR D 267 9.97 32.60 48.61
CA THR D 267 10.69 33.87 48.52
C THR D 267 11.71 33.91 47.37
N CYS D 268 12.16 32.75 46.92
CA CYS D 268 13.09 32.63 45.79
C CYS D 268 12.41 33.15 44.52
N PRO D 269 13.00 34.15 43.87
CA PRO D 269 12.38 34.76 42.68
C PRO D 269 12.21 33.74 41.56
N GLN D 270 13.17 32.82 41.44
CA GLN D 270 13.14 31.77 40.43
C GLN D 270 12.03 30.76 40.72
N CYS D 271 12.08 30.18 41.91
CA CYS D 271 11.08 29.23 42.37
C CYS D 271 9.66 29.79 42.26
N MET D 272 9.54 31.11 42.36
CA MET D 272 8.26 31.77 42.20
C MET D 272 7.82 31.70 40.74
N ALA D 273 8.77 31.96 39.85
CA ALA D 273 8.52 31.87 38.41
C ALA D 273 8.09 30.45 38.06
N ARG D 274 8.92 29.48 38.40
CA ARG D 274 8.59 28.07 38.25
C ARG D 274 7.19 27.78 38.72
N ARG D 275 6.92 28.08 39.98
CA ARG D 275 5.63 27.82 40.58
C ARG D 275 4.48 28.44 39.78
N LYS D 276 4.70 29.63 39.23
CA LYS D 276 3.68 30.31 38.44
C LYS D 276 3.32 29.44 37.25
N MET D 277 4.32 29.17 36.41
CA MET D 277 4.14 28.30 35.25
C MET D 277 3.49 26.99 35.66
N GLN D 278 4.06 26.32 36.66
CA GLN D 278 3.52 25.03 37.09
C GLN D 278 2.04 25.13 37.40
N GLN D 279 1.68 26.15 38.17
CA GLN D 279 0.31 26.24 38.68
C GLN D 279 -0.73 26.45 37.57
N LYS D 280 -0.33 27.04 36.45
CA LYS D 280 -1.26 27.25 35.34
C LYS D 280 -1.46 25.99 34.52
N TYR D 281 -0.45 25.12 34.49
CA TYR D 281 -0.57 23.85 33.78
C TYR D 281 -1.30 22.85 34.67
N LEU D 282 -1.02 22.89 35.97
CA LEU D 282 -1.75 22.07 36.93
C LEU D 282 -3.23 22.41 36.89
N ALA D 283 -3.54 23.67 36.60
CA ALA D 283 -4.93 24.10 36.44
C ALA D 283 -5.56 23.45 35.22
N GLN D 284 -4.80 23.37 34.12
CA GLN D 284 -5.27 22.73 32.90
C GLN D 284 -5.54 21.26 33.17
N ILE D 285 -4.59 20.61 33.84
CA ILE D 285 -4.75 19.19 34.14
C ILE D 285 -6.02 18.96 34.94
N GLU D 286 -6.17 19.69 36.04
CA GLU D 286 -7.29 19.51 36.95
C GLU D 286 -8.61 19.54 36.18
N GLU D 287 -8.64 20.36 35.13
CA GLU D 287 -9.85 20.57 34.35
C GLU D 287 -10.09 19.48 33.29
N LEU D 288 -9.06 19.13 32.52
CA LEU D 288 -9.16 18.07 31.50
C LEU D 288 -9.52 16.72 32.07
N TYR D 289 -9.13 16.46 33.31
CA TYR D 289 -9.27 15.14 33.91
C TYR D 289 -10.09 15.17 35.19
N GLU D 290 -11.38 15.49 35.05
CA GLU D 290 -12.33 15.42 36.15
C GLU D 290 -12.53 13.97 36.56
N ASP D 291 -12.37 13.07 35.59
CA ASP D 291 -12.62 11.63 35.77
C ASP D 291 -11.39 10.83 36.21
N PHE D 292 -10.33 11.54 36.58
CA PHE D 292 -9.05 10.94 36.99
C PHE D 292 -8.72 11.38 38.41
N HIS D 293 -8.22 10.46 39.23
CA HIS D 293 -7.64 10.83 40.50
C HIS D 293 -6.34 11.54 40.21
N VAL D 294 -6.30 12.85 40.34
CA VAL D 294 -5.04 13.54 40.06
C VAL D 294 -4.32 13.84 41.36
N VAL D 295 -3.22 13.13 41.59
CA VAL D 295 -2.47 13.23 42.83
C VAL D 295 -1.25 14.13 42.68
N LYS D 296 -1.10 15.10 43.56
CA LYS D 296 0.01 16.04 43.49
C LYS D 296 1.08 15.77 44.54
N VAL D 297 2.34 15.63 44.11
CA VAL D 297 3.45 15.37 45.01
C VAL D 297 4.62 16.32 44.76
N PRO D 298 5.34 16.71 45.82
CA PRO D 298 6.32 17.80 45.75
C PRO D 298 7.67 17.41 45.17
N GLN D 299 8.49 18.43 44.95
CA GLN D 299 9.86 18.25 44.53
C GLN D 299 10.69 17.99 45.77
N VAL D 300 11.31 16.82 45.84
CA VAL D 300 12.23 16.53 46.93
C VAL D 300 13.63 17.02 46.58
N PRO D 301 14.27 17.78 47.50
CA PRO D 301 15.61 18.35 47.29
C PRO D 301 16.66 17.26 47.10
N ALA D 302 16.59 16.19 47.89
CA ALA D 302 17.53 15.08 47.76
C ALA D 302 16.96 14.04 46.82
N GLU D 303 17.83 13.32 46.11
CA GLU D 303 17.38 12.21 45.27
C GLU D 303 16.84 11.11 46.17
N VAL D 304 15.71 10.55 45.79
CA VAL D 304 15.08 9.50 46.59
C VAL D 304 15.79 8.15 46.39
N ARG D 305 16.45 7.69 47.45
CA ARG D 305 17.26 6.50 47.38
C ARG D 305 17.28 5.80 48.74
N GLY D 306 17.23 4.47 48.72
CA GLY D 306 17.24 3.68 49.94
C GLY D 306 15.84 3.24 50.35
N THR D 307 15.75 2.07 50.98
CA THR D 307 14.45 1.50 51.31
C THR D 307 13.73 2.23 52.45
N GLU D 308 14.36 3.28 52.97
CA GLU D 308 13.76 4.09 54.03
C GLU D 308 13.27 5.44 53.49
N ALA D 309 14.05 6.02 52.59
CA ALA D 309 13.63 7.24 51.91
C ALA D 309 12.41 6.95 51.04
N LEU D 310 12.40 5.77 50.43
CA LEU D 310 11.29 5.34 49.59
C LEU D 310 10.01 5.15 50.40
N LYS D 311 10.12 4.43 51.51
CA LYS D 311 8.96 4.21 52.37
C LYS D 311 8.31 5.54 52.72
N SER D 312 9.12 6.48 53.17
CA SER D 312 8.62 7.78 53.62
C SER D 312 8.00 8.58 52.47
N PHE D 313 8.56 8.40 51.26
CA PHE D 313 8.06 9.09 50.07
C PHE D 313 6.70 8.55 49.64
N SER D 314 6.57 7.22 49.64
CA SER D 314 5.35 6.56 49.18
C SER D 314 4.14 7.13 49.93
N GLU D 315 4.43 7.77 51.05
CA GLU D 315 3.41 8.35 51.88
C GLU D 315 2.50 9.27 51.08
N MET D 316 3.11 10.10 50.23
CA MET D 316 2.39 11.21 49.59
C MET D 316 1.51 10.74 48.46
N LEU D 317 1.64 9.45 48.14
CA LEU D 317 0.81 8.83 47.11
C LEU D 317 -0.53 8.39 47.68
N VAL D 318 -0.58 8.16 48.99
CA VAL D 318 -1.81 7.72 49.65
C VAL D 318 -2.37 8.78 50.60
N LYS D 319 -1.59 9.82 50.89
CA LYS D 319 -2.03 10.91 51.75
C LYS D 319 -1.67 12.28 51.17
N PRO D 320 -2.68 13.01 50.65
CA PRO D 320 -2.46 14.32 50.04
C PRO D 320 -1.45 15.14 50.85
N TYR D 321 -0.50 15.78 50.19
CA TYR D 321 0.56 16.52 50.87
C TYR D 321 0.27 18.02 50.99
N VAL D 322 0.51 18.58 52.17
CA VAL D 322 0.44 20.03 52.36
C VAL D 322 1.58 20.54 53.24
N PRO E 7 -25.78 -28.01 30.37
CA PRO E 7 -27.10 -27.50 30.78
C PRO E 7 -27.90 -27.00 29.57
N GLY E 8 -28.36 -27.93 28.74
CA GLY E 8 -28.80 -27.66 27.38
C GLY E 8 -30.05 -26.83 27.14
N THR E 9 -30.03 -25.59 27.61
CA THR E 9 -31.21 -24.77 27.52
C THR E 9 -30.83 -23.30 27.66
N LEU E 10 -31.56 -22.44 26.95
CA LEU E 10 -31.29 -21.00 26.98
C LEU E 10 -31.78 -20.31 28.25
N GLU E 11 -31.95 -21.04 29.34
CA GLU E 11 -32.45 -20.43 30.56
C GLU E 11 -31.53 -19.30 31.00
N ASN E 12 -30.23 -19.51 30.82
CA ASN E 12 -29.20 -18.60 31.33
C ASN E 12 -29.25 -17.20 30.73
N LEU E 13 -30.06 -17.02 29.69
CA LEU E 13 -30.25 -15.72 29.08
C LEU E 13 -31.41 -14.97 29.75
N LEU E 14 -32.47 -15.70 30.09
CA LEU E 14 -33.60 -15.08 30.75
C LEU E 14 -33.19 -14.70 32.16
N GLU E 15 -32.25 -15.46 32.74
CA GLU E 15 -31.75 -15.20 34.08
C GLU E 15 -30.83 -13.96 34.18
N GLN E 16 -29.85 -13.86 33.30
CA GLN E 16 -28.93 -12.72 33.30
C GLN E 16 -29.66 -11.45 32.88
N THR E 17 -30.12 -10.68 33.87
CA THR E 17 -30.99 -9.53 33.59
C THR E 17 -30.17 -8.29 33.24
N SER E 18 -28.86 -8.37 33.40
CA SER E 18 -27.97 -7.29 33.03
C SER E 18 -27.88 -7.13 31.51
N LEU E 19 -28.14 -8.23 30.79
CA LEU E 19 -28.09 -8.24 29.33
C LEU E 19 -28.97 -7.18 28.68
N LYS E 20 -28.38 -6.40 27.78
CA LYS E 20 -29.09 -5.37 27.05
C LYS E 20 -29.17 -5.67 25.54
N TRP E 21 -28.13 -6.29 25.00
CA TRP E 21 -28.10 -6.72 23.61
C TRP E 21 -27.83 -8.20 23.44
N ILE E 22 -28.70 -8.88 22.71
CA ILE E 22 -28.44 -10.27 22.39
C ILE E 22 -28.50 -10.48 20.88
N PHE E 23 -27.36 -10.85 20.28
CA PHE E 23 -27.29 -11.09 18.85
C PHE E 23 -27.47 -12.56 18.57
N VAL E 24 -28.29 -12.88 17.59
CA VAL E 24 -28.38 -14.26 17.15
C VAL E 24 -28.09 -14.37 15.66
N GLY E 25 -27.22 -15.31 15.29
CA GLY E 25 -26.77 -15.43 13.92
C GLY E 25 -26.36 -16.86 13.59
N GLY E 26 -26.31 -17.15 12.30
CA GLY E 26 -25.92 -18.47 11.83
C GLY E 26 -26.07 -18.44 10.33
N LYS E 27 -25.12 -19.07 9.64
CA LYS E 27 -25.10 -19.04 8.18
C LYS E 27 -26.35 -19.71 7.54
N GLY E 28 -27.32 -18.85 7.21
CA GLY E 28 -28.68 -19.18 6.81
C GLY E 28 -29.08 -20.58 6.39
N GLY E 29 -30.36 -20.91 6.62
CA GLY E 29 -30.92 -22.20 6.23
C GLY E 29 -30.99 -23.13 7.42
N VAL E 30 -30.98 -22.54 8.61
CA VAL E 30 -30.85 -23.33 9.84
C VAL E 30 -31.90 -22.94 10.89
N GLY E 31 -33.00 -22.36 10.43
CA GLY E 31 -34.07 -21.96 11.33
C GLY E 31 -33.62 -20.86 12.26
N LYS E 32 -32.71 -20.04 11.75
CA LYS E 32 -32.20 -18.92 12.52
C LYS E 32 -33.34 -17.96 12.92
N THR E 33 -34.22 -17.63 11.97
CA THR E 33 -35.29 -16.67 12.24
C THR E 33 -36.24 -17.15 13.32
N THR E 34 -36.66 -18.41 13.19
CA THR E 34 -37.51 -19.03 14.19
C THR E 34 -36.88 -18.92 15.58
N THR E 35 -35.58 -19.18 15.65
CA THR E 35 -34.87 -19.09 16.92
C THR E 35 -34.86 -17.67 17.49
N SER E 36 -34.57 -16.68 16.66
CA SER E 36 -34.60 -15.29 17.11
C SER E 36 -35.95 -14.93 17.74
N CYS E 37 -37.02 -15.30 17.05
CA CYS E 37 -38.38 -15.01 17.49
C CYS E 37 -38.67 -15.73 18.79
N SER E 38 -38.48 -17.05 18.79
CA SER E 38 -38.73 -17.86 19.99
C SER E 38 -38.00 -17.30 21.20
N LEU E 39 -36.80 -16.78 20.98
CA LEU E 39 -36.04 -16.19 22.07
C LEU E 39 -36.61 -14.85 22.51
N ALA E 40 -37.20 -14.12 21.58
CA ALA E 40 -37.73 -12.78 21.87
C ALA E 40 -39.03 -12.88 22.66
N ILE E 41 -39.88 -13.82 22.25
CA ILE E 41 -41.08 -14.14 23.00
C ILE E 41 -40.74 -14.52 24.46
N GLN E 42 -39.88 -15.50 24.66
CA GLN E 42 -39.49 -15.94 26.00
C GLN E 42 -38.90 -14.80 26.85
N MET E 43 -38.18 -13.90 26.19
CA MET E 43 -37.55 -12.78 26.89
C MET E 43 -38.59 -11.78 27.30
N SER E 44 -39.65 -11.67 26.51
CA SER E 44 -40.70 -10.71 26.78
C SER E 44 -41.50 -11.10 28.01
N LYS E 45 -41.47 -12.38 28.38
CA LYS E 45 -42.20 -12.86 29.55
C LYS E 45 -41.52 -12.43 30.84
N VAL E 46 -40.25 -12.05 30.76
CA VAL E 46 -39.45 -11.85 31.97
C VAL E 46 -38.75 -10.49 31.97
N ARG E 47 -39.14 -9.62 31.03
CA ARG E 47 -38.60 -8.27 30.92
C ARG E 47 -39.69 -7.25 30.68
N SER E 48 -39.38 -5.99 30.93
CA SER E 48 -40.36 -4.92 30.79
C SER E 48 -40.63 -4.62 29.33
N SER E 49 -39.56 -4.43 28.57
CA SER E 49 -39.67 -4.00 27.18
C SER E 49 -38.64 -4.70 26.29
N VAL E 50 -39.12 -5.48 25.31
CA VAL E 50 -38.23 -6.22 24.43
C VAL E 50 -38.41 -5.82 22.98
N LEU E 51 -37.30 -5.67 22.25
CA LEU E 51 -37.33 -5.33 20.83
C LEU E 51 -36.64 -6.39 19.99
N LEU E 52 -37.27 -6.79 18.91
CA LEU E 52 -36.71 -7.79 18.00
C LEU E 52 -36.47 -7.18 16.61
N ILE E 53 -35.21 -6.89 16.30
CA ILE E 53 -34.85 -6.24 15.04
C ILE E 53 -34.12 -7.19 14.12
N SER E 54 -34.39 -7.09 12.81
CA SER E 54 -33.76 -7.96 11.82
C SER E 54 -33.26 -7.19 10.61
N THR E 55 -32.04 -7.54 10.17
CA THR E 55 -31.44 -6.91 9.01
C THR E 55 -31.44 -7.85 7.80
N ASP E 56 -32.11 -9.00 7.95
CA ASP E 56 -32.37 -9.87 6.82
C ASP E 56 -33.37 -9.18 5.90
N PRO E 57 -32.93 -8.83 4.68
CA PRO E 57 -33.75 -8.07 3.71
C PRO E 57 -34.98 -8.86 3.29
N ALA E 58 -34.90 -10.18 3.41
CA ALA E 58 -35.98 -11.09 3.00
C ALA E 58 -37.24 -10.96 3.85
N HIS E 59 -37.37 -9.85 4.58
CA HIS E 59 -38.51 -9.62 5.45
C HIS E 59 -39.00 -10.90 6.13
N ASN E 60 -38.03 -11.68 6.59
CA ASN E 60 -38.24 -12.97 7.27
C ASN E 60 -39.06 -12.84 8.54
N LEU E 61 -39.01 -11.65 9.14
CA LEU E 61 -39.67 -11.40 10.40
C LEU E 61 -41.18 -11.28 10.18
N SER E 62 -41.54 -10.59 9.11
CA SER E 62 -42.94 -10.47 8.68
C SER E 62 -43.52 -11.86 8.37
N ASP E 63 -42.88 -12.56 7.43
CA ASP E 63 -43.32 -13.90 7.04
C ASP E 63 -43.53 -14.84 8.22
N ALA E 64 -42.92 -14.54 9.36
CA ALA E 64 -43.00 -15.43 10.51
C ALA E 64 -44.20 -15.12 11.40
N PHE E 65 -44.49 -13.85 11.57
CA PHE E 65 -45.57 -13.43 12.46
C PHE E 65 -46.90 -13.23 11.73
N GLY E 66 -46.83 -13.17 10.41
CA GLY E 66 -48.00 -12.88 9.61
C GLY E 66 -48.10 -11.39 9.35
N THR E 67 -47.81 -10.59 10.36
CA THR E 67 -47.90 -9.14 10.24
C THR E 67 -46.85 -8.62 9.27
N LYS E 68 -46.98 -7.37 8.88
CA LYS E 68 -45.92 -6.67 8.15
C LYS E 68 -45.19 -5.68 9.05
N PHE E 69 -43.86 -5.78 9.07
CA PHE E 69 -43.04 -4.88 9.86
C PHE E 69 -42.18 -4.05 8.94
N GLY E 70 -41.65 -2.96 9.46
CA GLY E 70 -40.89 -2.04 8.64
C GLY E 70 -39.82 -1.28 9.41
N LYS E 71 -39.34 -0.21 8.81
CA LYS E 71 -38.19 0.52 9.34
C LYS E 71 -38.48 1.28 10.63
N ASP E 72 -39.61 0.97 11.27
CA ASP E 72 -39.88 1.55 12.59
C ASP E 72 -40.73 0.67 13.52
N ALA E 73 -40.45 0.79 14.81
CA ALA E 73 -40.92 -0.15 15.82
C ALA E 73 -42.45 -0.22 15.88
N ARG E 74 -42.98 -1.43 15.67
CA ARG E 74 -44.41 -1.67 15.81
C ARG E 74 -44.65 -2.79 16.83
N LYS E 75 -45.43 -2.51 17.87
CA LYS E 75 -45.82 -3.55 18.81
C LYS E 75 -46.24 -4.80 18.04
N VAL E 76 -45.83 -5.96 18.52
CA VAL E 76 -46.18 -7.22 17.86
C VAL E 76 -47.55 -7.72 18.32
N PRO E 77 -48.46 -7.94 17.35
CA PRO E 77 -49.81 -8.46 17.60
C PRO E 77 -49.80 -9.75 18.42
N GLY E 78 -50.25 -9.67 19.66
CA GLY E 78 -50.37 -10.83 20.50
C GLY E 78 -49.55 -10.73 21.77
N PHE E 79 -48.82 -9.61 21.92
CA PHE E 79 -47.95 -9.41 23.07
C PHE E 79 -48.05 -7.99 23.62
N ASP E 80 -47.80 -7.84 24.91
CA ASP E 80 -47.86 -6.54 25.56
C ASP E 80 -46.62 -5.72 25.23
N ASN E 81 -45.46 -6.28 25.55
CA ASN E 81 -44.23 -5.50 25.60
C ASN E 81 -43.22 -5.81 24.50
N LEU E 82 -43.62 -6.67 23.55
CA LEU E 82 -42.73 -7.03 22.45
C LEU E 82 -42.98 -6.20 21.19
N SER E 83 -41.98 -5.42 20.79
CA SER E 83 -42.05 -4.65 19.55
C SER E 83 -41.05 -5.20 18.53
N ALA E 84 -41.28 -4.97 17.25
CA ALA E 84 -40.42 -5.56 16.23
C ALA E 84 -40.21 -4.61 15.06
N MET E 85 -38.96 -4.50 14.59
CA MET E 85 -38.70 -3.69 13.40
C MET E 85 -37.80 -4.42 12.41
N GLU E 86 -37.94 -4.11 11.14
CA GLU E 86 -37.27 -4.87 10.11
C GLU E 86 -36.58 -3.93 9.15
N ILE E 87 -35.27 -3.79 9.29
CA ILE E 87 -34.54 -2.77 8.58
C ILE E 87 -33.56 -3.36 7.57
N ASP E 88 -33.47 -2.72 6.41
CA ASP E 88 -32.48 -3.08 5.39
C ASP E 88 -31.46 -1.94 5.28
N PRO E 89 -30.18 -2.27 5.46
CA PRO E 89 -29.09 -1.27 5.44
C PRO E 89 -28.95 -0.57 4.09
N ASN E 90 -28.94 -1.32 3.00
CA ASN E 90 -28.81 -0.75 1.66
C ASN E 90 -29.78 0.40 1.39
N LEU E 91 -30.94 0.33 2.03
CA LEU E 91 -31.91 1.42 1.95
C LEU E 91 -31.50 2.55 2.89
N SER E 92 -31.29 2.22 4.16
CA SER E 92 -30.85 3.22 5.13
C SER E 92 -29.62 3.99 4.66
N ILE E 93 -28.84 3.38 3.76
CA ILE E 93 -27.64 4.04 3.22
C ILE E 93 -28.04 5.16 2.26
N GLN E 94 -28.78 4.81 1.22
CA GLN E 94 -29.20 5.80 0.23
C GLN E 94 -30.17 6.83 0.83
N GLU E 95 -30.87 6.44 1.90
CA GLU E 95 -31.77 7.36 2.59
C GLU E 95 -30.98 8.47 3.28
N MET E 96 -29.93 8.07 3.97
CA MET E 96 -29.12 8.99 4.77
C MET E 96 -28.16 9.86 3.94
N THR E 97 -27.69 9.33 2.81
CA THR E 97 -26.72 10.05 1.98
C THR E 97 -27.32 11.20 1.17
N GLU E 98 -28.41 10.91 0.45
CA GLU E 98 -29.14 11.93 -0.29
C GLU E 98 -29.68 12.99 0.69
N GLN E 99 -29.95 12.54 1.92
CA GLN E 99 -30.43 13.37 3.01
C GLN E 99 -29.43 14.48 3.38
N ALA E 100 -28.22 14.36 2.86
CA ALA E 100 -27.18 15.37 3.07
C ALA E 100 -27.35 16.55 2.12
N LEU E 109 -21.45 15.43 3.55
CA LEU E 109 -21.40 15.07 2.14
C LEU E 109 -20.95 13.61 1.96
N SER E 110 -21.35 13.01 0.85
CA SER E 110 -20.99 11.62 0.56
C SER E 110 -19.88 11.53 -0.49
N GLY E 111 -19.79 12.55 -1.34
CA GLY E 111 -18.69 12.62 -2.31
C GLY E 111 -17.39 12.30 -1.58
N MET E 112 -17.06 13.14 -0.62
CA MET E 112 -15.94 12.90 0.27
C MET E 112 -15.98 11.47 0.83
N MET E 113 -17.13 11.10 1.38
CA MET E 113 -17.34 9.76 1.93
C MET E 113 -17.02 8.65 0.92
N GLN E 114 -17.20 8.94 -0.37
CA GLN E 114 -16.87 8.00 -1.42
C GLN E 114 -15.37 7.83 -1.53
N ASP E 115 -14.66 8.96 -1.55
CA ASP E 115 -13.21 8.96 -1.59
C ASP E 115 -12.72 8.23 -0.34
N LEU E 116 -13.63 8.13 0.61
CA LEU E 116 -13.40 7.40 1.84
C LEU E 116 -13.81 5.96 1.57
N ALA E 117 -14.83 5.81 0.74
CA ALA E 117 -15.51 4.55 0.53
C ALA E 117 -14.64 3.46 -0.08
N PHE E 118 -13.66 3.86 -0.89
CA PHE E 118 -12.82 2.87 -1.55
C PHE E 118 -11.59 2.52 -0.70
N THR E 119 -11.08 3.50 0.04
CA THR E 119 -9.96 3.25 0.95
C THR E 119 -10.48 2.44 2.11
N ILE E 120 -11.65 2.83 2.61
CA ILE E 120 -12.31 2.12 3.68
C ILE E 120 -13.55 1.42 3.13
N PRO E 121 -13.45 0.09 2.94
CA PRO E 121 -14.61 -0.64 2.42
C PRO E 121 -15.72 -0.80 3.45
N GLY E 122 -16.91 -0.25 3.14
CA GLY E 122 -18.08 -0.46 3.96
C GLY E 122 -18.27 0.51 5.12
N ILE E 123 -17.86 1.76 4.93
CA ILE E 123 -18.09 2.81 5.90
C ILE E 123 -19.55 3.21 5.81
N ASP E 124 -20.11 3.11 4.62
CA ASP E 124 -21.51 3.47 4.40
C ASP E 124 -22.41 2.49 5.14
N GLU E 125 -22.08 1.21 5.04
CA GLU E 125 -22.81 0.17 5.76
C GLU E 125 -22.63 0.34 7.27
N ALA E 126 -21.48 0.86 7.68
CA ALA E 126 -21.19 1.03 9.10
C ALA E 126 -21.77 2.31 9.66
N LEU E 127 -21.82 3.36 8.86
CA LEU E 127 -22.42 4.62 9.29
C LEU E 127 -23.90 4.39 9.43
N ALA E 128 -24.44 3.52 8.60
CA ALA E 128 -25.83 3.16 8.71
C ALA E 128 -26.02 2.55 10.08
N PHE E 129 -25.35 1.42 10.32
CA PHE E 129 -25.44 0.75 11.61
C PHE E 129 -25.26 1.71 12.78
N ALA E 130 -24.40 2.70 12.64
CA ALA E 130 -24.18 3.65 13.71
C ALA E 130 -25.46 4.39 14.06
N GLU E 131 -26.23 4.80 13.06
CA GLU E 131 -27.46 5.52 13.35
C GLU E 131 -28.59 4.59 13.77
N ILE E 132 -28.71 3.43 13.11
CA ILE E 132 -29.65 2.41 13.59
C ILE E 132 -29.50 2.23 15.10
N LEU E 133 -28.28 2.07 15.57
CA LEU E 133 -28.04 1.90 17.01
C LEU E 133 -28.48 3.10 17.82
N LYS E 134 -28.10 4.32 17.42
CA LYS E 134 -28.51 5.50 18.21
C LYS E 134 -30.03 5.58 18.35
N GLN E 135 -30.75 5.18 17.32
CA GLN E 135 -32.21 5.12 17.41
C GLN E 135 -32.63 4.10 18.45
N ILE E 136 -32.20 2.84 18.30
CA ILE E 136 -32.54 1.82 19.29
C ILE E 136 -32.26 2.32 20.71
N LYS E 137 -31.09 2.90 20.93
CA LYS E 137 -30.72 3.37 22.25
C LYS E 137 -31.75 4.36 22.78
N SER E 138 -32.23 5.24 21.91
CA SER E 138 -33.15 6.30 22.31
C SER E 138 -34.53 5.79 22.70
N MET E 139 -34.98 4.69 22.09
CA MET E 139 -36.29 4.11 22.39
C MET E 139 -36.26 3.36 23.72
N GLU E 140 -35.07 3.23 24.31
CA GLU E 140 -34.90 2.60 25.62
C GLU E 140 -35.71 1.32 25.84
N PHE E 141 -35.33 0.24 25.17
CA PHE E 141 -35.93 -1.05 25.47
C PHE E 141 -35.07 -1.71 26.52
N ASP E 142 -35.68 -2.49 27.39
CA ASP E 142 -34.95 -3.16 28.45
C ASP E 142 -33.95 -4.16 27.84
N CYS E 143 -34.38 -4.86 26.80
CA CYS E 143 -33.53 -5.82 26.11
C CYS E 143 -33.89 -5.90 24.61
N VAL E 144 -32.88 -5.89 23.76
CA VAL E 144 -33.09 -5.98 22.31
C VAL E 144 -32.36 -7.17 21.68
N ILE E 145 -33.10 -7.95 20.90
CA ILE E 145 -32.60 -9.13 20.19
C ILE E 145 -32.31 -8.85 18.70
N PHE E 146 -31.05 -8.98 18.29
CA PHE E 146 -30.66 -8.71 16.91
C PHE E 146 -30.65 -9.99 16.09
N ASP E 147 -31.38 -9.96 14.99
CA ASP E 147 -31.45 -11.09 14.05
C ASP E 147 -30.57 -10.76 12.85
N THR E 148 -29.38 -11.35 12.80
CA THR E 148 -28.38 -11.03 11.77
C THR E 148 -28.74 -11.60 10.41
N ALA E 149 -28.11 -11.08 9.36
CA ALA E 149 -28.34 -11.59 8.01
C ALA E 149 -27.84 -13.03 7.89
N PRO E 150 -28.39 -13.80 6.93
CA PRO E 150 -28.08 -15.22 6.81
C PRO E 150 -26.88 -15.48 5.91
N THR E 151 -26.39 -14.44 5.25
CA THR E 151 -25.33 -14.62 4.26
C THR E 151 -24.33 -13.48 4.26
N GLY E 152 -23.14 -13.80 3.78
CA GLY E 152 -22.08 -12.81 3.75
C GLY E 152 -21.49 -12.69 5.13
N HIS E 153 -21.11 -11.47 5.50
CA HIS E 153 -20.52 -11.25 6.82
C HIS E 153 -21.63 -11.12 7.84
N THR E 154 -21.88 -12.19 8.57
CA THR E 154 -22.99 -12.21 9.52
C THR E 154 -22.73 -11.28 10.71
N LEU E 155 -21.53 -10.74 10.80
CA LEU E 155 -21.14 -9.96 11.95
C LEU E 155 -20.84 -8.49 11.62
N ARG E 156 -21.28 -8.03 10.46
CA ARG E 156 -20.97 -6.65 10.08
C ARG E 156 -21.31 -5.70 11.21
N PHE E 157 -22.43 -5.95 11.88
CA PHE E 157 -22.95 -4.99 12.85
C PHE E 157 -21.99 -4.80 14.01
N LEU E 158 -21.50 -5.92 14.55
CA LEU E 158 -20.59 -5.88 15.69
C LEU E 158 -19.26 -5.26 15.29
N ASN E 159 -19.01 -5.20 13.98
CA ASN E 159 -17.76 -4.67 13.49
C ASN E 159 -17.79 -3.19 13.14
N PHE E 160 -18.94 -2.56 13.30
CA PHE E 160 -19.10 -1.20 12.79
C PHE E 160 -18.23 -0.15 13.48
N PRO E 161 -17.97 -0.33 14.79
CA PRO E 161 -17.06 0.62 15.45
C PRO E 161 -15.64 0.52 14.87
N THR E 162 -15.20 -0.71 14.61
CA THR E 162 -13.90 -0.91 13.99
C THR E 162 -13.79 -0.12 12.68
N VAL E 163 -14.76 -0.30 11.78
CA VAL E 163 -14.73 0.40 10.50
C VAL E 163 -14.73 1.92 10.68
N LEU E 164 -15.55 2.42 11.60
CA LEU E 164 -15.56 3.86 11.86
C LEU E 164 -14.20 4.33 12.36
N GLU E 165 -13.64 3.63 13.34
CA GLU E 165 -12.37 4.04 13.92
C GLU E 165 -11.25 4.11 12.90
N LYS E 166 -11.28 3.27 11.87
CA LYS E 166 -10.29 3.36 10.79
C LYS E 166 -10.47 4.67 10.07
N ALA E 167 -11.69 4.91 9.62
CA ALA E 167 -12.03 6.15 8.93
C ALA E 167 -11.62 7.41 9.73
N LEU E 168 -11.74 7.35 11.05
CA LEU E 168 -11.38 8.50 11.86
C LEU E 168 -9.88 8.67 11.92
N GLY E 169 -9.15 7.58 11.69
CA GLY E 169 -7.71 7.65 11.68
C GLY E 169 -7.22 8.30 10.40
N LYS E 170 -7.98 8.07 9.33
CA LYS E 170 -7.67 8.62 8.03
C LYS E 170 -8.04 10.10 7.97
N LEU E 171 -9.04 10.50 8.75
CA LEU E 171 -9.51 11.88 8.77
C LEU E 171 -8.69 12.79 9.67
N GLY E 172 -8.05 12.20 10.69
CA GLY E 172 -7.28 12.97 11.65
C GLY E 172 -6.12 13.70 11.00
N GLY E 173 -5.50 13.04 10.02
CA GLY E 173 -4.38 13.61 9.30
C GLY E 173 -4.79 14.63 8.24
N LEU E 174 -6.08 14.68 7.95
CA LEU E 174 -6.63 15.62 6.99
C LEU E 174 -6.80 17.02 7.57
N SER E 175 -6.47 18.03 6.78
CA SER E 175 -6.56 19.42 7.21
C SER E 175 -8.02 19.83 7.38
N SER E 176 -8.26 21.14 7.45
CA SER E 176 -9.64 21.65 7.52
C SER E 176 -10.32 21.30 6.22
N ARG E 177 -11.25 22.15 5.77
CA ARG E 177 -11.96 21.95 4.49
C ARG E 177 -12.74 20.63 4.40
N PHE E 178 -12.42 19.70 5.30
CA PHE E 178 -13.21 18.49 5.45
C PHE E 178 -14.14 18.71 6.63
N GLY E 179 -14.11 19.92 7.18
CA GLY E 179 -15.05 20.32 8.22
C GLY E 179 -16.47 19.88 7.92
N PRO E 180 -16.94 20.12 6.69
CA PRO E 180 -18.25 19.64 6.25
C PRO E 180 -18.51 18.16 6.57
N MET E 181 -17.63 17.26 6.12
CA MET E 181 -17.90 15.82 6.28
C MET E 181 -17.65 15.31 7.69
N ILE E 182 -16.66 15.87 8.38
CA ILE E 182 -16.42 15.50 9.77
C ILE E 182 -17.63 15.88 10.61
N ASN E 183 -18.14 17.10 10.42
CA ASN E 183 -19.35 17.55 11.11
C ASN E 183 -20.59 16.77 10.64
N GLN E 184 -20.54 16.30 9.40
CA GLN E 184 -21.64 15.56 8.80
C GLN E 184 -21.72 14.14 9.39
N MET E 185 -20.56 13.52 9.61
CA MET E 185 -20.48 12.22 10.26
C MET E 185 -20.90 12.34 11.71
N GLY E 186 -20.44 13.39 12.36
CA GLY E 186 -20.70 13.60 13.77
C GLY E 186 -22.17 13.62 14.16
N SER E 187 -23.02 14.12 13.27
CA SER E 187 -24.44 14.25 13.59
C SER E 187 -25.19 12.94 13.47
N ILE E 188 -24.82 12.11 12.48
CA ILE E 188 -25.51 10.84 12.27
C ILE E 188 -25.19 9.86 13.40
N MET E 189 -24.14 10.15 14.17
CA MET E 189 -23.78 9.34 15.33
C MET E 189 -24.33 9.94 16.62
N GLY E 190 -24.06 11.22 16.85
CA GLY E 190 -24.51 11.89 18.07
C GLY E 190 -23.95 13.29 18.22
N GLN E 196 -19.69 21.64 19.99
CA GLN E 196 -19.96 21.85 18.56
C GLN E 196 -18.71 22.36 17.87
N ASP E 197 -18.33 21.72 16.76
CA ASP E 197 -17.16 22.14 16.00
C ASP E 197 -15.83 21.80 16.70
N LEU E 198 -14.74 22.40 16.20
CA LEU E 198 -13.38 22.19 16.72
C LEU E 198 -12.75 20.87 16.25
N PHE E 199 -11.55 20.56 16.74
CA PHE E 199 -10.95 19.24 16.51
C PHE E 199 -11.49 18.27 17.57
N GLY E 200 -11.98 18.84 18.66
CA GLY E 200 -12.56 18.04 19.74
C GLY E 200 -13.71 17.17 19.28
N LYS E 201 -14.57 17.71 18.42
CA LYS E 201 -15.72 16.98 17.89
C LYS E 201 -15.25 15.78 17.08
N MET E 202 -14.03 15.89 16.57
CA MET E 202 -13.34 14.81 15.88
C MET E 202 -12.87 13.75 16.87
N GLU E 203 -12.62 14.17 18.11
CA GLU E 203 -12.17 13.31 19.18
C GLU E 203 -13.31 12.90 20.10
N SER E 204 -14.49 13.46 19.86
CA SER E 204 -15.63 13.17 20.71
C SER E 204 -16.43 12.03 20.09
N MET E 205 -16.27 11.85 18.79
CA MET E 205 -16.79 10.67 18.12
C MET E 205 -15.98 9.46 18.55
N ARG E 206 -14.67 9.63 18.61
CA ARG E 206 -13.80 8.57 19.10
C ARG E 206 -14.30 8.08 20.45
N ALA E 207 -14.89 8.99 21.22
CA ALA E 207 -15.37 8.66 22.54
C ALA E 207 -16.71 7.95 22.45
N ASN E 208 -17.49 8.32 21.45
CA ASN E 208 -18.75 7.64 21.18
C ASN E 208 -18.50 6.21 20.73
N ILE E 209 -17.58 6.07 19.78
CA ILE E 209 -17.17 4.75 19.31
C ILE E 209 -16.67 3.91 20.45
N SER E 210 -15.71 4.43 21.19
CA SER E 210 -15.16 3.70 22.33
C SER E 210 -16.26 3.21 23.25
N GLU E 211 -17.32 3.99 23.35
CA GLU E 211 -18.46 3.60 24.19
C GLU E 211 -19.16 2.34 23.68
N VAL E 212 -19.54 2.35 22.41
CA VAL E 212 -20.18 1.21 21.81
C VAL E 212 -19.32 -0.02 21.99
N ASN E 213 -18.05 0.07 21.62
CA ASN E 213 -17.10 -1.03 21.78
C ASN E 213 -17.08 -1.63 23.18
N LYS E 214 -16.96 -0.77 24.18
CA LYS E 214 -17.01 -1.17 25.59
C LYS E 214 -18.20 -2.05 25.88
N GLN E 215 -19.40 -1.58 25.53
CA GLN E 215 -20.62 -2.35 25.75
C GLN E 215 -20.63 -3.67 24.99
N PHE E 216 -20.33 -3.65 23.69
CA PHE E 216 -20.29 -4.87 22.91
C PHE E 216 -19.39 -5.94 23.55
N LYS E 217 -18.26 -5.49 24.08
CA LYS E 217 -17.22 -6.39 24.55
C LYS E 217 -17.40 -6.78 26.03
N ASN E 218 -18.48 -6.30 26.65
CA ASN E 218 -18.72 -6.51 28.08
C ASN E 218 -19.78 -7.58 28.39
N PRO E 219 -19.32 -8.82 28.70
CA PRO E 219 -20.19 -10.00 28.85
C PRO E 219 -21.44 -9.77 29.70
N ASP E 220 -21.42 -8.77 30.57
CA ASP E 220 -22.55 -8.52 31.45
C ASP E 220 -23.65 -7.85 30.66
N LEU E 221 -23.26 -7.18 29.59
CA LEU E 221 -24.19 -6.37 28.80
C LEU E 221 -24.61 -6.98 27.46
N THR E 222 -23.65 -7.55 26.71
CA THR E 222 -23.97 -8.14 25.41
C THR E 222 -23.29 -9.49 25.10
N THR E 223 -24.13 -10.46 24.76
CA THR E 223 -23.67 -11.78 24.36
C THR E 223 -24.28 -12.18 22.99
N PHE E 224 -23.79 -13.28 22.43
CA PHE E 224 -24.16 -13.72 21.10
C PHE E 224 -24.61 -15.16 21.19
N VAL E 225 -25.61 -15.54 20.38
CA VAL E 225 -26.05 -16.94 20.34
C VAL E 225 -26.04 -17.47 18.92
N CYS E 226 -25.24 -18.53 18.73
CA CYS E 226 -25.06 -19.17 17.43
C CYS E 226 -26.11 -20.23 17.21
N VAL E 227 -26.67 -20.27 16.01
CA VAL E 227 -27.56 -21.35 15.63
C VAL E 227 -27.06 -22.06 14.39
N CYS E 228 -27.26 -23.36 14.34
CA CYS E 228 -26.79 -24.18 13.23
C CYS E 228 -27.63 -25.45 13.12
N ILE E 229 -27.28 -26.30 12.16
CA ILE E 229 -27.90 -27.62 12.05
C ILE E 229 -26.80 -28.62 12.08
N SER E 230 -27.14 -29.88 12.33
CA SER E 230 -26.13 -30.90 12.59
C SER E 230 -25.62 -31.52 11.29
N GLU E 231 -25.01 -30.69 10.47
CA GLU E 231 -24.39 -31.16 9.25
C GLU E 231 -22.94 -30.68 9.17
N PHE E 232 -22.20 -31.21 8.20
CA PHE E 232 -20.79 -30.91 8.07
C PHE E 232 -20.54 -29.43 7.77
N LEU E 233 -21.11 -28.98 6.66
CA LEU E 233 -20.93 -27.62 6.20
C LEU E 233 -21.35 -26.61 7.26
N SER E 234 -22.43 -26.91 7.99
CA SER E 234 -22.93 -25.98 8.98
C SER E 234 -22.04 -25.96 10.21
N LEU E 235 -21.37 -27.06 10.50
CA LEU E 235 -20.41 -27.06 11.60
C LEU E 235 -19.20 -26.21 11.24
N TYR E 236 -18.72 -26.42 10.02
CA TYR E 236 -17.55 -25.71 9.54
C TYR E 236 -17.78 -24.19 9.60
N GLU E 237 -18.80 -23.70 8.89
CA GLU E 237 -19.08 -22.27 8.85
C GLU E 237 -19.33 -21.69 10.24
N THR E 238 -19.79 -22.56 11.15
CA THR E 238 -20.11 -22.12 12.51
C THR E 238 -18.84 -21.94 13.31
N GLU E 239 -17.87 -22.82 13.12
CA GLU E 239 -16.59 -22.68 13.80
C GLU E 239 -15.85 -21.41 13.37
N ARG E 240 -15.87 -21.15 12.07
CA ARG E 240 -15.24 -19.95 11.55
C ARG E 240 -15.89 -18.72 12.16
N MET E 241 -17.16 -18.84 12.53
CA MET E 241 -17.90 -17.72 13.10
C MET E 241 -17.56 -17.52 14.56
N ILE E 242 -17.30 -18.61 15.25
CA ILE E 242 -16.98 -18.51 16.66
C ILE E 242 -15.55 -17.99 16.82
N GLN E 243 -14.69 -18.38 15.89
CA GLN E 243 -13.33 -17.84 15.90
C GLN E 243 -13.36 -16.34 15.64
N GLU E 244 -14.02 -15.96 14.55
CA GLU E 244 -14.20 -14.55 14.23
C GLU E 244 -14.77 -13.77 15.42
N LEU E 245 -15.61 -14.43 16.23
CA LEU E 245 -16.22 -13.77 17.37
C LEU E 245 -15.22 -13.48 18.47
N THR E 246 -14.58 -14.52 18.99
CA THR E 246 -13.56 -14.34 20.04
C THR E 246 -12.53 -13.30 19.55
N SER E 247 -12.31 -13.25 18.24
CA SER E 247 -11.46 -12.26 17.63
C SER E 247 -12.03 -10.84 17.78
N TYR E 248 -13.33 -10.69 17.58
CA TYR E 248 -14.01 -9.41 17.79
C TYR E 248 -14.23 -9.15 19.28
N GLU E 249 -13.86 -10.12 20.10
CA GLU E 249 -13.93 -10.00 21.55
C GLU E 249 -15.36 -9.96 22.07
N ILE E 250 -16.28 -10.52 21.29
CA ILE E 250 -17.69 -10.58 21.69
C ILE E 250 -17.98 -11.89 22.42
N ASP E 251 -18.65 -11.83 23.57
CA ASP E 251 -18.88 -13.06 24.32
C ASP E 251 -19.88 -13.98 23.65
N THR E 252 -19.67 -15.29 23.79
CA THR E 252 -20.65 -16.25 23.28
C THR E 252 -20.61 -17.54 24.08
N HIS E 253 -21.78 -17.99 24.53
CA HIS E 253 -21.88 -19.20 25.32
C HIS E 253 -23.19 -19.99 25.12
N ASN E 254 -23.85 -19.75 23.99
CA ASN E 254 -25.03 -20.53 23.62
C ASN E 254 -24.99 -20.94 22.16
N ILE E 255 -25.46 -22.16 21.89
CA ILE E 255 -25.55 -22.63 20.53
C ILE E 255 -26.72 -23.60 20.37
N VAL E 256 -27.72 -23.20 19.59
CA VAL E 256 -28.89 -24.04 19.35
C VAL E 256 -28.80 -24.78 18.02
N VAL E 257 -29.03 -26.10 18.06
CA VAL E 257 -28.97 -26.90 16.83
C VAL E 257 -30.38 -27.33 16.41
N ASN E 258 -30.79 -26.90 15.23
CA ASN E 258 -32.18 -27.08 14.81
C ASN E 258 -32.39 -28.23 13.88
N GLN E 259 -33.64 -28.34 13.44
CA GLN E 259 -34.10 -29.38 12.53
C GLN E 259 -33.37 -30.73 12.63
N LEU E 260 -32.96 -31.11 13.84
CA LEU E 260 -32.45 -32.46 14.00
C LEU E 260 -33.58 -33.36 14.48
N LEU E 261 -33.62 -34.58 13.96
CA LEU E 261 -34.71 -35.48 14.30
C LEU E 261 -34.27 -36.53 15.32
N LEU E 262 -34.89 -36.46 16.49
CA LEU E 262 -34.52 -37.34 17.60
C LEU E 262 -35.68 -38.17 18.14
N ASP E 263 -36.13 -39.12 17.32
CA ASP E 263 -36.96 -40.23 17.76
C ASP E 263 -36.07 -41.48 17.70
N PRO E 264 -35.58 -41.93 18.86
CA PRO E 264 -34.54 -42.95 18.97
C PRO E 264 -34.80 -44.16 18.08
N ASN E 265 -36.04 -44.62 18.10
CA ASN E 265 -36.46 -45.77 17.31
C ASN E 265 -37.38 -45.35 16.17
N THR E 266 -36.77 -44.96 15.06
CA THR E 266 -37.54 -44.53 13.89
C THR E 266 -37.46 -45.62 12.82
N THR E 267 -38.53 -45.73 12.02
CA THR E 267 -38.68 -46.85 11.09
C THR E 267 -38.35 -46.50 9.64
N CYS E 268 -38.46 -45.22 9.30
CA CYS E 268 -38.14 -44.74 7.96
C CYS E 268 -36.65 -44.94 7.66
N PRO E 269 -36.34 -45.70 6.60
CA PRO E 269 -34.95 -46.01 6.29
C PRO E 269 -34.11 -44.75 6.06
N GLN E 270 -34.73 -43.75 5.41
CA GLN E 270 -34.06 -42.48 5.11
C GLN E 270 -33.80 -41.69 6.39
N CYS E 271 -34.87 -41.45 7.16
CA CYS E 271 -34.78 -40.75 8.45
C CYS E 271 -33.75 -41.40 9.38
N MET E 272 -33.55 -42.70 9.22
CA MET E 272 -32.56 -43.42 10.01
C MET E 272 -31.17 -43.01 9.58
N ALA E 273 -30.97 -42.92 8.27
CA ALA E 273 -29.70 -42.47 7.69
C ALA E 273 -29.37 -41.05 8.14
N ARG E 274 -30.31 -40.15 7.90
CA ARG E 274 -30.22 -38.77 8.40
C ARG E 274 -29.80 -38.75 9.86
N ARG E 275 -30.63 -39.36 10.70
CA ARG E 275 -30.35 -39.40 12.13
C ARG E 275 -28.94 -39.92 12.45
N LYS E 276 -28.45 -40.88 11.69
CA LYS E 276 -27.11 -41.43 11.93
C LYS E 276 -26.10 -40.32 11.75
N MET E 277 -26.08 -39.74 10.54
CA MET E 277 -25.20 -38.63 10.22
C MET E 277 -25.32 -37.55 11.28
N GLN E 278 -26.54 -37.08 11.49
CA GLN E 278 -26.76 -36.05 12.48
C GLN E 278 -26.12 -36.39 13.81
N GLN E 279 -26.36 -37.60 14.30
CA GLN E 279 -25.95 -37.94 15.66
C GLN E 279 -24.43 -37.95 15.84
N LYS E 280 -23.68 -38.16 14.75
CA LYS E 280 -22.22 -38.16 14.83
C LYS E 280 -21.64 -36.75 14.84
N TYR E 281 -22.34 -35.82 14.20
CA TYR E 281 -21.92 -34.41 14.21
C TYR E 281 -22.37 -33.74 15.49
N LEU E 282 -23.55 -34.12 15.99
CA LEU E 282 -24.00 -33.65 17.30
C LEU E 282 -23.05 -34.12 18.40
N ALA E 283 -22.39 -35.26 18.17
CA ALA E 283 -21.40 -35.76 19.12
C ALA E 283 -20.14 -34.87 19.09
N GLN E 284 -19.76 -34.44 17.88
CA GLN E 284 -18.61 -33.55 17.72
C GLN E 284 -18.89 -32.24 18.41
N ILE E 285 -20.06 -31.68 18.16
CA ILE E 285 -20.45 -30.43 18.80
C ILE E 285 -20.38 -30.52 20.32
N GLU E 286 -21.06 -31.52 20.88
CA GLU E 286 -21.12 -31.68 22.32
C GLU E 286 -19.74 -31.68 22.94
N GLU E 287 -18.76 -32.19 22.19
CA GLU E 287 -17.37 -32.29 22.66
C GLU E 287 -16.56 -30.98 22.52
N LEU E 288 -16.61 -30.35 21.35
CA LEU E 288 -15.92 -29.07 21.10
C LEU E 288 -16.38 -27.93 22.02
N TYR E 289 -17.64 -27.97 22.45
CA TYR E 289 -18.21 -26.87 23.21
C TYR E 289 -18.74 -27.33 24.57
N GLU E 290 -17.81 -27.69 25.45
CA GLU E 290 -18.15 -28.04 26.83
C GLU E 290 -18.58 -26.77 27.57
N ASP E 291 -18.05 -25.63 27.09
CA ASP E 291 -18.26 -24.31 27.71
C ASP E 291 -19.45 -23.53 27.12
N PHE E 292 -20.25 -24.20 26.29
CA PHE E 292 -21.45 -23.62 25.69
C PHE E 292 -22.69 -24.41 26.12
N HIS E 293 -23.77 -23.68 26.44
CA HIS E 293 -25.06 -24.32 26.54
C HIS E 293 -25.47 -24.77 25.15
N VAL E 294 -25.41 -26.07 24.89
CA VAL E 294 -25.85 -26.55 23.57
C VAL E 294 -27.26 -27.11 23.67
N VAL E 295 -28.20 -26.39 23.07
CA VAL E 295 -29.61 -26.72 23.16
C VAL E 295 -30.05 -27.44 21.87
N LYS E 296 -30.72 -28.58 22.04
CA LYS E 296 -31.17 -29.37 20.90
C LYS E 296 -32.69 -29.29 20.71
N VAL E 297 -33.10 -28.94 19.50
CA VAL E 297 -34.52 -28.80 19.13
C VAL E 297 -34.85 -29.53 17.83
N PRO E 298 -36.06 -30.13 17.76
CA PRO E 298 -36.41 -31.07 16.70
C PRO E 298 -36.82 -30.42 15.39
N GLN E 299 -36.94 -31.26 14.38
CA GLN E 299 -37.46 -30.84 13.09
C GLN E 299 -38.98 -30.85 13.17
N VAL E 300 -39.59 -29.67 12.99
CA VAL E 300 -41.03 -29.61 12.93
C VAL E 300 -41.51 -29.84 11.50
N PRO E 301 -42.49 -30.77 11.32
CA PRO E 301 -43.04 -31.13 10.01
C PRO E 301 -43.69 -29.95 9.30
N ALA E 302 -44.44 -29.14 10.03
CA ALA E 302 -45.06 -27.96 9.47
C ALA E 302 -44.12 -26.77 9.62
N GLU E 303 -44.20 -25.81 8.69
CA GLU E 303 -43.46 -24.56 8.83
C GLU E 303 -44.02 -23.76 10.01
N VAL E 304 -43.14 -23.23 10.85
CA VAL E 304 -43.56 -22.49 12.04
C VAL E 304 -44.01 -21.08 11.65
N ARG E 305 -45.32 -20.86 11.81
CA ARG E 305 -45.94 -19.61 11.40
C ARG E 305 -47.13 -19.27 12.29
N GLY E 306 -47.30 -17.99 12.61
CA GLY E 306 -48.38 -17.54 13.47
C GLY E 306 -47.93 -17.37 14.91
N THR E 307 -48.53 -16.41 15.59
CA THR E 307 -48.14 -16.07 16.96
C THR E 307 -48.51 -17.16 17.99
N GLU E 308 -49.14 -18.25 17.53
CA GLU E 308 -49.49 -19.35 18.42
C GLU E 308 -48.58 -20.54 18.22
N ALA E 309 -48.21 -20.80 16.97
CA ALA E 309 -47.24 -21.84 16.65
C ALA E 309 -45.89 -21.44 17.20
N LEU E 310 -45.60 -20.14 17.16
CA LEU E 310 -44.34 -19.61 17.67
C LEU E 310 -44.25 -19.75 19.19
N LYS E 311 -45.30 -19.33 19.88
CA LYS E 311 -45.31 -19.45 21.33
C LYS E 311 -45.00 -20.88 21.75
N SER E 312 -45.69 -21.84 21.14
CA SER E 312 -45.53 -23.25 21.48
C SER E 312 -44.14 -23.80 21.16
N PHE E 313 -43.53 -23.27 20.10
CA PHE E 313 -42.20 -23.67 19.69
C PHE E 313 -41.14 -23.15 20.65
N SER E 314 -41.27 -21.88 21.05
CA SER E 314 -40.29 -21.24 21.93
C SER E 314 -40.08 -22.06 23.17
N GLU E 315 -41.03 -22.93 23.45
CA GLU E 315 -40.98 -23.83 24.58
C GLU E 315 -39.68 -24.61 24.63
N MET E 316 -39.24 -25.11 23.49
CA MET E 316 -38.16 -26.08 23.45
C MET E 316 -36.82 -25.41 23.64
N LEU E 317 -36.85 -24.09 23.66
CA LEU E 317 -35.64 -23.30 23.89
C LEU E 317 -35.36 -23.15 25.38
N VAL E 318 -36.39 -23.28 26.20
CA VAL E 318 -36.24 -23.15 27.65
C VAL E 318 -36.48 -24.46 28.40
N LYS E 319 -37.02 -25.46 27.71
CA LYS E 319 -37.28 -26.78 28.28
C LYS E 319 -36.81 -27.90 27.34
N PRO E 320 -35.70 -28.58 27.71
CA PRO E 320 -35.14 -29.65 26.89
C PRO E 320 -36.25 -30.56 26.36
N TYR E 321 -36.18 -30.91 25.07
CA TYR E 321 -37.22 -31.70 24.43
C TYR E 321 -36.92 -33.20 24.39
N VAL E 322 -37.91 -34.03 24.74
CA VAL E 322 -37.79 -35.49 24.58
C VAL E 322 -39.08 -36.11 24.03
N PRO F 7 -33.07 -29.79 -20.38
CA PRO F 7 -32.62 -31.13 -20.81
C PRO F 7 -31.81 -31.83 -19.70
N GLY F 8 -32.50 -32.24 -18.63
CA GLY F 8 -31.88 -32.56 -17.35
C GLY F 8 -30.95 -33.77 -17.22
N THR F 9 -29.85 -33.74 -17.96
CA THR F 9 -28.99 -34.89 -17.97
C THR F 9 -27.61 -34.50 -18.50
N LEU F 10 -26.59 -35.15 -17.97
CA LEU F 10 -25.21 -34.83 -18.36
C LEU F 10 -24.80 -35.40 -19.72
N GLU F 11 -25.77 -35.66 -20.59
CA GLU F 11 -25.43 -36.24 -21.88
C GLU F 11 -24.48 -35.32 -22.63
N ASN F 12 -24.74 -34.02 -22.54
CA ASN F 12 -24.00 -33.03 -23.33
C ASN F 12 -22.50 -33.00 -23.07
N LEU F 13 -22.05 -33.73 -22.06
CA LEU F 13 -20.63 -33.80 -21.76
C LEU F 13 -20.01 -34.98 -22.48
N LEU F 14 -20.77 -36.07 -22.55
CA LEU F 14 -20.28 -37.25 -23.26
C LEU F 14 -20.25 -36.96 -24.75
N GLU F 15 -21.16 -36.08 -25.20
CA GLU F 15 -21.24 -35.70 -26.61
C GLU F 15 -20.10 -34.78 -27.05
N GLN F 16 -19.85 -33.70 -26.30
CA GLN F 16 -18.81 -32.76 -26.63
C GLN F 16 -17.44 -33.44 -26.48
N THR F 17 -16.91 -33.94 -27.59
CA THR F 17 -15.67 -34.73 -27.54
C THR F 17 -14.42 -33.85 -27.55
N SER F 18 -14.61 -32.55 -27.77
CA SER F 18 -13.50 -31.62 -27.76
C SER F 18 -12.99 -31.40 -26.34
N LEU F 19 -13.86 -31.66 -25.37
CA LEU F 19 -13.55 -31.46 -23.96
C LEU F 19 -12.32 -32.25 -23.53
N LYS F 20 -11.38 -31.56 -22.90
CA LYS F 20 -10.17 -32.17 -22.37
C LYS F 20 -10.10 -32.13 -20.82
N TRP F 21 -10.63 -31.05 -20.24
CA TRP F 21 -10.71 -30.91 -18.78
C TRP F 21 -12.12 -30.65 -18.30
N ILE F 22 -12.57 -31.45 -17.34
CA ILE F 22 -13.87 -31.21 -16.74
C ILE F 22 -13.70 -31.16 -15.22
N PHE F 23 -13.95 -29.99 -14.65
CA PHE F 23 -13.85 -29.81 -13.21
C PHE F 23 -15.21 -30.03 -12.56
N VAL F 24 -15.24 -30.78 -11.47
CA VAL F 24 -16.48 -30.86 -10.70
C VAL F 24 -16.24 -30.45 -9.26
N GLY F 25 -17.09 -29.56 -8.75
CA GLY F 25 -16.91 -29.01 -7.42
C GLY F 25 -18.23 -28.60 -6.80
N GLY F 26 -18.20 -28.46 -5.47
CA GLY F 26 -19.37 -28.08 -4.72
C GLY F 26 -18.99 -28.11 -3.25
N LYS F 27 -19.48 -27.12 -2.50
CA LYS F 27 -19.09 -26.98 -1.11
C LYS F 27 -19.54 -28.17 -0.28
N GLY F 28 -18.59 -29.08 -0.08
CA GLY F 28 -18.77 -30.42 0.51
C GLY F 28 -19.99 -30.81 1.31
N GLY F 29 -20.29 -32.11 1.29
CA GLY F 29 -21.44 -32.68 1.99
C GLY F 29 -22.63 -32.91 1.07
N VAL F 30 -22.35 -33.01 -0.22
CA VAL F 30 -23.41 -32.97 -1.23
C VAL F 30 -23.21 -34.08 -2.26
N GLY F 31 -22.52 -35.14 -1.86
CA GLY F 31 -22.30 -36.24 -2.78
C GLY F 31 -21.47 -35.83 -3.97
N LYS F 32 -20.57 -34.86 -3.76
CA LYS F 32 -19.68 -34.40 -4.82
C LYS F 32 -18.80 -35.53 -5.34
N THR F 33 -18.22 -36.32 -4.44
CA THR F 33 -17.29 -37.38 -4.83
C THR F 33 -17.95 -38.46 -5.68
N THR F 34 -19.10 -38.92 -5.21
CA THR F 34 -19.91 -39.86 -5.97
C THR F 34 -20.19 -39.34 -7.39
N THR F 35 -20.54 -38.06 -7.50
CA THR F 35 -20.78 -37.44 -8.79
C THR F 35 -19.54 -37.44 -9.69
N SER F 36 -18.38 -37.10 -9.13
CA SER F 36 -17.13 -37.10 -9.91
C SER F 36 -16.87 -38.46 -10.52
N CYS F 37 -16.98 -39.49 -9.68
CA CYS F 37 -16.77 -40.88 -10.10
C CYS F 37 -17.78 -41.31 -11.18
N SER F 38 -19.06 -41.18 -10.87
CA SER F 38 -20.12 -41.56 -11.81
C SER F 38 -19.89 -40.91 -13.17
N LEU F 39 -19.39 -39.68 -13.17
CA LEU F 39 -19.14 -38.99 -14.41
C LEU F 39 -17.92 -39.55 -15.12
N ALA F 40 -16.94 -40.01 -14.34
CA ALA F 40 -15.70 -40.52 -14.91
C ALA F 40 -15.96 -41.88 -15.56
N ILE F 41 -16.73 -42.71 -14.87
CA ILE F 41 -17.14 -44.00 -15.43
C ILE F 41 -17.84 -43.80 -16.78
N GLN F 42 -18.91 -42.98 -16.78
CA GLN F 42 -19.67 -42.71 -18.02
C GLN F 42 -18.80 -42.15 -19.13
N MET F 43 -17.81 -41.36 -18.77
CA MET F 43 -16.93 -40.77 -19.76
C MET F 43 -16.01 -41.83 -20.34
N SER F 44 -15.67 -42.82 -19.51
CA SER F 44 -14.74 -43.85 -19.92
C SER F 44 -15.36 -44.77 -20.98
N LYS F 45 -16.70 -44.81 -21.00
CA LYS F 45 -17.40 -45.64 -21.99
C LYS F 45 -17.34 -45.05 -23.39
N VAL F 46 -17.00 -43.77 -23.50
CA VAL F 46 -17.12 -43.09 -24.78
C VAL F 46 -15.83 -42.35 -25.16
N ARG F 47 -14.75 -42.65 -24.44
CA ARG F 47 -13.44 -42.04 -24.72
C ARG F 47 -12.34 -43.07 -24.63
N SER F 48 -11.18 -42.74 -25.21
CA SER F 48 -10.07 -43.67 -25.25
C SER F 48 -9.39 -43.83 -23.90
N SER F 49 -9.10 -42.69 -23.26
CA SER F 49 -8.34 -42.68 -22.01
C SER F 49 -8.89 -41.59 -21.07
N VAL F 50 -9.39 -42.01 -19.92
CA VAL F 50 -9.95 -41.07 -18.93
C VAL F 50 -9.18 -41.11 -17.61
N LEU F 51 -8.90 -39.92 -17.06
CA LEU F 51 -8.23 -39.81 -15.75
C LEU F 51 -9.12 -39.09 -14.73
N LEU F 52 -9.22 -39.65 -13.53
CA LEU F 52 -10.00 -39.05 -12.45
C LEU F 52 -9.06 -38.66 -11.27
N ILE F 53 -8.76 -37.37 -11.16
CA ILE F 53 -7.86 -36.89 -10.10
C ILE F 53 -8.61 -36.11 -9.02
N SER F 54 -8.20 -36.30 -7.76
CA SER F 54 -8.83 -35.59 -6.66
C SER F 54 -7.81 -34.96 -5.71
N THR F 55 -8.10 -33.73 -5.30
CA THR F 55 -7.24 -33.00 -4.36
C THR F 55 -7.86 -32.95 -2.96
N ASP F 56 -8.97 -33.66 -2.79
CA ASP F 56 -9.55 -33.83 -1.47
C ASP F 56 -8.61 -34.72 -0.67
N PRO F 57 -8.01 -34.16 0.39
CA PRO F 57 -7.01 -34.86 1.20
C PRO F 57 -7.62 -36.08 1.90
N ALA F 58 -8.93 -36.05 2.10
CA ALA F 58 -9.65 -37.11 2.81
C ALA F 58 -9.66 -38.45 2.05
N HIS F 59 -8.76 -38.59 1.06
CA HIS F 59 -8.68 -39.82 0.27
C HIS F 59 -10.07 -40.40 -0.03
N ASN F 60 -10.98 -39.50 -0.37
CA ASN F 60 -12.38 -39.80 -0.69
C ASN F 60 -12.53 -40.73 -1.88
N LEU F 61 -11.52 -40.70 -2.76
CA LEU F 61 -11.55 -41.45 -3.99
C LEU F 61 -11.30 -42.92 -3.71
N SER F 62 -10.33 -43.18 -2.84
CA SER F 62 -10.07 -44.54 -2.34
C SER F 62 -11.31 -45.13 -1.65
N ASP F 63 -11.79 -44.45 -0.61
CA ASP F 63 -12.98 -44.87 0.14
C ASP F 63 -14.16 -45.20 -0.76
N ALA F 64 -14.17 -44.68 -1.98
CA ALA F 64 -15.31 -44.88 -2.88
C ALA F 64 -15.17 -46.13 -3.73
N PHE F 65 -13.96 -46.40 -4.19
CA PHE F 65 -13.74 -47.55 -5.06
C PHE F 65 -13.32 -48.80 -4.31
N GLY F 66 -12.91 -48.62 -3.05
CA GLY F 66 -12.40 -49.72 -2.26
C GLY F 66 -10.87 -49.79 -2.36
N THR F 67 -10.34 -49.53 -3.55
CA THR F 67 -8.90 -49.55 -3.79
C THR F 67 -8.22 -48.39 -3.09
N LYS F 68 -6.90 -48.48 -2.95
CA LYS F 68 -6.09 -47.36 -2.47
C LYS F 68 -5.40 -46.67 -3.65
N PHE F 69 -5.56 -45.35 -3.74
CA PHE F 69 -4.90 -44.59 -4.79
C PHE F 69 -3.91 -43.63 -4.16
N GLY F 70 -3.00 -43.13 -4.98
CA GLY F 70 -1.96 -42.24 -4.49
C GLY F 70 -1.49 -41.20 -5.48
N LYS F 71 -0.32 -40.64 -5.20
CA LYS F 71 0.19 -39.51 -5.97
C LYS F 71 0.63 -39.89 -7.38
N ASP F 72 0.23 -41.07 -7.84
CA ASP F 72 0.49 -41.44 -9.23
C ASP F 72 -0.54 -42.40 -9.83
N ALA F 73 -0.74 -42.24 -11.14
CA ALA F 73 -1.86 -42.83 -11.85
C ALA F 73 -1.87 -44.34 -11.79
N ARG F 74 -2.98 -44.89 -11.26
CA ARG F 74 -3.18 -46.34 -11.22
C ARG F 74 -4.47 -46.70 -11.92
N LYS F 75 -4.40 -47.55 -12.93
CA LYS F 75 -5.61 -48.07 -13.56
C LYS F 75 -6.63 -48.47 -12.49
N VAL F 76 -7.89 -48.14 -12.73
CA VAL F 76 -8.95 -48.46 -11.76
C VAL F 76 -9.46 -49.88 -11.96
N PRO F 77 -9.38 -50.70 -10.91
CA PRO F 77 -9.88 -52.09 -10.92
C PRO F 77 -11.34 -52.16 -11.38
N GLY F 78 -11.54 -52.72 -12.57
CA GLY F 78 -12.88 -52.95 -13.10
C GLY F 78 -13.13 -52.24 -14.41
N PHE F 79 -12.13 -51.51 -14.90
CA PHE F 79 -12.26 -50.75 -16.14
C PHE F 79 -10.99 -50.84 -16.98
N ASP F 80 -11.15 -50.67 -18.29
CA ASP F 80 -10.04 -50.77 -19.21
C ASP F 80 -9.21 -49.49 -19.19
N ASN F 81 -9.88 -48.37 -19.46
CA ASN F 81 -9.21 -47.11 -19.78
C ASN F 81 -9.29 -46.02 -18.70
N LEU F 82 -9.90 -46.34 -17.57
CA LEU F 82 -10.04 -45.38 -16.49
C LEU F 82 -8.90 -45.51 -15.46
N SER F 83 -8.10 -44.46 -15.33
CA SER F 83 -7.04 -44.40 -14.32
C SER F 83 -7.39 -43.34 -13.27
N ALA F 84 -6.87 -43.47 -12.05
CA ALA F 84 -7.22 -42.55 -10.96
C ALA F 84 -6.02 -42.21 -10.10
N MET F 85 -5.88 -40.93 -9.75
CA MET F 85 -4.84 -40.52 -8.83
C MET F 85 -5.37 -39.56 -7.78
N GLU F 86 -4.73 -39.54 -6.62
CA GLU F 86 -5.27 -38.83 -5.49
C GLU F 86 -4.15 -38.04 -4.83
N ILE F 87 -4.12 -36.75 -5.11
CA ILE F 87 -2.99 -35.93 -4.72
C ILE F 87 -3.37 -34.88 -3.67
N ASP F 88 -2.48 -34.66 -2.70
CA ASP F 88 -2.63 -33.61 -1.71
C ASP F 88 -1.55 -32.57 -1.97
N PRO F 89 -1.96 -31.30 -2.16
CA PRO F 89 -1.05 -30.18 -2.45
C PRO F 89 -0.06 -29.91 -1.32
N ASN F 90 -0.54 -29.82 -0.09
CA ASN F 90 0.34 -29.55 1.06
C ASN F 90 1.56 -30.46 1.11
N LEU F 91 1.40 -31.69 0.59
CA LEU F 91 2.52 -32.62 0.49
C LEU F 91 3.38 -32.26 -0.72
N SER F 92 2.75 -32.15 -1.88
CA SER F 92 3.46 -31.76 -3.10
C SER F 92 4.26 -30.46 -2.94
N ILE F 93 3.86 -29.64 -1.99
CA ILE F 93 4.57 -28.38 -1.71
C ILE F 93 5.90 -28.66 -1.02
N GLN F 94 5.85 -29.33 0.14
CA GLN F 94 7.07 -29.64 0.89
C GLN F 94 7.96 -30.64 0.16
N GLU F 95 7.37 -31.43 -0.73
CA GLU F 95 8.14 -32.36 -1.57
C GLU F 95 9.03 -31.60 -2.55
N MET F 96 8.43 -30.61 -3.22
CA MET F 96 9.08 -29.86 -4.28
C MET F 96 10.08 -28.80 -3.77
N THR F 97 9.82 -28.26 -2.58
CA THR F 97 10.66 -27.18 -2.01
C THR F 97 12.00 -27.69 -1.48
N GLU F 98 11.95 -28.72 -0.62
CA GLU F 98 13.15 -29.37 -0.10
C GLU F 98 13.95 -29.95 -1.26
N GLN F 99 13.23 -30.35 -2.31
CA GLN F 99 13.81 -30.90 -3.52
C GLN F 99 14.74 -29.91 -4.22
N ALA F 100 14.69 -28.65 -3.79
CA ALA F 100 15.56 -27.60 -4.31
C ALA F 100 16.95 -27.66 -3.65
N LEU F 109 15.23 -21.92 -5.25
CA LEU F 109 15.23 -21.76 -3.80
C LEU F 109 13.83 -21.34 -3.31
N SER F 110 13.53 -21.66 -2.06
CA SER F 110 12.24 -21.32 -1.45
C SER F 110 12.35 -20.13 -0.50
N GLY F 111 13.55 -19.92 0.06
CA GLY F 111 13.80 -18.76 0.89
C GLY F 111 13.24 -17.53 0.18
N MET F 112 13.81 -17.26 -0.99
CA MET F 112 13.30 -16.23 -1.89
C MET F 112 11.78 -16.37 -2.08
N MET F 113 11.34 -17.57 -2.46
CA MET F 113 9.91 -17.86 -2.64
C MET F 113 9.07 -17.49 -1.41
N GLN F 114 9.67 -17.55 -0.23
CA GLN F 114 9.00 -17.15 1.01
C GLN F 114 8.77 -15.65 1.05
N ASP F 115 9.84 -14.91 0.74
CA ASP F 115 9.77 -13.47 0.68
C ASP F 115 8.76 -13.12 -0.39
N LEU F 116 8.49 -14.11 -1.23
CA LEU F 116 7.47 -14.00 -2.26
C LEU F 116 6.15 -14.42 -1.62
N ALA F 117 6.26 -15.38 -0.70
CA ALA F 117 5.11 -16.07 -0.12
C ALA F 117 4.17 -15.20 0.67
N PHE F 118 4.69 -14.13 1.26
CA PHE F 118 3.86 -13.26 2.07
C PHE F 118 3.25 -12.12 1.24
N THR F 119 4.00 -11.63 0.26
CA THR F 119 3.48 -10.60 -0.65
C THR F 119 2.43 -11.26 -1.54
N ILE F 120 2.76 -12.46 -2.03
CA ILE F 120 1.85 -13.23 -2.85
C ILE F 120 1.34 -14.43 -2.07
N PRO F 121 0.10 -14.35 -1.57
CA PRO F 121 -0.42 -15.47 -0.80
C PRO F 121 -0.75 -16.68 -1.68
N GLY F 122 -0.09 -17.80 -1.42
CA GLY F 122 -0.44 -19.06 -2.07
C GLY F 122 0.24 -19.33 -3.41
N ILE F 123 1.48 -18.87 -3.54
CA ILE F 123 2.28 -19.15 -4.72
C ILE F 123 2.75 -20.58 -4.61
N ASP F 124 2.96 -21.04 -3.39
CA ASP F 124 3.42 -22.40 -3.17
C ASP F 124 2.35 -23.39 -3.59
N GLU F 125 1.11 -23.09 -3.19
CA GLU F 125 -0.03 -23.89 -3.58
C GLU F 125 -0.24 -23.82 -5.08
N ALA F 126 0.13 -22.70 -5.70
CA ALA F 126 -0.04 -22.51 -7.15
C ALA F 126 1.10 -23.13 -7.97
N LEU F 127 2.31 -23.08 -7.45
CA LEU F 127 3.44 -23.68 -8.12
C LEU F 127 3.24 -25.17 -8.12
N ALA F 128 2.63 -25.66 -7.05
CA ALA F 128 2.32 -27.07 -6.96
C ALA F 128 1.40 -27.39 -8.12
N PHE F 129 0.23 -26.78 -8.14
CA PHE F 129 -0.72 -27.01 -9.21
C PHE F 129 -0.10 -26.89 -10.59
N ALA F 130 0.90 -26.03 -10.73
CA ALA F 130 1.56 -25.86 -12.02
C ALA F 130 2.24 -27.14 -12.45
N GLU F 131 2.92 -27.81 -11.51
CA GLU F 131 3.60 -29.05 -11.87
C GLU F 131 2.63 -30.23 -11.96
N ILE F 132 1.66 -30.30 -11.06
CA ILE F 132 0.62 -31.31 -11.18
C ILE F 132 0.08 -31.31 -12.62
N LEU F 133 -0.25 -30.13 -13.12
CA LEU F 133 -0.77 -30.03 -14.47
C LEU F 133 0.23 -30.52 -15.53
N LYS F 134 1.49 -30.05 -15.46
CA LYS F 134 2.46 -30.47 -16.47
C LYS F 134 2.56 -32.00 -16.51
N GLN F 135 2.47 -32.65 -15.35
CA GLN F 135 2.45 -34.11 -15.31
C GLN F 135 1.24 -34.68 -16.05
N ILE F 136 0.03 -34.29 -15.63
CA ILE F 136 -1.18 -34.71 -16.34
C ILE F 136 -1.06 -34.52 -17.87
N LYS F 137 -0.59 -33.36 -18.29
CA LYS F 137 -0.44 -33.10 -19.72
C LYS F 137 0.45 -34.14 -20.37
N SER F 138 1.52 -34.54 -19.68
CA SER F 138 2.50 -35.45 -20.28
C SER F 138 1.97 -36.89 -20.43
N MET F 139 1.07 -37.31 -19.55
CA MET F 139 0.50 -38.65 -19.60
C MET F 139 -0.55 -38.77 -20.71
N GLU F 140 -0.88 -37.64 -21.32
CA GLU F 140 -1.80 -37.59 -22.46
C GLU F 140 -3.05 -38.47 -22.31
N PHE F 141 -3.96 -38.08 -21.43
CA PHE F 141 -5.26 -38.72 -21.37
C PHE F 141 -6.21 -37.97 -22.30
N ASP F 142 -7.14 -38.69 -22.91
CA ASP F 142 -8.08 -38.06 -23.81
C ASP F 142 -8.93 -37.03 -23.06
N CYS F 143 -9.33 -37.40 -21.85
CA CYS F 143 -10.15 -36.54 -21.01
C CYS F 143 -9.85 -36.77 -19.52
N VAL F 144 -9.69 -35.67 -18.77
CA VAL F 144 -9.43 -35.76 -17.34
C VAL F 144 -10.48 -35.02 -16.49
N ILE F 145 -10.99 -35.72 -15.47
CA ILE F 145 -12.01 -35.18 -14.56
C ILE F 145 -11.37 -34.77 -13.23
N PHE F 146 -11.45 -33.48 -12.89
CA PHE F 146 -10.89 -32.97 -11.63
C PHE F 146 -11.93 -32.93 -10.54
N ASP F 147 -11.61 -33.56 -9.40
CA ASP F 147 -12.48 -33.59 -8.25
C ASP F 147 -11.93 -32.57 -7.26
N THR F 148 -12.56 -31.40 -7.15
CA THR F 148 -12.05 -30.32 -6.30
C THR F 148 -12.27 -30.56 -4.80
N ALA F 149 -11.57 -29.80 -3.95
CA ALA F 149 -11.71 -29.93 -2.51
C ALA F 149 -13.09 -29.48 -2.07
N PRO F 150 -13.59 -29.99 -0.93
CA PRO F 150 -14.95 -29.71 -0.45
C PRO F 150 -15.04 -28.44 0.37
N THR F 151 -13.89 -27.85 0.73
CA THR F 151 -13.88 -26.72 1.63
C THR F 151 -12.85 -25.68 1.25
N GLY F 152 -13.05 -24.46 1.74
CA GLY F 152 -12.15 -23.38 1.45
C GLY F 152 -12.39 -22.90 0.02
N HIS F 153 -11.32 -22.51 -0.65
CA HIS F 153 -11.47 -22.03 -2.02
C HIS F 153 -11.52 -23.23 -2.96
N THR F 154 -12.73 -23.57 -3.42
CA THR F 154 -12.90 -24.76 -4.24
C THR F 154 -12.31 -24.59 -5.62
N LEU F 155 -11.91 -23.36 -5.93
CA LEU F 155 -11.41 -23.05 -7.27
C LEU F 155 -9.93 -22.70 -7.33
N ARG F 156 -9.16 -23.05 -6.31
CA ARG F 156 -7.76 -22.62 -6.28
C ARG F 156 -7.09 -23.03 -7.58
N PHE F 157 -7.44 -24.21 -8.07
CA PHE F 157 -6.70 -24.79 -9.18
C PHE F 157 -6.85 -23.93 -10.41
N LEU F 158 -8.08 -23.54 -10.71
CA LEU F 158 -8.35 -22.74 -11.90
C LEU F 158 -7.70 -21.37 -11.78
N ASN F 159 -7.34 -21.02 -10.55
CA ASN F 159 -6.79 -19.69 -10.29
C ASN F 159 -5.26 -19.65 -10.28
N PHE F 160 -4.62 -20.80 -10.48
CA PHE F 160 -3.18 -20.86 -10.32
C PHE F 160 -2.38 -20.03 -11.34
N PRO F 161 -2.89 -19.89 -12.57
CA PRO F 161 -2.17 -19.02 -13.51
C PRO F 161 -2.19 -17.57 -13.05
N THR F 162 -3.34 -17.14 -12.52
CA THR F 162 -3.45 -15.81 -11.98
C THR F 162 -2.37 -15.55 -10.92
N VAL F 163 -2.28 -16.44 -9.94
CA VAL F 163 -1.32 -16.28 -8.85
C VAL F 163 0.11 -16.27 -9.36
N LEU F 164 0.42 -17.14 -10.32
CA LEU F 164 1.74 -17.13 -10.92
C LEU F 164 2.01 -15.80 -11.62
N GLU F 165 1.06 -15.35 -12.44
CA GLU F 165 1.25 -14.13 -13.21
C GLU F 165 1.55 -12.90 -12.33
N LYS F 166 0.96 -12.85 -11.14
CA LYS F 166 1.27 -11.78 -10.19
C LYS F 166 2.74 -11.84 -9.79
N ALA F 167 3.15 -13.01 -9.31
CA ALA F 167 4.52 -13.24 -8.92
C ALA F 167 5.51 -12.87 -10.02
N LEU F 168 5.15 -13.12 -11.27
CA LEU F 168 6.03 -12.80 -12.39
C LEU F 168 6.11 -11.31 -12.61
N GLY F 169 5.07 -10.59 -12.19
CA GLY F 169 5.08 -9.14 -12.28
C GLY F 169 5.99 -8.54 -11.22
N LYS F 170 6.07 -9.21 -10.09
CA LYS F 170 6.90 -8.76 -8.98
C LYS F 170 8.36 -9.10 -9.24
N LEU F 171 8.59 -10.14 -10.04
CA LEU F 171 9.95 -10.58 -10.35
C LEU F 171 10.59 -9.82 -11.51
N GLY F 172 9.75 -9.29 -12.41
CA GLY F 172 10.23 -8.57 -13.58
C GLY F 172 11.05 -7.35 -13.21
N GLY F 173 10.60 -6.65 -12.18
CA GLY F 173 11.29 -5.46 -11.68
C GLY F 173 12.52 -5.75 -10.85
N LEU F 174 12.71 -7.02 -10.49
CA LEU F 174 13.89 -7.46 -9.75
C LEU F 174 15.12 -7.63 -10.64
N SER F 175 16.27 -7.20 -10.13
CA SER F 175 17.54 -7.28 -10.84
C SER F 175 17.95 -8.75 -11.02
N SER F 176 19.22 -8.96 -11.40
CA SER F 176 19.76 -10.31 -11.47
C SER F 176 19.78 -10.90 -10.06
N ARG F 177 20.74 -11.77 -9.77
CA ARG F 177 20.89 -12.37 -8.44
C ARG F 177 19.67 -13.19 -7.99
N PHE F 178 18.54 -12.98 -8.64
CA PHE F 178 17.36 -13.80 -8.45
C PHE F 178 17.32 -14.83 -9.56
N GLY F 179 18.39 -14.83 -10.36
CA GLY F 179 18.57 -15.81 -11.41
C GLY F 179 18.28 -17.21 -10.91
N PRO F 180 18.82 -17.57 -9.73
CA PRO F 180 18.52 -18.85 -9.09
C PRO F 180 17.02 -19.18 -9.01
N MET F 181 16.21 -18.31 -8.43
CA MET F 181 14.80 -18.62 -8.20
C MET F 181 13.94 -18.51 -9.47
N ILE F 182 14.26 -17.56 -10.35
CA ILE F 182 13.59 -17.46 -11.64
C ILE F 182 13.80 -18.74 -12.46
N ASN F 183 15.05 -19.20 -12.53
CA ASN F 183 15.41 -20.46 -13.20
C ASN F 183 14.83 -21.66 -12.46
N GLN F 184 14.67 -21.52 -11.16
CA GLN F 184 14.12 -22.58 -10.31
C GLN F 184 12.61 -22.75 -10.54
N MET F 185 11.91 -21.63 -10.65
CA MET F 185 10.48 -21.65 -10.99
C MET F 185 10.27 -22.21 -12.40
N GLY F 186 11.12 -21.77 -13.34
CA GLY F 186 11.00 -22.12 -14.75
C GLY F 186 11.01 -23.62 -15.03
N SER F 187 11.75 -24.37 -14.22
CA SER F 187 11.87 -25.82 -14.42
C SER F 187 10.65 -26.61 -13.92
N ILE F 188 10.08 -26.18 -12.80
CA ILE F 188 8.92 -26.87 -12.24
C ILE F 188 7.67 -26.66 -13.11
N MET F 189 7.73 -25.66 -13.99
CA MET F 189 6.66 -25.43 -14.97
C MET F 189 6.96 -26.10 -16.32
N GLY F 190 8.13 -25.80 -16.88
CA GLY F 190 8.54 -26.34 -18.17
C GLY F 190 9.84 -25.75 -18.70
N GLN F 196 17.41 -21.34 -22.76
CA GLN F 196 17.87 -21.56 -21.41
C GLN F 196 18.44 -20.24 -20.96
N ASP F 197 18.06 -19.80 -19.76
CA ASP F 197 18.57 -18.55 -19.20
C ASP F 197 18.01 -17.28 -19.91
N LEU F 198 18.65 -16.14 -19.64
CA LEU F 198 18.28 -14.83 -20.21
C LEU F 198 17.07 -14.22 -19.49
N PHE F 199 16.60 -13.07 -19.98
CA PHE F 199 15.35 -12.49 -19.49
C PHE F 199 14.19 -13.15 -20.23
N GLY F 200 14.49 -13.71 -21.40
CA GLY F 200 13.49 -14.40 -22.20
C GLY F 200 12.80 -15.55 -21.47
N LYS F 201 13.57 -16.32 -20.70
CA LYS F 201 13.04 -17.43 -19.92
C LYS F 201 12.05 -16.94 -18.87
N MET F 202 12.22 -15.67 -18.50
CA MET F 202 11.31 -14.96 -17.63
C MET F 202 10.01 -14.60 -18.37
N GLU F 203 10.14 -14.45 -19.69
CA GLU F 203 9.02 -14.11 -20.57
C GLU F 203 8.45 -15.35 -21.27
N SER F 204 9.11 -16.48 -21.07
CA SER F 204 8.69 -17.72 -21.73
C SER F 204 7.77 -18.50 -20.79
N MET F 205 7.91 -18.25 -19.49
CA MET F 205 6.94 -18.71 -18.51
C MET F 205 5.62 -17.98 -18.74
N ARG F 206 5.70 -16.67 -18.91
CA ARG F 206 4.52 -15.87 -19.21
C ARG F 206 3.74 -16.50 -20.35
N ALA F 207 4.47 -17.11 -21.28
CA ALA F 207 3.86 -17.72 -22.45
C ALA F 207 3.26 -19.07 -22.08
N ASN F 208 3.90 -19.74 -21.14
CA ASN F 208 3.37 -20.99 -20.60
C ASN F 208 2.07 -20.75 -19.82
N ILE F 209 2.11 -19.78 -18.91
CA ILE F 209 0.91 -19.37 -18.19
C ILE F 209 -0.21 -18.99 -19.15
N SER F 210 0.09 -18.06 -20.07
CA SER F 210 -0.90 -17.63 -21.04
C SER F 210 -1.55 -18.84 -21.71
N GLU F 211 -0.77 -19.89 -21.91
CA GLU F 211 -1.27 -21.08 -22.57
C GLU F 211 -2.34 -21.78 -21.74
N VAL F 212 -2.03 -22.01 -20.47
CA VAL F 212 -2.97 -22.66 -19.57
C VAL F 212 -4.27 -21.85 -19.53
N ASN F 213 -4.15 -20.55 -19.22
CA ASN F 213 -5.29 -19.65 -19.22
C ASN F 213 -6.20 -19.77 -20.45
N LYS F 214 -5.59 -19.70 -21.63
CA LYS F 214 -6.32 -19.89 -22.89
C LYS F 214 -7.19 -21.13 -22.85
N GLN F 215 -6.59 -22.26 -22.49
CA GLN F 215 -7.31 -23.52 -22.46
C GLN F 215 -8.42 -23.51 -21.42
N PHE F 216 -8.10 -23.08 -20.22
CA PHE F 216 -9.11 -23.03 -19.16
C PHE F 216 -10.34 -22.22 -19.59
N LYS F 217 -10.08 -21.10 -20.27
CA LYS F 217 -11.13 -20.15 -20.62
C LYS F 217 -11.84 -20.47 -21.94
N ASN F 218 -11.47 -21.58 -22.57
CA ASN F 218 -12.00 -21.96 -23.89
C ASN F 218 -13.05 -23.07 -23.85
N PRO F 219 -14.34 -22.68 -23.88
CA PRO F 219 -15.49 -23.58 -23.67
C PRO F 219 -15.45 -24.88 -24.46
N ASP F 220 -14.70 -24.91 -25.56
CA ASP F 220 -14.58 -26.12 -26.36
C ASP F 220 -13.69 -27.15 -25.66
N LEU F 221 -12.80 -26.64 -24.81
CA LEU F 221 -11.77 -27.45 -24.19
C LEU F 221 -12.02 -27.77 -22.71
N THR F 222 -12.45 -26.79 -21.92
CA THR F 222 -12.72 -27.02 -20.50
C THR F 222 -13.96 -26.35 -19.93
N THR F 223 -14.81 -27.17 -19.32
CA THR F 223 -16.01 -26.71 -18.65
C THR F 223 -16.03 -27.18 -17.19
N PHE F 224 -17.00 -26.70 -16.43
CA PHE F 224 -17.10 -26.98 -15.00
C PHE F 224 -18.51 -27.49 -14.70
N VAL F 225 -18.62 -28.42 -13.76
CA VAL F 225 -19.93 -28.90 -13.33
C VAL F 225 -20.12 -28.77 -11.81
N CYS F 226 -21.12 -27.98 -11.43
CA CYS F 226 -21.41 -27.71 -10.03
C CYS F 226 -22.33 -28.76 -9.50
N VAL F 227 -22.08 -29.20 -8.27
CA VAL F 227 -23.00 -30.10 -7.58
C VAL F 227 -23.42 -29.52 -6.23
N CYS F 228 -24.67 -29.81 -5.85
CA CYS F 228 -25.23 -29.25 -4.63
C CYS F 228 -26.38 -30.11 -4.16
N ILE F 229 -27.01 -29.69 -3.08
CA ILE F 229 -28.22 -30.33 -2.60
C ILE F 229 -29.28 -29.25 -2.48
N SER F 230 -30.54 -29.67 -2.39
CA SER F 230 -31.64 -28.72 -2.46
C SER F 230 -31.96 -28.08 -1.11
N GLU F 231 -30.97 -27.39 -0.54
CA GLU F 231 -31.15 -26.68 0.71
C GLU F 231 -30.71 -25.23 0.56
N PHE F 232 -31.03 -24.42 1.56
CA PHE F 232 -30.80 -22.99 1.49
C PHE F 232 -29.32 -22.66 1.43
N LEU F 233 -28.59 -23.16 2.41
CA LEU F 233 -27.16 -22.89 2.50
C LEU F 233 -26.42 -23.36 1.25
N SER F 234 -26.80 -24.53 0.75
CA SER F 234 -26.13 -25.09 -0.41
C SER F 234 -26.43 -24.30 -1.67
N LEU F 235 -27.61 -23.69 -1.75
CA LEU F 235 -27.92 -22.82 -2.87
C LEU F 235 -27.09 -21.57 -2.82
N TYR F 236 -27.00 -20.99 -1.62
CA TYR F 236 -26.27 -19.76 -1.43
C TYR F 236 -24.81 -19.94 -1.81
N GLU F 237 -24.13 -20.90 -1.19
CA GLU F 237 -22.71 -21.13 -1.48
C GLU F 237 -22.48 -21.51 -2.93
N THR F 238 -23.49 -22.09 -3.56
CA THR F 238 -23.40 -22.47 -4.97
C THR F 238 -23.46 -21.26 -5.93
N GLU F 239 -24.32 -20.28 -5.61
CA GLU F 239 -24.40 -19.06 -6.40
C GLU F 239 -23.09 -18.29 -6.33
N ARG F 240 -22.55 -18.17 -5.12
CA ARG F 240 -21.28 -17.46 -4.93
C ARG F 240 -20.20 -18.13 -5.79
N MET F 241 -20.35 -19.43 -5.99
CA MET F 241 -19.35 -20.18 -6.73
C MET F 241 -19.53 -19.96 -8.23
N ILE F 242 -20.77 -19.82 -8.68
CA ILE F 242 -21.00 -19.59 -10.10
C ILE F 242 -20.61 -18.17 -10.49
N GLN F 243 -20.81 -17.23 -9.58
CA GLN F 243 -20.39 -15.87 -9.82
C GLN F 243 -18.88 -15.88 -9.92
N GLU F 244 -18.23 -16.47 -8.92
CA GLU F 244 -16.77 -16.54 -8.91
C GLU F 244 -16.26 -17.18 -10.20
N LEU F 245 -17.08 -18.04 -10.80
CA LEU F 245 -16.66 -18.76 -12.00
C LEU F 245 -16.66 -17.85 -13.20
N THR F 246 -17.83 -17.29 -13.50
CA THR F 246 -17.93 -16.34 -14.63
C THR F 246 -16.85 -15.26 -14.50
N SER F 247 -16.51 -14.92 -13.27
CA SER F 247 -15.44 -13.97 -12.98
C SER F 247 -14.08 -14.51 -13.41
N TYR F 248 -13.84 -15.80 -13.14
CA TYR F 248 -12.61 -16.47 -13.58
C TYR F 248 -12.68 -16.80 -15.08
N GLU F 249 -13.84 -16.53 -15.68
CA GLU F 249 -14.07 -16.74 -17.11
C GLU F 249 -14.08 -18.21 -17.49
N ILE F 250 -14.38 -19.08 -16.53
CA ILE F 250 -14.48 -20.51 -16.81
C ILE F 250 -15.92 -20.90 -17.15
N ASP F 251 -16.11 -21.67 -18.22
CA ASP F 251 -17.46 -21.99 -18.64
C ASP F 251 -18.15 -22.95 -17.68
N THR F 252 -19.47 -22.79 -17.54
CA THR F 252 -20.23 -23.75 -16.76
C THR F 252 -21.70 -23.82 -17.21
N HIS F 253 -22.17 -25.04 -17.44
CA HIS F 253 -23.54 -25.23 -17.91
C HIS F 253 -24.16 -26.54 -17.45
N ASN F 254 -23.63 -27.10 -16.35
CA ASN F 254 -24.27 -28.24 -15.71
C ASN F 254 -24.29 -28.12 -14.21
N ILE F 255 -25.35 -28.66 -13.60
CA ILE F 255 -25.49 -28.60 -12.17
C ILE F 255 -26.35 -29.75 -11.69
N VAL F 256 -25.74 -30.66 -10.94
CA VAL F 256 -26.47 -31.83 -10.44
C VAL F 256 -26.86 -31.67 -8.97
N VAL F 257 -28.12 -31.96 -8.67
CA VAL F 257 -28.60 -31.79 -7.32
C VAL F 257 -28.86 -33.15 -6.69
N ASN F 258 -28.13 -33.44 -5.62
CA ASN F 258 -28.15 -34.78 -5.04
C ASN F 258 -29.05 -34.96 -3.83
N GLN F 259 -28.99 -36.18 -3.31
CA GLN F 259 -29.77 -36.61 -2.14
C GLN F 259 -31.13 -35.91 -1.96
N LEU F 260 -31.80 -35.57 -3.07
CA LEU F 260 -33.18 -35.13 -2.94
C LEU F 260 -34.11 -36.33 -3.09
N LEU F 261 -35.17 -36.36 -2.30
CA LEU F 261 -36.06 -37.51 -2.33
C LEU F 261 -37.34 -37.20 -3.09
N LEU F 262 -37.54 -37.92 -4.20
CA LEU F 262 -38.65 -37.65 -5.08
C LEU F 262 -39.55 -38.87 -5.32
N ASP F 263 -40.24 -39.28 -4.26
CA ASP F 263 -41.38 -40.18 -4.35
C ASP F 263 -42.62 -39.34 -4.05
N PRO F 264 -43.35 -38.95 -5.11
CA PRO F 264 -44.43 -37.95 -5.07
C PRO F 264 -45.38 -38.18 -3.91
N ASN F 265 -45.76 -39.44 -3.72
CA ASN F 265 -46.68 -39.82 -2.64
C ASN F 265 -45.94 -40.63 -1.59
N THR F 266 -45.32 -39.92 -0.65
CA THR F 266 -44.60 -40.56 0.44
C THR F 266 -45.41 -40.42 1.74
N THR F 267 -45.28 -41.41 2.62
CA THR F 267 -46.14 -41.51 3.80
C THR F 267 -45.47 -41.06 5.09
N CYS F 268 -44.14 -41.10 5.12
CA CYS F 268 -43.37 -40.63 6.28
C CYS F 268 -43.58 -39.13 6.49
N PRO F 269 -44.06 -38.74 7.69
CA PRO F 269 -44.37 -37.32 7.96
C PRO F 269 -43.14 -36.43 7.85
N GLN F 270 -41.98 -36.98 8.25
CA GLN F 270 -40.71 -36.28 8.18
C GLN F 270 -40.27 -36.10 6.73
N CYS F 271 -40.14 -37.23 6.02
CA CYS F 271 -39.77 -37.21 4.61
C CYS F 271 -40.66 -36.30 3.78
N MET F 272 -41.91 -36.13 4.22
CA MET F 272 -42.84 -35.23 3.56
C MET F 272 -42.42 -33.79 3.78
N ALA F 273 -42.04 -33.48 5.01
CA ALA F 273 -41.55 -32.15 5.37
C ALA F 273 -40.30 -31.82 4.54
N ARG F 274 -39.29 -32.70 4.64
CA ARG F 274 -38.08 -32.63 3.82
C ARG F 274 -38.42 -32.34 2.37
N ARG F 275 -39.18 -33.24 1.77
CA ARG F 275 -39.56 -33.10 0.37
C ARG F 275 -40.21 -31.74 0.06
N LYS F 276 -41.01 -31.22 1.00
CA LYS F 276 -41.66 -29.93 0.80
C LYS F 276 -40.59 -28.85 0.61
N MET F 277 -39.74 -28.70 1.63
CA MET F 277 -38.62 -27.76 1.59
C MET F 277 -37.80 -27.95 0.33
N GLN F 278 -37.35 -29.18 0.10
CA GLN F 278 -36.55 -29.45 -1.06
C GLN F 278 -37.21 -28.93 -2.32
N GLN F 279 -38.49 -29.26 -2.49
CA GLN F 279 -39.18 -28.97 -3.74
C GLN F 279 -39.31 -27.47 -4.05
N LYS F 280 -39.30 -26.64 -3.01
CA LYS F 280 -39.41 -25.19 -3.21
C LYS F 280 -38.06 -24.58 -3.59
N TYR F 281 -36.97 -25.20 -3.13
CA TYR F 281 -35.64 -24.74 -3.50
C TYR F 281 -35.28 -25.28 -4.89
N LEU F 282 -35.69 -26.51 -5.18
CA LEU F 282 -35.53 -27.07 -6.51
C LEU F 282 -36.27 -26.23 -7.55
N ALA F 283 -37.36 -25.61 -7.10
CA ALA F 283 -38.12 -24.70 -7.95
C ALA F 283 -37.30 -23.43 -8.25
N GLN F 284 -36.65 -22.90 -7.21
CA GLN F 284 -35.81 -21.72 -7.38
C GLN F 284 -34.69 -22.02 -8.35
N ILE F 285 -34.02 -23.15 -8.16
CA ILE F 285 -32.92 -23.54 -9.03
C ILE F 285 -33.37 -23.61 -10.48
N GLU F 286 -34.45 -24.36 -10.71
CA GLU F 286 -34.94 -24.55 -12.08
C GLU F 286 -35.12 -23.23 -12.79
N GLU F 287 -35.48 -22.21 -12.03
CA GLU F 287 -35.78 -20.89 -12.56
C GLU F 287 -34.52 -20.04 -12.80
N LEU F 288 -33.64 -19.96 -11.81
CA LEU F 288 -32.39 -19.20 -11.94
C LEU F 288 -31.47 -19.70 -13.04
N TYR F 289 -31.57 -20.99 -13.36
CA TYR F 289 -30.65 -21.61 -14.32
C TYR F 289 -31.38 -22.27 -15.49
N GLU F 290 -32.00 -21.44 -16.32
CA GLU F 290 -32.62 -21.90 -17.56
C GLU F 290 -31.53 -22.37 -18.52
N ASP F 291 -30.35 -21.77 -18.38
CA ASP F 291 -29.22 -21.99 -19.29
C ASP F 291 -28.28 -23.11 -18.83
N PHE F 292 -28.72 -23.89 -17.84
CA PHE F 292 -27.93 -24.97 -17.26
C PHE F 292 -28.71 -26.27 -17.39
N HIS F 293 -28.03 -27.34 -17.77
CA HIS F 293 -28.62 -28.67 -17.63
C HIS F 293 -28.71 -28.97 -16.15
N VAL F 294 -29.91 -28.91 -15.59
CA VAL F 294 -30.05 -29.24 -14.17
C VAL F 294 -30.55 -30.67 -14.00
N VAL F 295 -29.66 -31.54 -13.54
CA VAL F 295 -29.93 -32.97 -13.41
C VAL F 295 -30.28 -33.36 -11.98
N LYS F 296 -31.40 -34.04 -11.80
CA LYS F 296 -31.87 -34.38 -10.46
C LYS F 296 -31.67 -35.86 -10.18
N VAL F 297 -31.04 -36.14 -9.04
CA VAL F 297 -30.75 -37.52 -8.62
C VAL F 297 -31.13 -37.76 -7.17
N PRO F 298 -31.64 -38.97 -6.87
CA PRO F 298 -32.28 -39.29 -5.59
C PRO F 298 -31.31 -39.56 -4.45
N GLN F 299 -31.86 -39.61 -3.24
CA GLN F 299 -31.12 -40.00 -2.07
C GLN F 299 -31.08 -41.51 -2.02
N VAL F 300 -29.88 -42.08 -2.07
CA VAL F 300 -29.73 -43.54 -1.92
C VAL F 300 -29.61 -43.90 -0.44
N PRO F 301 -30.41 -44.87 0.01
CA PRO F 301 -30.42 -45.31 1.41
C PRO F 301 -29.08 -45.88 1.88
N ALA F 302 -28.42 -46.66 1.02
CA ALA F 302 -27.11 -47.19 1.33
C ALA F 302 -26.03 -46.25 0.81
N GLU F 303 -24.88 -46.21 1.47
CA GLU F 303 -23.74 -45.43 0.98
C GLU F 303 -23.23 -46.07 -0.30
N VAL F 304 -22.95 -45.25 -1.31
CA VAL F 304 -22.48 -45.75 -2.60
C VAL F 304 -21.01 -46.15 -2.55
N ARG F 305 -20.77 -47.45 -2.65
CA ARG F 305 -19.43 -47.99 -2.51
C ARG F 305 -19.27 -49.25 -3.36
N GLY F 306 -18.09 -49.40 -3.95
CA GLY F 306 -17.80 -50.54 -4.82
C GLY F 306 -17.99 -50.23 -6.28
N THR F 307 -17.19 -50.86 -7.13
CA THR F 307 -17.21 -50.56 -8.56
C THR F 307 -18.49 -51.05 -9.28
N GLU F 308 -19.39 -51.67 -8.52
CA GLU F 308 -20.67 -52.14 -9.08
C GLU F 308 -21.84 -51.25 -8.67
N ALA F 309 -21.80 -50.79 -7.42
CA ALA F 309 -22.77 -49.81 -6.93
C ALA F 309 -22.58 -48.48 -7.67
N LEU F 310 -21.33 -48.14 -7.95
CA LEU F 310 -21.00 -46.92 -8.69
C LEU F 310 -21.50 -46.98 -10.14
N LYS F 311 -21.21 -48.07 -10.83
CA LYS F 311 -21.67 -48.23 -12.21
C LYS F 311 -23.18 -47.99 -12.28
N SER F 312 -23.92 -48.65 -11.39
CA SER F 312 -25.38 -48.57 -11.40
C SER F 312 -25.89 -47.19 -11.05
N PHE F 313 -25.15 -46.48 -10.20
CA PHE F 313 -25.51 -45.12 -9.81
C PHE F 313 -25.31 -44.13 -10.96
N SER F 314 -24.16 -44.26 -11.64
CA SER F 314 -23.79 -43.34 -12.73
C SER F 314 -24.92 -43.26 -13.75
N GLU F 315 -25.80 -44.25 -13.68
CA GLU F 315 -26.93 -44.34 -14.58
C GLU F 315 -27.75 -43.04 -14.56
N MET F 316 -28.00 -42.52 -13.37
CA MET F 316 -28.97 -41.45 -13.19
C MET F 316 -28.42 -40.11 -13.63
N LEU F 317 -27.13 -40.11 -13.99
CA LEU F 317 -26.49 -38.91 -14.49
C LEU F 317 -26.71 -38.76 -15.99
N VAL F 318 -27.01 -39.87 -16.65
CA VAL F 318 -27.21 -39.83 -18.10
C VAL F 318 -28.66 -40.19 -18.50
N LYS F 319 -29.43 -40.69 -17.53
CA LYS F 319 -30.84 -41.03 -17.75
C LYS F 319 -31.74 -40.54 -16.63
N PRO F 320 -32.51 -39.46 -16.90
CA PRO F 320 -33.39 -38.86 -15.89
C PRO F 320 -34.08 -39.96 -15.07
N TYR F 321 -34.15 -39.79 -13.76
CA TYR F 321 -34.70 -40.81 -12.87
C TYR F 321 -36.14 -40.54 -12.49
N VAL F 322 -36.98 -41.57 -12.53
CA VAL F 322 -38.36 -41.49 -12.03
C VAL F 322 -38.75 -42.75 -11.25
ZN ZN G . 25.03 13.32 -48.53
ZN ZN H . 14.91 28.34 44.28
ZN ZN I . -38.59 -40.17 6.72
#